data_7KD9
#
_entry.id   7KD9
#
_cell.length_a   91.632
_cell.length_b   265.301
_cell.length_c   93.728
_cell.angle_alpha   90.000
_cell.angle_beta   90.000
_cell.angle_gamma   90.000
#
_symmetry.space_group_name_H-M   'P 21 21 2'
#
loop_
_entity.id
_entity.type
_entity.pdbx_description
1 polymer 'Gallate decarboxylase'
2 non-polymer 'POTASSIUM ION'
3 water water
#
_entity_poly.entity_id   1
_entity_poly.type   'polypeptide(L)'
_entity_poly.pdbx_seq_one_letter_code
;MTTSYEPWPQLYSHLNGTNEEVLDRMKVAELCKGWSVYRDASEWANFKEMFTPDANIWTTWSGAQTIDSFIQISKDGKDK
GAFIMHRECGTLVDLNPKTQRAIGKMKTTITQRFEYEGVPFDIDCDNYFIFFCLKDSNGDWKARWYKVFYVKDKFVPVGV
PTAENMEKLAKLFSKENLEQYPWGYQYLAVAQANLGYPIDKKLPTWKNELYHTMYDAMKEWMEGKEIDLHW
;
_entity_poly.pdbx_strand_id   A,B,C,D,E,F,G,H,I
#
loop_
_chem_comp.id
_chem_comp.type
_chem_comp.name
_chem_comp.formula
K non-polymer 'POTASSIUM ION' 'K 1'
#
# COMPACT_ATOMS: atom_id res chain seq x y z
N MET A 1 6.67 14.20 15.22
CA MET A 1 7.23 15.55 15.26
C MET A 1 6.50 16.46 14.28
N THR A 2 6.32 17.72 14.64
CA THR A 2 5.46 18.62 13.88
C THR A 2 6.05 20.02 13.84
N THR A 3 6.05 20.63 12.66
CA THR A 3 6.38 22.05 12.52
C THR A 3 5.15 22.84 12.10
N SER A 4 5.19 24.14 12.41
CA SER A 4 4.14 25.02 11.93
C SER A 4 4.23 25.22 10.41
N TYR A 5 5.44 25.09 9.84
CA TYR A 5 5.63 25.27 8.40
C TYR A 5 4.71 24.36 7.60
N GLU A 6 4.65 23.08 8.00
CA GLU A 6 3.78 22.09 7.33
C GLU A 6 3.50 21.02 8.36
N PRO A 7 2.41 21.17 9.12
CA PRO A 7 2.13 20.20 10.18
C PRO A 7 1.67 18.84 9.67
N TRP A 8 1.30 18.72 8.39
CA TRP A 8 0.68 17.49 7.88
C TRP A 8 1.31 17.13 6.54
N PRO A 9 2.64 16.78 6.52
CA PRO A 9 3.35 16.56 5.24
C PRO A 9 3.06 15.21 4.61
N GLN A 10 2.64 14.22 5.39
CA GLN A 10 2.26 12.92 4.85
C GLN A 10 0.76 12.92 4.56
N LEU A 11 0.39 12.69 3.31
CA LEU A 11 -1.01 12.68 2.88
C LEU A 11 -1.64 11.30 3.05
N TYR A 12 -2.89 11.28 3.46
CA TYR A 12 -3.67 10.06 3.51
C TYR A 12 -4.85 10.20 2.55
N SER A 13 -5.81 9.29 2.67
CA SER A 13 -7.04 9.40 1.89
C SER A 13 -7.89 10.53 2.46
N HIS A 14 -8.03 11.63 1.72
CA HIS A 14 -8.79 12.76 2.23
C HIS A 14 -9.65 13.43 1.18
N LEU A 15 -9.46 13.15 -0.11
CA LEU A 15 -10.29 13.63 -1.21
C LEU A 15 -10.34 12.52 -2.26
N ASN A 16 -11.39 12.52 -3.09
CA ASN A 16 -11.52 11.54 -4.19
C ASN A 16 -11.37 10.12 -3.61
N GLY A 17 -10.60 9.22 -4.25
CA GLY A 17 -10.47 7.84 -3.80
C GLY A 17 -11.55 6.90 -4.33
N THR A 18 -11.52 5.67 -3.81
CA THR A 18 -12.53 4.70 -4.21
C THR A 18 -13.89 5.06 -3.59
N ASN A 19 -14.97 4.52 -4.17
CA ASN A 19 -16.29 4.74 -3.60
C ASN A 19 -16.32 4.33 -2.13
N GLU A 20 -15.60 3.26 -1.77
CA GLU A 20 -15.61 2.79 -0.38
C GLU A 20 -14.91 3.77 0.54
N GLU A 21 -13.79 4.36 0.08
CA GLU A 21 -13.13 5.41 0.86
C GLU A 21 -14.04 6.65 1.02
N VAL A 22 -14.71 7.08 -0.05
CA VAL A 22 -15.62 8.23 0.06
C VAL A 22 -16.69 7.96 1.11
N LEU A 23 -17.31 6.78 1.05
CA LEU A 23 -18.33 6.44 2.05
C LEU A 23 -17.77 6.39 3.47
N ASP A 24 -16.55 5.87 3.64
CA ASP A 24 -15.98 5.87 4.99
C ASP A 24 -15.74 7.30 5.49
N ARG A 25 -15.24 8.19 4.61
CA ARG A 25 -15.05 9.59 5.02
C ARG A 25 -16.39 10.27 5.34
N MET A 26 -17.43 9.99 4.55
CA MET A 26 -18.77 10.50 4.84
C MET A 26 -19.26 10.06 6.22
N LYS A 27 -19.04 8.77 6.55
CA LYS A 27 -19.54 8.27 7.83
C LYS A 27 -18.77 8.86 9.01
N VAL A 28 -17.46 9.07 8.85
CA VAL A 28 -16.69 9.66 9.94
C VAL A 28 -17.10 11.13 10.11
N ALA A 29 -17.29 11.84 9.01
CA ALA A 29 -17.72 13.24 9.08
C ALA A 29 -19.06 13.37 9.80
N GLU A 30 -20.02 12.49 9.50
CA GLU A 30 -21.31 12.51 10.21
C GLU A 30 -21.11 12.31 11.71
N LEU A 31 -20.27 11.33 12.06
CA LEU A 31 -20.00 11.06 13.47
C LEU A 31 -19.54 12.32 14.18
N CYS A 32 -18.56 13.02 13.61
CA CYS A 32 -18.06 14.25 14.25
C CYS A 32 -19.19 15.25 14.44
N LYS A 33 -19.99 15.48 13.39
CA LYS A 33 -21.07 16.47 13.49
C LYS A 33 -22.07 16.13 14.57
N GLY A 34 -22.11 14.85 14.97
CA GLY A 34 -22.95 14.45 16.10
C GLY A 34 -22.76 15.26 17.35
N TRP A 35 -21.52 15.70 17.62
CA TRP A 35 -21.28 16.57 18.76
C TRP A 35 -22.17 17.81 18.70
N SER A 36 -22.10 18.55 17.59
CA SER A 36 -22.87 19.79 17.51
C SER A 36 -24.37 19.52 17.47
N VAL A 37 -24.82 18.49 16.74
CA VAL A 37 -26.26 18.29 16.63
C VAL A 37 -26.84 17.67 17.89
N TYR A 38 -26.19 16.63 18.42
CA TYR A 38 -26.76 15.86 19.52
C TYR A 38 -26.43 16.45 20.89
N ARG A 39 -25.20 16.90 21.13
CA ARG A 39 -24.90 17.39 22.47
C ARG A 39 -25.70 18.66 22.77
N ASP A 40 -25.79 19.57 21.81
CA ASP A 40 -26.52 20.80 22.03
C ASP A 40 -27.97 20.54 22.37
N ALA A 41 -28.53 19.51 21.77
CA ALA A 41 -29.96 19.19 21.90
C ALA A 41 -30.22 18.17 22.98
N SER A 42 -29.19 17.78 23.75
CA SER A 42 -29.31 16.76 24.79
C SER A 42 -29.91 15.45 24.26
N GLU A 43 -29.56 15.09 23.02
CA GLU A 43 -29.99 13.82 22.43
C GLU A 43 -28.94 12.77 22.81
N TRP A 44 -29.00 12.33 24.08
CA TRP A 44 -27.86 11.63 24.66
C TRP A 44 -27.67 10.22 24.10
N ALA A 45 -28.73 9.54 23.70
CA ALA A 45 -28.55 8.21 23.10
C ALA A 45 -27.80 8.32 21.76
N ASN A 46 -28.27 9.21 20.89
CA ASN A 46 -27.57 9.49 19.64
C ASN A 46 -26.12 9.87 19.89
N PHE A 47 -25.90 10.80 20.83
CA PHE A 47 -24.54 11.22 21.20
C PHE A 47 -23.66 10.03 21.54
N LYS A 48 -24.13 9.18 22.46
CA LYS A 48 -23.29 8.08 22.92
C LYS A 48 -22.96 7.10 21.81
N GLU A 49 -23.84 6.95 20.81
CA GLU A 49 -23.51 6.10 19.68
C GLU A 49 -22.26 6.56 18.90
N MET A 50 -21.83 7.81 19.07
CA MET A 50 -20.62 8.31 18.39
C MET A 50 -19.33 7.66 18.87
N PHE A 51 -19.31 7.15 20.10
CA PHE A 51 -18.06 6.84 20.79
C PHE A 51 -17.91 5.35 21.06
N THR A 52 -16.65 4.91 21.18
CA THR A 52 -16.38 3.57 21.74
C THR A 52 -16.88 3.51 23.17
N PRO A 53 -17.18 2.32 23.70
CA PRO A 53 -17.63 2.22 25.10
C PRO A 53 -16.66 2.85 26.09
N ASP A 54 -15.36 2.91 25.77
CA ASP A 54 -14.35 3.40 26.71
C ASP A 54 -13.78 4.76 26.32
N ALA A 55 -14.49 5.56 25.53
CA ALA A 55 -13.92 6.77 24.93
C ALA A 55 -13.54 7.81 25.98
N ASN A 56 -12.48 8.57 25.67
CA ASN A 56 -11.97 9.64 26.55
C ASN A 56 -12.09 11.00 25.87
N ILE A 57 -12.59 11.98 26.64
CA ILE A 57 -12.97 13.31 26.19
C ILE A 57 -12.24 14.33 27.04
N TRP A 58 -11.88 15.47 26.44
CA TRP A 58 -11.35 16.61 27.17
C TRP A 58 -12.17 17.85 26.86
N THR A 59 -12.57 18.60 27.88
CA THR A 59 -13.04 19.96 27.64
C THR A 59 -12.36 20.90 28.62
N THR A 60 -12.50 22.22 28.36
CA THR A 60 -11.93 23.20 29.26
C THR A 60 -12.48 23.04 30.67
N TRP A 61 -13.81 22.93 30.79
CA TRP A 61 -14.49 22.97 32.09
C TRP A 61 -14.59 21.60 32.75
N SER A 62 -14.51 20.52 31.98
CA SER A 62 -14.55 19.18 32.55
C SER A 62 -13.17 18.58 32.76
N GLY A 63 -12.14 19.13 32.12
CA GLY A 63 -10.93 18.36 32.12
C GLY A 63 -11.14 17.05 31.37
N ALA A 64 -10.37 16.04 31.79
CA ALA A 64 -10.43 14.71 31.20
C ALA A 64 -11.59 13.91 31.77
N GLN A 65 -12.24 13.12 30.91
CA GLN A 65 -13.42 12.35 31.29
C GLN A 65 -13.49 11.10 30.41
N THR A 66 -14.26 10.13 30.88
CA THR A 66 -14.78 9.06 30.04
C THR A 66 -16.05 9.53 29.34
N ILE A 67 -16.49 8.79 28.32
CA ILE A 67 -17.75 9.13 27.68
C ILE A 67 -18.90 9.07 28.67
N ASP A 68 -18.90 8.07 29.57
CA ASP A 68 -19.97 7.98 30.56
C ASP A 68 -19.92 9.13 31.56
N SER A 69 -18.73 9.37 32.14
CA SER A 69 -18.60 10.46 33.10
C SER A 69 -18.89 11.80 32.44
N PHE A 70 -18.49 11.97 31.17
CA PHE A 70 -18.79 13.20 30.44
C PHE A 70 -20.27 13.37 30.21
N ILE A 71 -20.97 12.31 29.82
CA ILE A 71 -22.43 12.39 29.69
C ILE A 71 -23.06 12.82 31.02
N GLN A 72 -22.61 12.22 32.12
CA GLN A 72 -23.23 12.51 33.41
C GLN A 72 -23.00 13.96 33.83
N ILE A 73 -21.75 14.42 33.76
CA ILE A 73 -21.45 15.80 34.16
C ILE A 73 -22.05 16.81 33.20
N SER A 74 -22.27 16.43 31.93
CA SER A 74 -22.98 17.32 31.00
C SER A 74 -24.45 17.47 31.42
N LYS A 75 -25.17 16.36 31.56
CA LYS A 75 -26.58 16.49 31.95
C LYS A 75 -26.72 17.24 33.26
N ASP A 76 -25.77 17.09 34.19
CA ASP A 76 -25.83 17.87 35.42
C ASP A 76 -25.49 19.35 35.18
N GLY A 77 -24.70 19.65 34.15
CA GLY A 77 -24.34 21.04 33.91
C GLY A 77 -25.51 21.93 33.52
N LYS A 78 -26.51 21.37 32.83
CA LYS A 78 -27.63 22.19 32.41
C LYS A 78 -28.54 22.62 33.56
N ASP A 79 -28.40 22.02 34.75
CA ASP A 79 -29.03 22.56 35.95
C ASP A 79 -28.13 23.56 36.68
N LYS A 80 -26.81 23.44 36.53
CA LYS A 80 -25.87 24.45 37.00
C LYS A 80 -25.81 25.66 36.05
N GLY A 81 -26.70 25.72 35.07
CA GLY A 81 -26.80 26.86 34.19
C GLY A 81 -25.87 26.84 33.00
N ALA A 82 -25.20 25.73 32.73
CA ALA A 82 -24.33 25.67 31.56
C ALA A 82 -25.18 25.62 30.29
N PHE A 83 -24.97 26.59 29.41
CA PHE A 83 -25.69 26.70 28.12
C PHE A 83 -24.65 26.84 26.99
N ILE A 84 -24.11 25.71 26.54
CA ILE A 84 -23.10 25.68 25.49
C ILE A 84 -23.75 25.18 24.21
N MET A 85 -23.46 25.86 23.10
CA MET A 85 -23.81 25.39 21.77
C MET A 85 -22.57 25.35 20.89
N HIS A 86 -22.67 24.66 19.76
CA HIS A 86 -21.54 24.49 18.85
C HIS A 86 -21.98 24.75 17.43
N ARG A 87 -21.38 25.74 16.77
CA ARG A 87 -21.62 25.94 15.34
C ARG A 87 -20.55 25.17 14.56
N GLU A 88 -20.96 24.09 13.87
CA GLU A 88 -20.03 23.36 13.00
C GLU A 88 -19.72 24.19 11.75
N CYS A 89 -18.45 24.30 11.38
CA CYS A 89 -18.15 25.20 10.27
C CYS A 89 -16.97 24.69 9.44
N GLY A 90 -16.98 23.39 9.14
CA GLY A 90 -16.04 22.84 8.17
C GLY A 90 -15.47 21.54 8.70
N THR A 91 -15.88 20.40 8.13
CA THR A 91 -15.45 19.09 8.61
C THR A 91 -14.91 18.25 7.46
N LEU A 92 -13.69 17.74 7.63
CA LEU A 92 -13.10 16.82 6.67
C LEU A 92 -12.42 15.69 7.44
N VAL A 93 -12.01 14.65 6.71
CA VAL A 93 -11.52 13.41 7.30
C VAL A 93 -10.19 13.02 6.65
N ASP A 94 -9.23 12.62 7.48
CA ASP A 94 -8.04 11.91 7.01
C ASP A 94 -8.22 10.43 7.31
N LEU A 95 -8.14 9.59 6.29
CA LEU A 95 -8.43 8.17 6.40
C LEU A 95 -7.20 7.33 6.01
N ASN A 96 -6.85 6.34 6.83
CA ASN A 96 -5.81 5.37 6.51
C ASN A 96 -6.45 3.99 6.40
N PRO A 97 -6.80 3.55 5.19
CA PRO A 97 -7.47 2.26 5.02
C PRO A 97 -6.61 1.06 5.37
N LYS A 98 -5.29 1.24 5.47
CA LYS A 98 -4.42 0.12 5.80
C LYS A 98 -4.44 -0.18 7.29
N THR A 99 -4.69 0.82 8.11
CA THR A 99 -4.88 0.64 9.55
C THR A 99 -6.34 0.80 9.95
N GLN A 100 -7.22 1.08 8.99
CA GLN A 100 -8.61 1.47 9.24
C GLN A 100 -8.70 2.45 10.40
N ARG A 101 -7.91 3.52 10.28
CA ARG A 101 -7.91 4.58 11.27
C ARG A 101 -8.33 5.86 10.57
N ALA A 102 -8.98 6.76 11.30
CA ALA A 102 -9.36 8.03 10.70
C ALA A 102 -9.24 9.16 11.72
N ILE A 103 -8.97 10.36 11.23
CA ILE A 103 -8.97 11.57 12.03
C ILE A 103 -10.03 12.49 11.44
N GLY A 104 -11.03 12.83 12.26
CA GLY A 104 -12.00 13.81 11.83
C GLY A 104 -11.57 15.18 12.30
N LYS A 105 -11.38 16.12 11.38
CA LYS A 105 -11.09 17.50 11.72
C LYS A 105 -12.37 18.31 11.52
N MET A 106 -12.98 18.73 12.62
CA MET A 106 -14.25 19.47 12.63
C MET A 106 -14.03 20.87 13.18
N LYS A 107 -14.04 21.87 12.31
CA LYS A 107 -14.00 23.23 12.80
C LYS A 107 -15.33 23.56 13.47
N THR A 108 -15.26 24.26 14.60
CA THR A 108 -16.50 24.76 15.20
C THR A 108 -16.24 26.09 15.86
N THR A 109 -17.34 26.76 16.18
CA THR A 109 -17.37 27.83 17.15
C THR A 109 -18.08 27.30 18.38
N ILE A 110 -17.38 27.30 19.52
CA ILE A 110 -18.06 27.14 20.80
C ILE A 110 -18.74 28.48 21.12
N THR A 111 -20.03 28.44 21.41
CA THR A 111 -20.73 29.67 21.76
C THR A 111 -21.47 29.38 23.07
N GLN A 112 -20.98 29.95 24.16
CA GLN A 112 -21.59 29.72 25.46
C GLN A 112 -22.23 31.00 25.98
N ARG A 113 -23.46 30.86 26.48
CA ARG A 113 -24.25 31.96 27.00
C ARG A 113 -24.07 32.04 28.51
N PHE A 114 -23.63 33.20 28.99
CA PHE A 114 -23.34 33.50 30.38
C PHE A 114 -24.16 34.70 30.84
N GLU A 115 -24.20 34.87 32.16
CA GLU A 115 -24.73 36.08 32.78
C GLU A 115 -23.72 36.60 33.80
N TYR A 116 -23.51 37.91 33.78
CA TYR A 116 -22.68 38.58 34.78
C TYR A 116 -23.39 39.82 35.28
N GLU A 117 -23.74 39.84 36.56
CA GLU A 117 -24.42 40.98 37.18
C GLU A 117 -25.64 41.39 36.36
N GLY A 118 -26.46 40.40 36.01
CA GLY A 118 -27.66 40.64 35.24
C GLY A 118 -27.45 40.89 33.76
N VAL A 119 -26.20 40.97 33.30
CA VAL A 119 -25.85 41.27 31.93
C VAL A 119 -25.64 39.96 31.19
N PRO A 120 -26.46 39.62 30.21
CA PRO A 120 -26.18 38.42 29.40
C PRO A 120 -25.12 38.70 28.35
N PHE A 121 -24.31 37.67 28.08
CA PHE A 121 -23.28 37.77 27.03
C PHE A 121 -22.87 36.38 26.58
N ASP A 122 -22.36 36.29 25.35
CA ASP A 122 -21.79 35.06 24.80
C ASP A 122 -20.27 35.16 24.83
N ILE A 123 -19.61 34.02 24.99
CA ILE A 123 -18.22 33.88 24.55
C ILE A 123 -18.21 32.96 23.34
N ASP A 124 -17.51 33.38 22.28
CA ASP A 124 -17.39 32.60 21.06
C ASP A 124 -15.93 32.27 20.84
N CYS A 125 -15.63 30.98 20.68
CA CYS A 125 -14.29 30.43 20.58
C CYS A 125 -14.21 29.61 19.31
N ASP A 126 -13.44 30.06 18.32
CA ASP A 126 -13.20 29.25 17.14
C ASP A 126 -12.10 28.25 17.41
N ASN A 127 -12.31 27.03 16.89
CA ASN A 127 -11.50 25.89 17.30
C ASN A 127 -11.54 24.78 16.24
N TYR A 128 -10.72 23.75 16.45
CA TYR A 128 -10.78 22.49 15.73
C TYR A 128 -11.06 21.39 16.75
N PHE A 129 -12.19 20.70 16.59
CA PHE A 129 -12.49 19.45 17.28
C PHE A 129 -11.79 18.33 16.53
N ILE A 130 -11.00 17.51 17.21
CA ILE A 130 -10.31 16.38 16.60
C ILE A 130 -10.89 15.07 17.14
N PHE A 131 -11.43 14.24 16.25
CA PHE A 131 -11.98 12.95 16.64
C PHE A 131 -11.04 11.85 16.13
N PHE A 132 -10.56 11.02 17.05
CA PHE A 132 -9.69 9.89 16.71
C PHE A 132 -10.58 8.66 16.55
N CYS A 133 -10.82 8.26 15.31
CA CYS A 133 -11.80 7.24 14.98
C CYS A 133 -11.13 5.94 14.57
N LEU A 134 -11.84 4.84 14.87
CA LEU A 134 -11.47 3.50 14.45
C LEU A 134 -12.75 2.73 14.08
N LYS A 135 -12.57 1.56 13.50
CA LYS A 135 -13.69 0.67 13.18
C LYS A 135 -13.78 -0.40 14.26
N ASP A 136 -14.98 -0.57 14.83
CA ASP A 136 -15.16 -1.58 15.86
C ASP A 136 -15.44 -2.93 15.23
N SER A 137 -15.70 -3.94 16.08
CA SER A 137 -15.87 -5.29 15.60
C SER A 137 -17.09 -5.47 14.70
N ASN A 138 -18.06 -4.57 14.76
CA ASN A 138 -19.16 -4.61 13.81
C ASN A 138 -18.86 -3.85 12.51
N GLY A 139 -17.64 -3.33 12.36
CA GLY A 139 -17.35 -2.48 11.23
C GLY A 139 -17.86 -1.05 11.33
N ASP A 140 -18.36 -0.63 12.48
CA ASP A 140 -18.85 0.73 12.67
C ASP A 140 -17.74 1.67 13.10
N TRP A 141 -17.72 2.85 12.49
CA TRP A 141 -16.79 3.90 12.93
C TRP A 141 -17.21 4.46 14.27
N LYS A 142 -16.22 4.63 15.14
CA LYS A 142 -16.40 5.09 16.50
C LYS A 142 -15.24 5.97 16.88
N ALA A 143 -15.53 6.99 17.69
CA ALA A 143 -14.49 7.86 18.22
C ALA A 143 -13.95 7.31 19.53
N ARG A 144 -12.66 6.98 19.55
CA ARG A 144 -12.00 6.49 20.75
C ARG A 144 -11.51 7.62 21.62
N TRP A 145 -11.09 8.72 20.99
CA TRP A 145 -10.58 9.90 21.68
C TRP A 145 -11.13 11.16 21.02
N TYR A 146 -11.22 12.22 21.82
CA TYR A 146 -11.65 13.55 21.38
C TYR A 146 -10.85 14.61 22.13
N LYS A 147 -10.33 15.60 21.40
CA LYS A 147 -9.63 16.72 22.01
C LYS A 147 -9.64 17.88 21.03
N VAL A 148 -9.42 19.10 21.54
CA VAL A 148 -9.70 20.32 20.80
C VAL A 148 -8.45 21.19 20.73
N PHE A 149 -8.21 21.80 19.55
CA PHE A 149 -7.33 22.95 19.40
C PHE A 149 -8.17 24.20 19.61
N TYR A 150 -7.87 25.01 20.63
CA TYR A 150 -8.58 26.27 20.86
C TYR A 150 -7.78 27.37 20.18
N VAL A 151 -8.37 27.99 19.14
CA VAL A 151 -7.61 28.87 18.25
C VAL A 151 -7.76 30.33 18.65
N LYS A 152 -8.99 30.84 18.67
CA LYS A 152 -9.15 32.25 19.03
C LYS A 152 -10.51 32.48 19.67
N ASP A 153 -10.62 33.62 20.37
CA ASP A 153 -11.60 33.86 21.42
C ASP A 153 -12.18 35.26 21.31
N LYS A 154 -13.45 35.43 21.68
CA LYS A 154 -13.99 36.78 21.71
C LYS A 154 -15.20 36.88 22.63
N PHE A 155 -15.32 38.06 23.24
CA PHE A 155 -16.52 38.48 23.96
C PHE A 155 -17.58 38.92 22.98
N VAL A 156 -18.83 38.54 23.25
CA VAL A 156 -19.95 38.81 22.34
C VAL A 156 -21.09 39.45 23.12
N PRO A 157 -21.40 40.71 22.88
CA PRO A 157 -22.59 41.30 23.52
C PRO A 157 -23.86 40.66 22.97
N VAL A 158 -24.80 40.40 23.87
CA VAL A 158 -26.11 39.89 23.48
C VAL A 158 -27.10 41.02 23.26
N GLY A 159 -27.20 41.96 24.20
CA GLY A 159 -28.00 43.15 24.00
C GLY A 159 -27.20 44.27 23.37
N VAL A 160 -27.89 45.36 23.05
CA VAL A 160 -27.19 46.56 22.60
C VAL A 160 -26.22 46.99 23.70
N PRO A 161 -24.97 47.35 23.37
CA PRO A 161 -24.04 47.78 24.41
C PRO A 161 -24.54 49.01 25.14
N THR A 162 -24.21 49.09 26.43
CA THR A 162 -24.53 50.23 27.28
C THR A 162 -23.30 50.54 28.12
N ALA A 163 -23.11 51.83 28.44
CA ALA A 163 -21.93 52.23 29.21
C ALA A 163 -21.90 51.56 30.57
N GLU A 164 -23.07 51.51 31.23
CA GLU A 164 -23.20 50.76 32.47
C GLU A 164 -22.65 49.34 32.30
N ASN A 165 -23.22 48.60 31.34
CA ASN A 165 -22.79 47.23 31.08
C ASN A 165 -21.33 47.17 30.63
N MET A 166 -20.88 48.15 29.86
CA MET A 166 -19.49 48.17 29.41
C MET A 166 -18.53 48.10 30.59
N GLU A 167 -18.66 49.02 31.53
CA GLU A 167 -17.66 48.97 32.58
C GLU A 167 -17.99 47.98 33.69
N LYS A 168 -19.23 47.49 33.81
CA LYS A 168 -19.41 46.40 34.77
C LYS A 168 -18.92 45.07 34.20
N LEU A 169 -18.82 44.95 32.88
CA LEU A 169 -18.17 43.77 32.33
C LEU A 169 -16.66 43.91 32.32
N ALA A 170 -16.16 45.15 32.20
CA ALA A 170 -14.73 45.40 32.26
C ALA A 170 -14.10 44.85 33.54
N LYS A 171 -14.86 44.74 34.63
CA LYS A 171 -14.29 44.23 35.88
C LYS A 171 -13.95 42.75 35.78
N LEU A 172 -14.74 41.99 35.01
CA LEU A 172 -14.50 40.56 34.89
C LEU A 172 -13.43 40.24 33.84
N PHE A 173 -13.56 40.83 32.65
CA PHE A 173 -12.60 40.57 31.58
C PHE A 173 -11.49 41.62 31.60
N SER A 174 -10.79 41.65 32.73
CA SER A 174 -9.56 42.40 32.88
C SER A 174 -8.39 41.56 32.39
N LYS A 175 -7.36 42.24 31.87
CA LYS A 175 -6.15 41.55 31.42
C LYS A 175 -5.56 40.72 32.55
N GLU A 176 -5.71 41.18 33.79
CA GLU A 176 -5.31 40.42 34.97
C GLU A 176 -5.92 39.02 34.95
N ASN A 177 -7.24 38.93 34.81
CA ASN A 177 -7.91 37.64 34.81
C ASN A 177 -7.74 36.91 33.49
N LEU A 178 -7.62 37.64 32.38
CA LEU A 178 -7.52 36.98 31.08
C LEU A 178 -6.22 36.22 30.94
N GLU A 179 -5.10 36.86 31.33
CA GLU A 179 -3.79 36.28 31.04
C GLU A 179 -3.37 35.18 31.99
N GLN A 180 -4.24 34.73 32.90
CA GLN A 180 -3.95 33.49 33.61
C GLN A 180 -4.04 32.27 32.71
N TYR A 181 -4.63 32.40 31.53
CA TYR A 181 -5.03 31.28 30.68
C TYR A 181 -4.35 31.37 29.32
N PRO A 182 -4.21 30.25 28.61
CA PRO A 182 -3.54 30.28 27.30
C PRO A 182 -4.30 31.12 26.29
N TRP A 183 -3.56 31.90 25.51
CA TRP A 183 -4.18 32.67 24.44
C TRP A 183 -4.85 31.73 23.44
N GLY A 184 -6.13 31.97 23.20
CA GLY A 184 -6.93 31.05 22.42
C GLY A 184 -8.28 30.81 23.09
N TYR A 185 -8.27 30.57 24.40
CA TYR A 185 -9.53 30.38 25.11
C TYR A 185 -9.56 31.18 26.41
N GLN A 186 -9.00 32.38 26.39
CA GLN A 186 -8.89 33.17 27.61
C GLN A 186 -10.26 33.67 28.08
N TYR A 187 -11.01 34.28 27.18
CA TYR A 187 -12.34 34.77 27.54
C TYR A 187 -13.26 33.63 27.97
N LEU A 188 -13.19 32.52 27.24
CA LEU A 188 -13.98 31.35 27.59
C LEU A 188 -13.64 30.87 28.99
N ALA A 189 -12.34 30.86 29.31
CA ALA A 189 -11.91 30.33 30.61
C ALA A 189 -12.31 31.27 31.74
N VAL A 190 -12.16 32.58 31.54
CA VAL A 190 -12.60 33.53 32.54
C VAL A 190 -14.09 33.36 32.81
N ALA A 191 -14.89 33.24 31.74
CA ALA A 191 -16.32 33.13 31.91
C ALA A 191 -16.72 31.82 32.58
N GLN A 192 -16.06 30.72 32.23
CA GLN A 192 -16.43 29.45 32.86
C GLN A 192 -15.94 29.38 34.30
N ALA A 193 -14.84 30.06 34.62
CA ALA A 193 -14.40 30.14 36.01
C ALA A 193 -15.37 30.96 36.85
N ASN A 194 -15.81 32.10 36.32
CA ASN A 194 -16.84 32.89 36.99
C ASN A 194 -18.07 32.05 37.29
N LEU A 195 -18.34 31.05 36.45
CA LEU A 195 -19.42 30.10 36.69
C LEU A 195 -19.09 29.10 37.79
N GLY A 196 -17.81 28.99 38.17
CA GLY A 196 -17.40 28.06 39.21
C GLY A 196 -16.75 26.77 38.74
N TYR A 197 -16.52 26.62 37.44
CA TYR A 197 -15.82 25.42 36.99
C TYR A 197 -14.32 25.57 37.15
N PRO A 198 -13.61 24.48 37.42
CA PRO A 198 -12.14 24.50 37.33
C PRO A 198 -11.71 24.41 35.88
N ILE A 199 -10.78 25.27 35.48
CA ILE A 199 -10.30 25.29 34.10
C ILE A 199 -9.08 24.40 33.96
N ASP A 200 -9.06 23.58 32.91
CA ASP A 200 -7.87 22.84 32.52
C ASP A 200 -6.99 23.73 31.65
N LYS A 201 -5.90 24.22 32.22
CA LYS A 201 -5.01 25.12 31.49
C LYS A 201 -4.03 24.37 30.59
N LYS A 202 -4.13 23.05 30.50
CA LYS A 202 -3.24 22.23 29.69
C LYS A 202 -3.93 21.73 28.43
N LEU A 203 -4.46 22.64 27.62
CA LEU A 203 -5.12 22.18 26.39
C LEU A 203 -4.51 22.84 25.17
N PRO A 204 -4.51 22.16 24.03
CA PRO A 204 -3.79 22.68 22.86
C PRO A 204 -4.40 23.96 22.32
N THR A 205 -3.53 24.87 21.89
CA THR A 205 -3.93 26.07 21.15
C THR A 205 -3.11 26.14 19.88
N TRP A 206 -3.19 27.25 19.13
CA TRP A 206 -2.31 27.38 17.99
C TRP A 206 -1.05 28.18 18.33
N LYS A 207 -0.79 28.38 19.63
CA LYS A 207 0.35 29.16 20.09
C LYS A 207 1.21 28.45 21.14
N ASN A 208 0.71 27.42 21.81
CA ASN A 208 1.48 26.77 22.86
C ASN A 208 2.12 25.49 22.32
N GLU A 209 2.94 24.86 23.17
CA GLU A 209 3.67 23.68 22.74
C GLU A 209 2.76 22.46 22.59
N LEU A 210 1.61 22.45 23.27
CA LEU A 210 0.67 21.35 23.13
C LEU A 210 0.15 21.19 21.70
N TYR A 211 0.17 22.27 20.92
CA TYR A 211 -0.03 22.18 19.47
C TYR A 211 0.72 21.00 18.87
N HIS A 212 2.04 20.95 19.14
CA HIS A 212 2.84 19.87 18.58
C HIS A 212 2.41 18.53 19.16
N THR A 213 2.22 18.48 20.47
CA THR A 213 1.79 17.23 21.10
C THR A 213 0.53 16.71 20.44
N MET A 214 -0.42 17.62 20.15
CA MET A 214 -1.67 17.18 19.56
C MET A 214 -1.42 16.59 18.18
N TYR A 215 -0.71 17.34 17.33
CA TYR A 215 -0.49 16.84 15.98
C TYR A 215 0.31 15.55 16.03
N ASP A 216 1.22 15.43 17.01
CA ASP A 216 2.03 14.22 17.03
C ASP A 216 1.15 13.02 17.30
N ALA A 217 0.18 13.16 18.23
CA ALA A 217 -0.70 12.03 18.53
C ALA A 217 -1.61 11.73 17.34
N MET A 218 -2.05 12.77 16.64
CA MET A 218 -2.86 12.56 15.44
C MET A 218 -2.11 11.72 14.44
N LYS A 219 -0.82 12.04 14.26
CA LYS A 219 -0.02 11.26 13.30
C LYS A 219 0.13 9.83 13.77
N GLU A 220 0.40 9.64 15.07
CA GLU A 220 0.55 8.27 15.55
C GLU A 220 -0.75 7.52 15.39
N TRP A 221 -1.89 8.21 15.55
CA TRP A 221 -3.15 7.52 15.40
C TRP A 221 -3.33 7.05 13.96
N MET A 222 -2.95 7.90 12.98
CA MET A 222 -3.17 7.52 11.58
C MET A 222 -2.38 6.26 11.26
N GLU A 223 -1.26 6.09 11.91
CA GLU A 223 -0.37 4.97 11.62
C GLU A 223 -0.74 3.70 12.40
N GLY A 224 -1.87 3.70 13.09
CA GLY A 224 -2.33 2.50 13.77
C GLY A 224 -1.75 2.27 15.14
N LYS A 225 -1.07 3.23 15.72
CA LYS A 225 -0.46 3.03 17.01
C LYS A 225 -1.45 3.35 18.14
N GLU A 226 -1.16 2.83 19.32
CA GLU A 226 -1.91 3.20 20.51
C GLU A 226 -1.36 4.51 21.06
N ILE A 227 -2.26 5.38 21.48
CA ILE A 227 -1.90 6.67 22.00
C ILE A 227 -2.52 6.82 23.37
N ASP A 228 -2.12 7.87 24.07
CA ASP A 228 -2.67 8.16 25.39
C ASP A 228 -2.66 9.66 25.53
N LEU A 229 -3.85 10.27 25.53
CA LEU A 229 -3.93 11.72 25.54
C LEU A 229 -3.87 12.31 26.95
N HIS A 230 -3.93 11.48 28.00
CA HIS A 230 -3.62 11.94 29.35
C HIS A 230 -2.12 12.23 29.44
N TRP A 231 -1.75 13.50 29.46
CA TRP A 231 -0.33 13.85 29.53
C TRP A 231 -0.09 15.08 30.41
N GLU B 6 -34.52 13.12 27.96
CA GLU B 6 -34.14 12.56 26.66
C GLU B 6 -35.28 12.73 25.64
N PRO B 7 -35.12 13.70 24.73
CA PRO B 7 -36.21 13.99 23.77
C PRO B 7 -36.30 13.03 22.61
N TRP B 8 -35.34 12.11 22.43
CA TRP B 8 -35.28 11.26 21.24
C TRP B 8 -34.87 9.85 21.62
N PRO B 9 -35.69 9.16 22.42
CA PRO B 9 -35.27 7.83 22.91
C PRO B 9 -35.28 6.76 21.83
N GLN B 10 -36.15 6.87 20.83
CA GLN B 10 -36.20 5.89 19.75
C GLN B 10 -35.12 6.22 18.72
N LEU B 11 -34.21 5.29 18.50
CA LEU B 11 -33.10 5.48 17.58
C LEU B 11 -33.44 4.95 16.20
N TYR B 12 -33.11 5.70 15.17
CA TYR B 12 -33.26 5.22 13.80
C TYR B 12 -31.89 5.10 13.15
N SER B 13 -31.82 5.01 11.83
CA SER B 13 -30.53 5.03 11.13
C SER B 13 -30.00 6.46 11.17
N HIS B 14 -28.87 6.68 11.85
CA HIS B 14 -28.29 8.02 11.84
C HIS B 14 -26.78 8.07 11.75
N LEU B 15 -26.05 7.00 12.05
CA LEU B 15 -24.60 6.91 11.83
C LEU B 15 -24.31 5.54 11.22
N ASN B 16 -23.23 5.44 10.46
CA ASN B 16 -22.79 4.14 9.92
C ASN B 16 -23.94 3.55 9.08
N GLY B 17 -24.24 2.26 9.22
CA GLY B 17 -25.30 1.68 8.42
C GLY B 17 -24.79 1.15 7.11
N THR B 18 -25.72 0.67 6.27
CA THR B 18 -25.37 0.20 4.95
C THR B 18 -25.09 1.38 4.02
N ASN B 19 -24.49 1.08 2.86
CA ASN B 19 -24.18 2.14 1.91
C ASN B 19 -25.44 2.88 1.46
N GLU B 20 -26.52 2.14 1.21
CA GLU B 20 -27.77 2.80 0.83
C GLU B 20 -28.25 3.76 1.90
N GLU B 21 -28.19 3.36 3.18
CA GLU B 21 -28.59 4.26 4.25
C GLU B 21 -27.71 5.50 4.30
N VAL B 22 -26.39 5.31 4.15
CA VAL B 22 -25.48 6.45 4.12
C VAL B 22 -25.86 7.39 2.98
N LEU B 23 -26.11 6.85 1.79
CA LEU B 23 -26.43 7.68 0.65
C LEU B 23 -27.75 8.40 0.84
N ASP B 24 -28.74 7.73 1.45
CA ASP B 24 -30.01 8.40 1.72
C ASP B 24 -29.83 9.54 2.70
N ARG B 25 -29.04 9.31 3.76
CA ARG B 25 -28.79 10.38 4.72
C ARG B 25 -28.02 11.54 4.07
N MET B 26 -27.10 11.21 3.15
CA MET B 26 -26.39 12.25 2.41
C MET B 26 -27.35 13.08 1.57
N LYS B 27 -28.25 12.40 0.85
CA LYS B 27 -29.20 13.10 -0.01
C LYS B 27 -30.16 13.98 0.80
N VAL B 28 -30.59 13.51 1.98
CA VAL B 28 -31.49 14.35 2.78
C VAL B 28 -30.72 15.53 3.38
N ALA B 29 -29.46 15.32 3.80
CA ALA B 29 -28.67 16.45 4.29
C ALA B 29 -28.49 17.51 3.21
N GLU B 30 -28.23 17.09 1.96
CA GLU B 30 -28.10 18.06 0.86
C GLU B 30 -29.39 18.83 0.68
N LEU B 31 -30.52 18.12 0.67
CA LEU B 31 -31.82 18.76 0.57
C LEU B 31 -31.95 19.87 1.61
N CYS B 32 -31.64 19.57 2.86
CA CYS B 32 -31.82 20.58 3.91
C CYS B 32 -30.94 21.79 3.66
N LYS B 33 -29.67 21.54 3.30
CA LYS B 33 -28.75 22.64 3.06
C LYS B 33 -29.22 23.52 1.90
N GLY B 34 -30.01 22.95 1.00
CA GLY B 34 -30.63 23.75 -0.05
C GLY B 34 -31.30 25.01 0.46
N TRP B 35 -31.80 24.99 1.70
CA TRP B 35 -32.39 26.22 2.24
C TRP B 35 -31.33 27.32 2.36
N SER B 36 -30.19 27.00 2.98
CA SER B 36 -29.12 27.99 3.11
C SER B 36 -28.55 28.39 1.77
N VAL B 37 -28.34 27.42 0.88
CA VAL B 37 -27.63 27.75 -0.35
C VAL B 37 -28.55 28.44 -1.35
N TYR B 38 -29.74 27.85 -1.58
CA TYR B 38 -30.63 28.34 -2.64
C TYR B 38 -31.50 29.50 -2.21
N ARG B 39 -32.03 29.47 -0.98
CA ARG B 39 -32.93 30.57 -0.62
C ARG B 39 -32.16 31.87 -0.46
N ASP B 40 -31.00 31.83 0.19
CA ASP B 40 -30.21 33.05 0.35
C ASP B 40 -29.88 33.68 -1.00
N ALA B 41 -29.61 32.85 -2.01
CA ALA B 41 -29.19 33.32 -3.33
C ALA B 41 -30.34 33.50 -4.31
N SER B 42 -31.59 33.28 -3.90
CA SER B 42 -32.74 33.36 -4.81
C SER B 42 -32.59 32.42 -6.00
N GLU B 43 -32.02 31.23 -5.77
CA GLU B 43 -31.97 30.18 -6.79
C GLU B 43 -33.26 29.36 -6.67
N TRP B 44 -34.34 29.91 -7.24
CA TRP B 44 -35.68 29.47 -6.88
C TRP B 44 -36.06 28.12 -7.51
N ALA B 45 -35.62 27.84 -8.73
CA ALA B 45 -35.85 26.49 -9.27
C ALA B 45 -35.15 25.43 -8.42
N ASN B 46 -33.86 25.68 -8.10
CA ASN B 46 -33.14 24.78 -7.20
C ASN B 46 -33.90 24.60 -5.89
N PHE B 47 -34.38 25.72 -5.32
CA PHE B 47 -35.06 25.71 -4.03
C PHE B 47 -36.35 24.90 -4.09
N LYS B 48 -37.18 25.15 -5.12
CA LYS B 48 -38.45 24.44 -5.20
C LYS B 48 -38.24 22.95 -5.36
N GLU B 49 -37.12 22.53 -5.98
CA GLU B 49 -36.90 21.09 -6.09
C GLU B 49 -36.76 20.39 -4.72
N MET B 50 -36.54 21.14 -3.63
CA MET B 50 -36.42 20.55 -2.30
C MET B 50 -37.74 19.97 -1.76
N PHE B 51 -38.87 20.44 -2.26
CA PHE B 51 -40.14 20.29 -1.58
C PHE B 51 -41.13 19.44 -2.37
N THR B 52 -42.05 18.78 -1.65
CA THR B 52 -43.20 18.19 -2.32
C THR B 52 -44.03 19.31 -2.95
N PRO B 53 -44.82 18.98 -3.98
CA PRO B 53 -45.65 20.03 -4.61
C PRO B 53 -46.60 20.72 -3.64
N ASP B 54 -46.97 20.09 -2.54
CA ASP B 54 -47.95 20.64 -1.60
C ASP B 54 -47.31 21.11 -0.29
N ALA B 55 -45.99 21.27 -0.26
CA ALA B 55 -45.25 21.42 0.99
C ALA B 55 -45.66 22.68 1.74
N ASN B 56 -45.58 22.61 3.08
CA ASN B 56 -45.93 23.72 3.97
C ASN B 56 -44.75 24.15 4.81
N ILE B 57 -44.57 25.47 4.89
CA ILE B 57 -43.45 26.13 5.54
C ILE B 57 -43.96 27.07 6.62
N TRP B 58 -43.28 27.12 7.77
CA TRP B 58 -43.53 28.11 8.80
C TRP B 58 -42.30 28.99 8.99
N THR B 59 -42.49 30.30 8.99
CA THR B 59 -41.43 31.22 9.41
C THR B 59 -41.99 32.28 10.34
N THR B 60 -41.06 32.98 11.00
CA THR B 60 -41.38 34.13 11.84
C THR B 60 -42.37 35.07 11.17
N TRP B 61 -41.95 35.70 10.08
CA TRP B 61 -42.68 36.78 9.43
C TRP B 61 -43.75 36.28 8.46
N SER B 62 -43.58 35.07 7.93
CA SER B 62 -44.53 34.52 6.97
C SER B 62 -45.70 33.83 7.65
N GLY B 63 -45.48 33.32 8.86
CA GLY B 63 -46.43 32.38 9.40
C GLY B 63 -46.42 31.13 8.56
N ALA B 64 -47.61 30.59 8.31
CA ALA B 64 -47.82 29.35 7.56
C ALA B 64 -47.99 29.65 6.08
N GLN B 65 -47.42 28.77 5.25
CA GLN B 65 -47.39 28.98 3.81
C GLN B 65 -47.34 27.62 3.13
N THR B 66 -47.78 27.59 1.87
CA THR B 66 -47.46 26.49 0.97
C THR B 66 -46.05 26.74 0.42
N ILE B 67 -45.63 26.00 -0.60
CA ILE B 67 -44.30 26.26 -1.13
C ILE B 67 -44.30 27.40 -2.15
N ASP B 68 -45.29 27.53 -3.05
CA ASP B 68 -45.19 28.70 -3.91
C ASP B 68 -45.76 29.97 -3.26
N SER B 69 -46.71 29.83 -2.33
CA SER B 69 -47.02 30.95 -1.45
C SER B 69 -45.73 31.51 -0.86
N PHE B 70 -44.88 30.61 -0.35
CA PHE B 70 -43.62 31.00 0.26
C PHE B 70 -42.67 31.61 -0.77
N ILE B 71 -42.57 31.01 -1.96
CA ILE B 71 -41.63 31.51 -2.98
C ILE B 71 -41.98 32.93 -3.39
N GLN B 72 -43.27 33.23 -3.60
CA GLN B 72 -43.56 34.58 -4.07
C GLN B 72 -43.64 35.61 -2.95
N ILE B 73 -44.08 35.26 -1.74
CA ILE B 73 -43.97 36.24 -0.65
C ILE B 73 -42.49 36.46 -0.28
N SER B 74 -41.62 35.47 -0.57
CA SER B 74 -40.18 35.68 -0.44
C SER B 74 -39.68 36.64 -1.51
N LYS B 75 -40.05 36.41 -2.77
CA LYS B 75 -39.63 37.31 -3.85
C LYS B 75 -40.09 38.74 -3.61
N ASP B 76 -41.27 38.92 -3.00
CA ASP B 76 -41.73 40.25 -2.61
C ASP B 76 -41.02 40.78 -1.37
N GLY B 77 -40.47 39.90 -0.53
CA GLY B 77 -39.58 40.36 0.52
C GLY B 77 -38.37 41.10 -0.01
N LYS B 78 -37.97 40.82 -1.26
CA LYS B 78 -36.76 41.41 -1.84
C LYS B 78 -36.86 42.93 -1.92
N ASP B 79 -37.99 43.46 -2.41
CA ASP B 79 -38.05 44.88 -2.73
C ASP B 79 -38.26 45.75 -1.49
N LYS B 80 -39.05 45.31 -0.52
CA LYS B 80 -39.22 46.07 0.72
C LYS B 80 -38.17 45.70 1.77
N GLY B 81 -36.98 45.30 1.34
CA GLY B 81 -35.80 45.32 2.18
C GLY B 81 -35.60 44.15 3.11
N ALA B 82 -36.20 43.00 2.85
CA ALA B 82 -35.89 41.82 3.64
C ALA B 82 -34.56 41.24 3.16
N PHE B 83 -33.56 41.23 4.04
CA PHE B 83 -32.20 40.72 3.72
C PHE B 83 -31.83 39.65 4.77
N ILE B 84 -32.23 38.41 4.50
CA ILE B 84 -32.07 37.28 5.43
C ILE B 84 -31.07 36.30 4.86
N MET B 85 -30.13 35.85 5.70
CA MET B 85 -29.21 34.80 5.32
C MET B 85 -29.20 33.73 6.42
N HIS B 86 -28.66 32.56 6.08
CA HIS B 86 -28.71 31.38 6.95
C HIS B 86 -27.35 30.71 6.95
N ARG B 87 -26.62 30.79 8.05
CA ARG B 87 -25.34 30.08 8.19
C ARG B 87 -25.64 28.67 8.69
N GLU B 88 -25.42 27.67 7.84
CA GLU B 88 -25.64 26.28 8.24
C GLU B 88 -24.50 25.86 9.16
N CYS B 89 -24.84 25.29 10.33
CA CYS B 89 -23.74 24.95 11.23
C CYS B 89 -23.96 23.62 11.93
N GLY B 90 -24.34 22.59 11.16
CA GLY B 90 -24.37 21.24 11.66
C GLY B 90 -25.63 20.52 11.23
N THR B 91 -25.52 19.56 10.29
CA THR B 91 -26.69 18.90 9.72
C THR B 91 -26.52 17.41 9.80
N LEU B 92 -27.54 16.72 10.33
CA LEU B 92 -27.54 15.27 10.39
C LEU B 92 -28.97 14.81 10.18
N VAL B 93 -29.14 13.50 9.99
CA VAL B 93 -30.40 12.95 9.50
C VAL B 93 -30.77 11.72 10.32
N ASP B 94 -32.05 11.63 10.71
CA ASP B 94 -32.60 10.38 11.25
C ASP B 94 -33.43 9.74 10.15
N LEU B 95 -33.12 8.50 9.83
CA LEU B 95 -33.73 7.83 8.69
C LEU B 95 -34.42 6.53 9.12
N ASN B 96 -35.65 6.32 8.65
CA ASN B 96 -36.35 5.04 8.82
C ASN B 96 -36.52 4.44 7.44
N PRO B 97 -35.67 3.47 7.07
CA PRO B 97 -35.79 2.85 5.74
C PRO B 97 -37.07 2.05 5.56
N LYS B 98 -37.65 1.52 6.64
CA LYS B 98 -38.91 0.78 6.49
C LYS B 98 -40.04 1.69 6.00
N THR B 99 -40.14 2.91 6.53
CA THR B 99 -41.18 3.84 6.07
C THR B 99 -40.70 4.79 4.97
N GLN B 100 -39.40 4.83 4.67
CA GLN B 100 -38.82 5.84 3.76
C GLN B 100 -39.13 7.23 4.29
N ARG B 101 -38.99 7.39 5.60
CA ARG B 101 -39.19 8.69 6.21
C ARG B 101 -37.87 9.18 6.77
N ALA B 102 -37.64 10.49 6.76
CA ALA B 102 -36.47 11.03 7.40
C ALA B 102 -36.79 12.36 8.05
N ILE B 103 -36.02 12.67 9.10
CA ILE B 103 -36.02 13.97 9.76
C ILE B 103 -34.63 14.55 9.52
N GLY B 104 -34.55 15.71 8.86
CA GLY B 104 -33.30 16.43 8.72
C GLY B 104 -33.21 17.48 9.82
N LYS B 105 -32.16 17.37 10.65
CA LYS B 105 -31.88 18.33 11.71
C LYS B 105 -30.74 19.21 11.24
N MET B 106 -31.04 20.46 10.89
CA MET B 106 -30.02 21.36 10.35
C MET B 106 -29.91 22.55 11.29
N LYS B 107 -28.80 22.63 12.03
CA LYS B 107 -28.56 23.79 12.86
C LYS B 107 -28.23 24.96 11.94
N THR B 108 -28.79 26.14 12.24
CA THR B 108 -28.40 27.34 11.52
C THR B 108 -28.32 28.53 12.46
N THR B 109 -27.64 29.56 11.99
CA THR B 109 -27.86 30.93 12.44
C THR B 109 -28.65 31.67 11.38
N ILE B 110 -29.85 32.14 11.73
CA ILE B 110 -30.50 33.17 10.92
C ILE B 110 -29.79 34.50 11.19
N THR B 111 -29.27 35.12 10.13
CA THR B 111 -28.69 36.45 10.28
C THR B 111 -29.45 37.41 9.37
N GLN B 112 -30.14 38.38 9.96
CA GLN B 112 -30.94 39.32 9.19
C GLN B 112 -30.38 40.73 9.38
N ARG B 113 -30.15 41.41 8.24
CA ARG B 113 -29.55 42.74 8.21
C ARG B 113 -30.68 43.77 8.15
N PHE B 114 -30.73 44.65 9.14
CA PHE B 114 -31.75 45.68 9.28
C PHE B 114 -31.10 47.05 9.32
N GLU B 115 -31.97 48.07 9.31
CA GLU B 115 -31.58 49.46 9.46
C GLU B 115 -32.59 50.13 10.37
N TYR B 116 -32.09 50.79 11.42
CA TYR B 116 -32.92 51.56 12.34
C TYR B 116 -32.35 52.96 12.46
N GLU B 117 -33.13 53.96 12.03
CA GLU B 117 -32.73 55.37 12.12
C GLU B 117 -31.34 55.57 11.52
N GLY B 118 -31.14 54.99 10.34
CA GLY B 118 -29.90 55.11 9.61
C GLY B 118 -28.76 54.27 10.13
N VAL B 119 -28.97 53.43 11.15
CA VAL B 119 -27.93 52.58 11.71
C VAL B 119 -28.14 51.17 11.19
N PRO B 120 -27.17 50.57 10.51
CA PRO B 120 -27.29 49.16 10.12
C PRO B 120 -26.95 48.23 11.28
N PHE B 121 -27.65 47.11 11.34
CA PHE B 121 -27.33 46.12 12.35
C PHE B 121 -27.82 44.75 11.88
N ASP B 122 -27.33 43.72 12.54
CA ASP B 122 -27.78 42.35 12.32
C ASP B 122 -28.53 41.87 13.55
N ILE B 123 -29.51 41.01 13.34
CA ILE B 123 -29.98 40.11 14.39
C ILE B 123 -29.55 38.70 14.00
N ASP B 124 -28.93 37.98 14.96
CA ASP B 124 -28.44 36.62 14.75
C ASP B 124 -29.16 35.68 15.71
N CYS B 125 -29.87 34.69 15.16
CA CYS B 125 -30.67 33.75 15.93
C CYS B 125 -30.19 32.32 15.65
N ASP B 126 -29.66 31.65 16.67
CA ASP B 126 -29.31 30.23 16.57
C ASP B 126 -30.55 29.35 16.78
N ASN B 127 -30.64 28.28 15.99
CA ASN B 127 -31.89 27.53 15.82
C ASN B 127 -31.58 26.18 15.20
N TYR B 128 -32.61 25.31 15.16
CA TYR B 128 -32.63 24.07 14.39
C TYR B 128 -33.76 24.14 13.38
N PHE B 129 -33.43 24.03 12.09
CA PHE B 129 -34.43 23.76 11.06
C PHE B 129 -34.73 22.27 11.08
N ILE B 130 -36.01 21.91 11.06
CA ILE B 130 -36.41 20.52 11.02
C ILE B 130 -37.13 20.29 9.70
N PHE B 131 -36.59 19.38 8.89
CA PHE B 131 -37.20 19.05 7.61
C PHE B 131 -37.81 17.67 7.72
N PHE B 132 -39.10 17.56 7.42
CA PHE B 132 -39.83 16.30 7.46
C PHE B 132 -39.87 15.78 6.04
N CYS B 133 -39.08 14.74 5.75
CA CYS B 133 -38.82 14.32 4.39
C CYS B 133 -39.35 12.92 4.14
N LEU B 134 -39.65 12.66 2.88
CA LEU B 134 -40.08 11.33 2.47
C LEU B 134 -39.62 11.10 1.03
N LYS B 135 -39.52 9.83 0.66
CA LYS B 135 -39.28 9.46 -0.72
C LYS B 135 -40.59 9.51 -1.47
N ASP B 136 -40.60 10.20 -2.61
CA ASP B 136 -41.81 10.21 -3.41
C ASP B 136 -41.84 8.95 -4.28
N SER B 137 -42.90 8.85 -5.10
CA SER B 137 -43.14 7.66 -5.91
C SER B 137 -41.96 7.31 -6.81
N ASN B 138 -41.12 8.29 -7.16
CA ASN B 138 -39.98 8.06 -8.03
C ASN B 138 -38.68 7.78 -7.28
N GLY B 139 -38.71 7.70 -5.95
CA GLY B 139 -37.53 7.46 -5.18
C GLY B 139 -36.73 8.71 -4.84
N ASP B 140 -37.28 9.90 -5.08
CA ASP B 140 -36.62 11.15 -4.76
C ASP B 140 -37.05 11.64 -3.39
N TRP B 141 -36.08 12.02 -2.56
CA TRP B 141 -36.40 12.66 -1.29
C TRP B 141 -36.98 14.05 -1.53
N LYS B 142 -38.00 14.39 -0.74
CA LYS B 142 -38.64 15.70 -0.78
C LYS B 142 -39.07 16.08 0.63
N ALA B 143 -39.06 17.39 0.90
CA ALA B 143 -39.53 17.90 2.18
C ALA B 143 -41.01 18.19 2.07
N ARG B 144 -41.81 17.53 2.92
CA ARG B 144 -43.26 17.81 3.00
C ARG B 144 -43.58 18.94 3.98
N TRP B 145 -42.83 19.01 5.08
CA TRP B 145 -43.04 20.01 6.11
C TRP B 145 -41.68 20.56 6.54
N TYR B 146 -41.71 21.79 7.06
CA TYR B 146 -40.54 22.48 7.57
C TYR B 146 -40.97 23.29 8.79
N LYS B 147 -40.23 23.17 9.88
CA LYS B 147 -40.44 24.07 11.01
C LYS B 147 -39.13 24.25 11.77
N VAL B 148 -39.08 25.29 12.61
CA VAL B 148 -37.85 25.76 13.24
C VAL B 148 -38.03 25.77 14.76
N PHE B 149 -37.02 25.26 15.48
CA PHE B 149 -36.85 25.55 16.91
C PHE B 149 -35.97 26.77 17.03
N TYR B 150 -36.45 27.82 17.69
CA TYR B 150 -35.68 29.06 17.87
C TYR B 150 -35.03 29.00 19.24
N VAL B 151 -33.70 29.02 19.27
CA VAL B 151 -33.01 28.65 20.50
C VAL B 151 -32.51 29.89 21.23
N LYS B 152 -31.72 30.73 20.56
CA LYS B 152 -31.25 31.93 21.22
C LYS B 152 -30.94 32.99 20.16
N ASP B 153 -30.98 34.25 20.55
CA ASP B 153 -30.71 35.29 19.57
C ASP B 153 -30.01 36.46 20.24
N LYS B 154 -29.47 37.34 19.40
CA LYS B 154 -28.66 38.43 19.89
C LYS B 154 -28.65 39.55 18.87
N PHE B 155 -28.37 40.75 19.38
CA PHE B 155 -28.13 41.94 18.58
C PHE B 155 -26.67 41.99 18.16
N VAL B 156 -26.42 42.38 16.92
CA VAL B 156 -25.06 42.40 16.38
C VAL B 156 -24.79 43.74 15.70
N PRO B 157 -23.88 44.55 16.22
CA PRO B 157 -23.51 45.76 15.48
C PRO B 157 -22.85 45.39 14.16
N VAL B 158 -23.02 46.26 13.17
CA VAL B 158 -22.39 46.09 11.87
C VAL B 158 -21.17 47.01 11.73
N GLY B 159 -21.29 48.26 12.15
CA GLY B 159 -20.16 49.16 12.21
C GLY B 159 -19.57 49.20 13.62
N VAL B 160 -18.42 49.85 13.73
CA VAL B 160 -17.89 50.10 15.07
C VAL B 160 -18.96 50.78 15.91
N PRO B 161 -19.19 50.38 17.16
CA PRO B 161 -20.21 51.06 17.96
C PRO B 161 -19.86 52.52 18.18
N THR B 162 -20.90 53.31 18.47
CA THR B 162 -20.79 54.71 18.87
C THR B 162 -21.85 54.98 19.93
N ALA B 163 -21.54 55.87 20.86
CA ALA B 163 -22.51 56.18 21.92
C ALA B 163 -23.83 56.67 21.35
N GLU B 164 -23.76 57.48 20.30
CA GLU B 164 -24.97 57.92 19.60
C GLU B 164 -25.81 56.72 19.17
N ASN B 165 -25.23 55.86 18.34
CA ASN B 165 -25.97 54.70 17.85
C ASN B 165 -26.40 53.79 19.00
N MET B 166 -25.55 53.66 20.02
CA MET B 166 -25.91 52.81 21.17
C MET B 166 -27.20 53.26 21.81
N GLU B 167 -27.32 54.57 22.07
CA GLU B 167 -28.53 55.03 22.75
C GLU B 167 -29.73 55.13 21.82
N LYS B 168 -29.51 55.30 20.51
CA LYS B 168 -30.66 55.20 19.60
C LYS B 168 -31.20 53.77 19.54
N LEU B 169 -30.30 52.77 19.52
CA LEU B 169 -30.75 51.39 19.41
C LEU B 169 -31.27 50.82 20.73
N ALA B 170 -30.74 51.32 21.86
CA ALA B 170 -31.26 50.86 23.15
C ALA B 170 -32.72 51.23 23.34
N LYS B 171 -33.24 52.19 22.57
CA LYS B 171 -34.65 52.54 22.65
C LYS B 171 -35.53 51.44 22.04
N LEU B 172 -35.13 50.90 20.89
CA LEU B 172 -35.98 49.90 20.23
C LEU B 172 -35.81 48.54 20.88
N PHE B 173 -34.60 48.18 21.26
CA PHE B 173 -34.37 46.93 21.96
C PHE B 173 -34.38 47.13 23.47
N SER B 174 -35.42 47.79 23.95
CA SER B 174 -35.74 47.89 25.37
C SER B 174 -36.39 46.60 25.82
N LYS B 175 -36.40 46.40 27.15
CA LYS B 175 -37.01 45.19 27.70
C LYS B 175 -38.48 45.07 27.30
N GLU B 176 -39.24 46.14 27.53
CA GLU B 176 -40.70 46.14 27.35
C GLU B 176 -41.09 45.59 25.99
N ASN B 177 -40.34 45.97 24.96
CA ASN B 177 -40.62 45.43 23.63
C ASN B 177 -40.18 43.97 23.52
N LEU B 178 -39.15 43.57 24.27
CA LEU B 178 -38.60 42.22 24.12
C LEU B 178 -39.54 41.16 24.71
N GLU B 179 -40.09 41.41 25.90
CA GLU B 179 -40.81 40.36 26.61
C GLU B 179 -42.11 39.94 25.93
N GLN B 180 -42.62 40.74 25.00
CA GLN B 180 -43.88 40.37 24.36
C GLN B 180 -43.73 39.20 23.38
N TYR B 181 -42.55 38.59 23.31
CA TYR B 181 -42.26 37.51 22.39
C TYR B 181 -41.56 36.37 23.12
N PRO B 182 -41.66 35.14 22.61
CA PRO B 182 -41.06 34.00 23.31
C PRO B 182 -39.53 34.14 23.43
N TRP B 183 -39.01 33.72 24.58
CA TRP B 183 -37.57 33.76 24.75
C TRP B 183 -36.93 32.77 23.77
N GLY B 184 -36.06 33.28 22.92
CA GLY B 184 -35.48 32.46 21.88
C GLY B 184 -35.36 33.25 20.59
N TYR B 185 -36.34 34.10 20.32
CA TYR B 185 -36.32 34.91 19.11
C TYR B 185 -36.88 36.31 19.36
N GLN B 186 -36.57 36.88 20.53
CA GLN B 186 -37.13 38.17 20.89
C GLN B 186 -36.52 39.31 20.07
N TYR B 187 -35.20 39.28 19.88
CA TYR B 187 -34.57 40.32 19.09
C TYR B 187 -35.02 40.25 17.64
N LEU B 188 -35.11 39.03 17.10
CA LEU B 188 -35.60 38.86 15.74
C LEU B 188 -37.01 39.40 15.59
N ALA B 189 -37.86 39.14 16.59
CA ALA B 189 -39.26 39.56 16.55
C ALA B 189 -39.38 41.08 16.61
N VAL B 190 -38.68 41.72 17.55
CA VAL B 190 -38.66 43.19 17.61
C VAL B 190 -38.25 43.77 16.27
N ALA B 191 -37.13 43.29 15.71
CA ALA B 191 -36.61 43.88 14.49
C ALA B 191 -37.54 43.69 13.31
N GLN B 192 -38.13 42.49 13.18
CA GLN B 192 -39.02 42.24 12.05
C GLN B 192 -40.37 42.94 12.21
N ALA B 193 -40.82 43.15 13.45
CA ALA B 193 -41.99 43.97 13.68
C ALA B 193 -41.74 45.39 13.25
N ASN B 194 -40.60 45.95 13.65
CA ASN B 194 -40.23 47.30 13.24
C ASN B 194 -40.10 47.41 11.73
N LEU B 195 -39.70 46.32 11.05
CA LEU B 195 -39.76 46.35 9.59
C LEU B 195 -41.17 46.32 9.05
N GLY B 196 -42.17 45.96 9.88
CA GLY B 196 -43.55 45.94 9.46
C GLY B 196 -44.15 44.57 9.24
N TYR B 197 -43.46 43.50 9.61
CA TYR B 197 -44.07 42.19 9.46
C TYR B 197 -44.81 41.79 10.74
N PRO B 198 -45.95 41.11 10.60
CA PRO B 198 -46.56 40.49 11.77
C PRO B 198 -45.77 39.25 12.18
N ILE B 199 -45.72 39.00 13.48
CA ILE B 199 -44.92 37.91 14.04
C ILE B 199 -45.83 36.75 14.42
N ASP B 200 -45.50 35.56 13.94
CA ASP B 200 -46.09 34.32 14.43
C ASP B 200 -45.47 33.99 15.79
N LYS B 201 -46.23 34.16 16.86
CA LYS B 201 -45.70 33.99 18.21
C LYS B 201 -45.95 32.61 18.77
N LYS B 202 -46.62 31.73 18.02
CA LYS B 202 -46.74 30.33 18.39
C LYS B 202 -45.66 29.50 17.71
N LEU B 203 -44.41 29.93 17.81
CA LEU B 203 -43.37 29.11 17.21
C LEU B 203 -42.52 28.42 18.28
N PRO B 204 -42.00 27.23 17.98
CA PRO B 204 -41.32 26.46 19.02
C PRO B 204 -39.97 27.07 19.39
N THR B 205 -39.67 27.00 20.68
CA THR B 205 -38.33 27.31 21.18
C THR B 205 -37.82 26.12 21.99
N TRP B 206 -36.71 26.31 22.69
CA TRP B 206 -36.23 25.34 23.66
C TRP B 206 -36.67 25.68 25.08
N LYS B 207 -37.68 26.53 25.21
CA LYS B 207 -38.20 26.90 26.52
C LYS B 207 -39.70 26.66 26.67
N ASN B 208 -40.46 26.62 25.58
CA ASN B 208 -41.91 26.69 25.66
C ASN B 208 -42.57 25.35 25.33
N GLU B 209 -43.91 25.38 25.39
CA GLU B 209 -44.76 24.21 25.21
C GLU B 209 -44.48 23.50 23.90
N LEU B 210 -44.36 24.27 22.81
CA LEU B 210 -44.31 23.73 21.46
C LEU B 210 -43.10 22.85 21.21
N TYR B 211 -42.04 23.00 22.00
CA TYR B 211 -40.94 22.05 21.98
C TYR B 211 -41.49 20.62 21.90
N HIS B 212 -42.31 20.26 22.88
CA HIS B 212 -42.81 18.89 22.93
C HIS B 212 -43.72 18.60 21.75
N THR B 213 -44.58 19.55 21.39
CA THR B 213 -45.42 19.35 20.21
C THR B 213 -44.55 19.02 19.02
N MET B 214 -43.44 19.78 18.85
CA MET B 214 -42.54 19.56 17.73
C MET B 214 -42.00 18.14 17.74
N TYR B 215 -41.43 17.72 18.89
CA TYR B 215 -40.79 16.41 18.90
C TYR B 215 -41.82 15.32 18.69
N ASP B 216 -43.05 15.52 19.17
CA ASP B 216 -44.07 14.51 18.95
C ASP B 216 -44.34 14.35 17.47
N ALA B 217 -44.49 15.47 16.77
CA ALA B 217 -44.65 15.41 15.31
C ALA B 217 -43.48 14.68 14.67
N MET B 218 -42.25 15.01 15.09
CA MET B 218 -41.10 14.38 14.48
C MET B 218 -41.17 12.87 14.67
N LYS B 219 -41.59 12.44 15.86
CA LYS B 219 -41.65 11.01 16.11
C LYS B 219 -42.73 10.36 15.25
N GLU B 220 -43.93 10.98 15.21
CA GLU B 220 -44.98 10.37 14.39
C GLU B 220 -44.57 10.34 12.92
N TRP B 221 -43.81 11.35 12.50
CA TRP B 221 -43.37 11.37 11.10
C TRP B 221 -42.47 10.18 10.81
N MET B 222 -41.55 9.87 11.72
CA MET B 222 -40.62 8.78 11.47
C MET B 222 -41.35 7.45 11.39
N GLU B 223 -42.44 7.31 12.14
CA GLU B 223 -43.19 6.06 12.19
C GLU B 223 -44.08 5.86 10.96
N GLY B 224 -44.13 6.82 10.04
CA GLY B 224 -44.96 6.70 8.87
C GLY B 224 -46.34 7.33 8.96
N LYS B 225 -46.65 8.04 10.05
CA LYS B 225 -48.00 8.58 10.26
C LYS B 225 -48.20 9.93 9.57
N GLU B 226 -49.46 10.32 9.42
CA GLU B 226 -49.80 11.64 8.92
C GLU B 226 -49.77 12.64 10.05
N ILE B 227 -49.23 13.82 9.77
CA ILE B 227 -49.20 14.90 10.75
C ILE B 227 -49.78 16.16 10.12
N ASP B 228 -49.98 17.17 10.95
CA ASP B 228 -50.39 18.50 10.52
C ASP B 228 -49.71 19.51 11.42
N LEU B 229 -48.85 20.36 10.86
CA LEU B 229 -48.07 21.29 11.67
C LEU B 229 -48.74 22.66 11.83
N HIS B 230 -49.99 22.82 11.39
CA HIS B 230 -50.67 24.11 11.51
C HIS B 230 -51.09 24.40 12.95
N TYR C 5 -0.27 -50.18 6.79
CA TYR C 5 -1.51 -49.92 7.50
C TYR C 5 -1.95 -48.48 7.32
N GLU C 6 -1.31 -47.60 8.07
CA GLU C 6 -1.54 -46.16 7.96
C GLU C 6 -0.25 -45.50 7.49
N PRO C 7 -0.23 -44.89 6.31
CA PRO C 7 1.03 -44.39 5.74
C PRO C 7 1.51 -43.05 6.30
N TRP C 8 0.72 -42.34 7.10
CA TRP C 8 1.06 -40.99 7.55
C TRP C 8 0.81 -40.83 9.05
N PRO C 9 1.52 -41.60 9.89
CA PRO C 9 1.19 -41.61 11.33
C PRO C 9 1.47 -40.28 12.03
N GLN C 10 2.60 -39.65 11.74
CA GLN C 10 2.93 -38.37 12.34
C GLN C 10 2.12 -37.28 11.67
N LEU C 11 1.43 -36.48 12.48
CA LEU C 11 0.63 -35.39 11.95
C LEU C 11 1.39 -34.07 12.06
N TYR C 12 1.07 -33.15 11.17
CA TYR C 12 1.62 -31.80 11.18
C TYR C 12 0.46 -30.83 11.09
N SER C 13 0.74 -29.56 10.83
CA SER C 13 -0.34 -28.59 10.64
C SER C 13 -1.02 -28.85 9.30
N HIS C 14 -2.24 -29.41 9.33
CA HIS C 14 -2.97 -29.63 8.08
C HIS C 14 -4.42 -29.15 8.11
N LEU C 15 -4.99 -28.88 9.29
CA LEU C 15 -6.31 -28.31 9.43
C LEU C 15 -6.25 -27.29 10.55
N ASN C 16 -7.09 -26.26 10.47
CA ASN C 16 -7.17 -25.24 11.54
C ASN C 16 -5.79 -24.64 11.72
N GLY C 17 -5.31 -24.49 12.95
CA GLY C 17 -4.05 -23.82 13.23
C GLY C 17 -4.22 -22.32 13.37
N THR C 18 -3.07 -21.66 13.53
CA THR C 18 -3.07 -20.20 13.57
C THR C 18 -3.38 -19.61 12.19
N ASN C 19 -3.70 -18.31 12.18
CA ASN C 19 -3.95 -17.62 10.92
C ASN C 19 -2.76 -17.74 9.97
N GLU C 20 -1.54 -17.61 10.50
CA GLU C 20 -0.36 -17.70 9.64
C GLU C 20 -0.23 -19.09 9.02
N GLU C 21 -0.54 -20.12 9.80
CA GLU C 21 -0.47 -21.48 9.27
C GLU C 21 -1.52 -21.70 8.20
N VAL C 22 -2.75 -21.21 8.42
CA VAL C 22 -3.77 -21.28 7.38
C VAL C 22 -3.30 -20.59 6.11
N LEU C 23 -2.73 -19.38 6.25
CA LEU C 23 -2.31 -18.61 5.07
C LEU C 23 -1.17 -19.32 4.33
N ASP C 24 -0.26 -19.95 5.06
CA ASP C 24 0.78 -20.73 4.41
C ASP C 24 0.20 -21.92 3.66
N ARG C 25 -0.77 -22.62 4.26
CA ARG C 25 -1.39 -23.74 3.57
C ARG C 25 -2.18 -23.28 2.35
N MET C 26 -2.76 -22.07 2.39
CA MET C 26 -3.43 -21.53 1.21
C MET C 26 -2.42 -21.26 0.10
N LYS C 27 -1.28 -20.65 0.44
CA LYS C 27 -0.28 -20.32 -0.57
C LYS C 27 0.30 -21.57 -1.22
N VAL C 28 0.58 -22.60 -0.41
CA VAL C 28 1.08 -23.84 -0.98
C VAL C 28 0.02 -24.51 -1.85
N ALA C 29 -1.26 -24.44 -1.45
CA ALA C 29 -2.31 -25.03 -2.28
C ALA C 29 -2.39 -24.33 -3.63
N GLU C 30 -2.35 -23.01 -3.63
CA GLU C 30 -2.36 -22.26 -4.88
C GLU C 30 -1.19 -22.70 -5.75
N LEU C 31 0.00 -22.80 -5.14
CA LEU C 31 1.20 -23.17 -5.87
C LEU C 31 0.97 -24.49 -6.61
N CYS C 32 0.50 -25.50 -5.89
CA CYS C 32 0.19 -26.79 -6.50
C CYS C 32 -0.75 -26.66 -7.67
N LYS C 33 -1.86 -25.94 -7.48
CA LYS C 33 -2.87 -25.81 -8.53
C LYS C 33 -2.32 -25.12 -9.77
N GLY C 34 -1.22 -24.39 -9.61
CA GLY C 34 -0.58 -23.78 -10.77
C GLY C 34 -0.19 -24.78 -11.85
N TRP C 35 0.09 -26.03 -11.49
CA TRP C 35 0.38 -27.03 -12.53
C TRP C 35 -0.80 -27.16 -13.47
N SER C 36 -1.99 -27.49 -12.93
CA SER C 36 -3.17 -27.64 -13.78
C SER C 36 -3.52 -26.35 -14.51
N VAL C 37 -3.43 -25.19 -13.84
CA VAL C 37 -3.91 -23.98 -14.50
C VAL C 37 -2.88 -23.45 -15.51
N TYR C 38 -1.61 -23.32 -15.11
CA TYR C 38 -0.60 -22.72 -15.96
C TYR C 38 -0.08 -23.67 -17.03
N ARG C 39 0.15 -24.96 -16.71
CA ARG C 39 0.74 -25.82 -17.73
C ARG C 39 -0.24 -26.07 -18.86
N ASP C 40 -1.53 -26.25 -18.54
CA ASP C 40 -2.51 -26.50 -19.58
C ASP C 40 -2.62 -25.31 -20.53
N ALA C 41 -2.35 -24.10 -20.04
CA ALA C 41 -2.45 -22.89 -20.83
C ALA C 41 -1.10 -22.43 -21.38
N SER C 42 -0.03 -23.20 -21.18
CA SER C 42 1.31 -22.80 -21.64
C SER C 42 1.71 -21.43 -21.11
N GLU C 43 1.29 -21.13 -19.88
CA GLU C 43 1.74 -19.90 -19.20
C GLU C 43 3.05 -20.20 -18.47
N TRP C 44 4.13 -20.24 -19.24
CA TRP C 44 5.38 -20.84 -18.76
C TRP C 44 6.05 -20.01 -17.68
N ALA C 45 5.95 -18.68 -17.73
CA ALA C 45 6.57 -17.86 -16.68
C ALA C 45 5.88 -18.10 -15.33
N ASN C 46 4.54 -18.14 -15.33
CA ASN C 46 3.80 -18.47 -14.11
C ASN C 46 4.15 -19.87 -13.62
N PHE C 47 4.18 -20.84 -14.54
CA PHE C 47 4.56 -22.21 -14.17
C PHE C 47 5.93 -22.24 -13.51
N LYS C 48 6.90 -21.54 -14.10
CA LYS C 48 8.25 -21.52 -13.57
C LYS C 48 8.29 -20.91 -12.18
N GLU C 49 7.49 -19.86 -11.95
CA GLU C 49 7.43 -19.24 -10.63
C GLU C 49 7.03 -20.22 -9.52
N MET C 50 6.45 -21.36 -9.86
CA MET C 50 6.09 -22.33 -8.82
C MET C 50 7.29 -22.99 -8.18
N PHE C 51 8.46 -22.98 -8.83
CA PHE C 51 9.55 -23.88 -8.44
C PHE C 51 10.83 -23.15 -8.02
N THR C 52 11.65 -23.83 -7.21
CA THR C 52 13.03 -23.39 -7.00
C THR C 52 13.77 -23.41 -8.34
N PRO C 53 14.85 -22.63 -8.47
CA PRO C 53 15.60 -22.67 -9.74
C PRO C 53 16.17 -24.04 -10.08
N ASP C 54 16.44 -24.87 -9.06
CA ASP C 54 17.05 -26.18 -9.24
C ASP C 54 16.07 -27.34 -9.05
N ALA C 55 14.77 -27.10 -9.20
CA ALA C 55 13.80 -28.15 -8.89
C ALA C 55 13.88 -29.31 -9.88
N ASN C 56 13.60 -30.51 -9.40
CA ASN C 56 13.49 -31.70 -10.24
C ASN C 56 12.03 -32.18 -10.32
N ILE C 57 11.66 -32.66 -11.51
CA ILE C 57 10.30 -33.05 -11.86
C ILE C 57 10.37 -34.44 -12.49
N TRP C 58 9.42 -35.29 -12.16
CA TRP C 58 9.24 -36.56 -12.88
C TRP C 58 7.86 -36.57 -13.52
N THR C 59 7.79 -37.07 -14.76
CA THR C 59 6.56 -37.51 -15.38
C THR C 59 6.78 -38.86 -16.03
N THR C 60 5.67 -39.51 -16.41
CA THR C 60 5.75 -40.80 -17.09
C THR C 60 6.57 -40.72 -18.37
N TRP C 61 6.30 -39.70 -19.19
CA TRP C 61 6.83 -39.57 -20.54
C TRP C 61 8.13 -38.77 -20.61
N SER C 62 8.42 -37.97 -19.58
CA SER C 62 9.66 -37.21 -19.55
C SER C 62 10.71 -37.82 -18.65
N GLY C 63 10.31 -38.71 -17.74
CA GLY C 63 11.23 -39.16 -16.72
C GLY C 63 11.84 -37.97 -16.00
N ALA C 64 13.00 -38.18 -15.38
CA ALA C 64 13.61 -37.13 -14.56
C ALA C 64 13.96 -35.92 -15.41
N GLN C 65 13.63 -34.73 -14.91
CA GLN C 65 13.92 -33.47 -15.59
C GLN C 65 14.21 -32.41 -14.55
N THR C 66 14.92 -31.38 -14.95
CA THR C 66 14.94 -30.16 -14.16
C THR C 66 13.78 -29.28 -14.62
N ILE C 67 13.51 -28.20 -13.87
CA ILE C 67 12.39 -27.35 -14.25
C ILE C 67 12.63 -26.74 -15.64
N ASP C 68 13.85 -26.26 -15.91
CA ASP C 68 14.15 -25.69 -17.22
C ASP C 68 14.01 -26.72 -18.34
N SER C 69 14.63 -27.89 -18.17
CA SER C 69 14.55 -28.91 -19.21
C SER C 69 13.13 -29.45 -19.35
N PHE C 70 12.37 -29.55 -18.25
CA PHE C 70 10.96 -29.94 -18.37
C PHE C 70 10.17 -28.91 -19.17
N ILE C 71 10.41 -27.62 -18.93
CA ILE C 71 9.66 -26.62 -19.69
C ILE C 71 9.99 -26.72 -21.18
N GLN C 72 11.27 -26.88 -21.51
CA GLN C 72 11.65 -27.00 -22.93
C GLN C 72 11.05 -28.25 -23.57
N ILE C 73 11.16 -29.41 -22.90
CA ILE C 73 10.59 -30.63 -23.48
C ILE C 73 9.06 -30.54 -23.56
N SER C 74 8.42 -29.76 -22.67
CA SER C 74 6.98 -29.54 -22.78
C SER C 74 6.63 -28.72 -24.01
N LYS C 75 7.39 -27.65 -24.27
CA LYS C 75 7.14 -26.85 -25.47
C LYS C 75 7.28 -27.70 -26.72
N ASP C 76 8.35 -28.50 -26.79
CA ASP C 76 8.55 -29.39 -27.94
C ASP C 76 7.42 -30.39 -28.08
N GLY C 77 6.92 -30.91 -26.95
CA GLY C 77 5.81 -31.85 -27.02
C GLY C 77 4.57 -31.21 -27.60
N LYS C 78 4.23 -30.01 -27.13
CA LYS C 78 3.08 -29.30 -27.70
C LYS C 78 3.27 -29.08 -29.18
N ASP C 79 4.51 -28.83 -29.61
CA ASP C 79 4.79 -28.70 -31.03
C ASP C 79 4.53 -30.02 -31.78
N LYS C 80 4.84 -31.14 -31.15
CA LYS C 80 4.62 -32.46 -31.73
C LYS C 80 3.19 -32.99 -31.48
N GLY C 81 2.25 -32.12 -31.12
CA GLY C 81 0.89 -32.56 -30.89
C GLY C 81 0.64 -33.31 -29.61
N ALA C 82 1.45 -33.08 -28.57
CA ALA C 82 1.09 -33.56 -27.25
C ALA C 82 0.01 -32.67 -26.67
N PHE C 83 -1.06 -33.29 -26.15
CA PHE C 83 -2.27 -32.58 -25.69
C PHE C 83 -2.70 -33.14 -24.32
N ILE C 84 -2.05 -32.66 -23.26
CA ILE C 84 -2.30 -33.10 -21.89
C ILE C 84 -3.07 -32.01 -21.14
N MET C 85 -4.10 -32.40 -20.40
CA MET C 85 -4.81 -31.46 -19.54
C MET C 85 -4.95 -32.09 -18.16
N HIS C 86 -5.27 -31.27 -17.17
CA HIS C 86 -5.37 -31.79 -15.83
C HIS C 86 -6.66 -31.30 -15.21
N ARG C 87 -7.36 -32.19 -14.53
CA ARG C 87 -8.54 -31.80 -13.76
C ARG C 87 -8.14 -31.90 -12.28
N GLU C 88 -8.00 -30.75 -11.62
CA GLU C 88 -7.65 -30.74 -10.19
C GLU C 88 -8.84 -31.25 -9.38
N CYS C 89 -8.56 -32.16 -8.43
CA CYS C 89 -9.55 -33.07 -7.84
C CYS C 89 -9.53 -33.04 -6.31
N GLY C 90 -8.90 -32.04 -5.69
CA GLY C 90 -8.81 -32.04 -4.25
C GLY C 90 -7.39 -31.83 -3.75
N THR C 91 -7.12 -30.70 -3.10
CA THR C 91 -5.77 -30.28 -2.72
C THR C 91 -5.72 -29.88 -1.26
N LEU C 92 -4.80 -30.49 -0.51
CA LEU C 92 -4.58 -30.17 0.90
C LEU C 92 -3.08 -30.13 1.15
N VAL C 93 -2.69 -29.57 2.29
CA VAL C 93 -1.27 -29.30 2.57
C VAL C 93 -0.92 -29.81 3.96
N ASP C 94 0.25 -30.44 4.09
CA ASP C 94 0.85 -30.77 5.38
C ASP C 94 1.99 -29.80 5.63
N LEU C 95 1.97 -29.10 6.75
CA LEU C 95 2.89 -28.00 7.00
C LEU C 95 3.65 -28.22 8.30
N ASN C 96 4.96 -28.01 8.25
CA ASN C 96 5.82 -28.07 9.44
C ASN C 96 6.47 -26.70 9.60
N PRO C 97 5.96 -25.87 10.51
CA PRO C 97 6.44 -24.48 10.60
C PRO C 97 7.82 -24.37 11.23
N LYS C 98 8.29 -25.40 11.93
CA LYS C 98 9.61 -25.29 12.54
C LYS C 98 10.75 -25.73 11.62
N THR C 99 10.47 -26.55 10.60
CA THR C 99 11.40 -26.71 9.48
C THR C 99 11.05 -25.83 8.29
N GLN C 100 9.88 -25.19 8.32
CA GLN C 100 9.35 -24.43 7.18
C GLN C 100 9.31 -25.29 5.92
N ARG C 101 8.74 -26.48 6.09
CA ARG C 101 8.60 -27.44 4.99
C ARG C 101 7.12 -27.75 4.79
N ALA C 102 6.71 -27.96 3.53
CA ALA C 102 5.33 -28.38 3.28
C ALA C 102 5.32 -29.47 2.21
N ILE C 103 4.37 -30.38 2.36
CA ILE C 103 3.98 -31.32 1.31
C ILE C 103 2.61 -30.89 0.79
N GLY C 104 2.54 -30.52 -0.50
CA GLY C 104 1.26 -30.28 -1.13
C GLY C 104 0.75 -31.56 -1.75
N LYS C 105 -0.43 -32.02 -1.35
CA LYS C 105 -1.06 -33.22 -1.90
C LYS C 105 -2.22 -32.75 -2.80
N MET C 106 -2.07 -32.92 -4.11
CA MET C 106 -3.07 -32.44 -5.06
C MET C 106 -3.59 -33.63 -5.86
N LYS C 107 -4.80 -34.09 -5.56
CA LYS C 107 -5.43 -35.07 -6.44
C LYS C 107 -5.68 -34.46 -7.81
N THR C 108 -5.41 -35.23 -8.87
CA THR C 108 -5.80 -34.82 -10.22
C THR C 108 -6.25 -36.02 -11.01
N THR C 109 -6.87 -35.70 -12.15
CA THR C 109 -6.94 -36.62 -13.28
C THR C 109 -6.10 -36.04 -14.40
N ILE C 110 -5.05 -36.76 -14.79
CA ILE C 110 -4.40 -36.46 -16.05
C ILE C 110 -5.33 -36.91 -17.16
N THR C 111 -5.62 -36.03 -18.12
CA THR C 111 -6.46 -36.41 -19.24
C THR C 111 -5.73 -36.05 -20.54
N GLN C 112 -5.28 -37.07 -21.27
CA GLN C 112 -4.49 -36.82 -22.47
C GLN C 112 -5.25 -37.33 -23.68
N ARG C 113 -5.30 -36.49 -24.72
CA ARG C 113 -6.00 -36.78 -25.97
C ARG C 113 -5.01 -37.37 -26.96
N PHE C 114 -5.30 -38.57 -27.42
CA PHE C 114 -4.48 -39.33 -28.34
C PHE C 114 -5.26 -39.64 -29.61
N GLU C 115 -4.52 -40.07 -30.61
CA GLU C 115 -5.07 -40.63 -31.84
C GLU C 115 -4.29 -41.89 -32.20
N TYR C 116 -5.02 -42.95 -32.53
CA TYR C 116 -4.44 -44.19 -33.05
C TYR C 116 -5.28 -44.65 -34.23
N GLU C 117 -4.63 -44.78 -35.40
CA GLU C 117 -5.30 -45.19 -36.64
C GLU C 117 -6.45 -44.24 -36.98
N GLY C 118 -6.20 -42.94 -36.82
CA GLY C 118 -7.24 -41.95 -37.04
C GLY C 118 -8.39 -41.97 -36.07
N VAL C 119 -8.32 -42.79 -35.03
CA VAL C 119 -9.35 -42.84 -33.98
C VAL C 119 -8.92 -41.93 -32.85
N PRO C 120 -9.77 -41.00 -32.40
CA PRO C 120 -9.44 -40.21 -31.20
C PRO C 120 -9.86 -40.93 -29.93
N PHE C 121 -9.05 -40.77 -28.89
CA PHE C 121 -9.44 -41.27 -27.58
C PHE C 121 -8.73 -40.45 -26.50
N ASP C 122 -9.24 -40.55 -25.28
CA ASP C 122 -8.57 -40.02 -24.11
C ASP C 122 -8.00 -41.18 -23.30
N ILE C 123 -6.89 -40.95 -22.61
CA ILE C 123 -6.56 -41.74 -21.44
C ILE C 123 -6.73 -40.84 -20.22
N ASP C 124 -7.44 -41.34 -19.21
CA ASP C 124 -7.65 -40.61 -17.96
C ASP C 124 -7.02 -41.39 -16.82
N CYS C 125 -6.12 -40.73 -16.09
CA CYS C 125 -5.37 -41.36 -15.02
C CYS C 125 -5.55 -40.55 -13.74
N ASP C 126 -6.24 -41.14 -12.77
CA ASP C 126 -6.38 -40.57 -11.44
C ASP C 126 -5.09 -40.80 -10.66
N ASN C 127 -4.71 -39.78 -9.88
CA ASN C 127 -3.40 -39.75 -9.26
C ASN C 127 -3.39 -38.70 -8.15
N TYR C 128 -2.29 -38.71 -7.39
CA TYR C 128 -1.91 -37.65 -6.44
C TYR C 128 -0.61 -37.01 -6.91
N PHE C 129 -0.64 -35.71 -7.24
CA PHE C 129 0.57 -34.91 -7.44
C PHE C 129 1.15 -34.54 -6.08
N ILE C 130 2.43 -34.82 -5.87
CA ILE C 130 3.07 -34.48 -4.60
C ILE C 130 4.11 -33.40 -4.84
N PHE C 131 3.92 -32.25 -4.19
CA PHE C 131 4.85 -31.12 -4.28
C PHE C 131 5.63 -31.01 -2.98
N PHE C 132 6.95 -31.18 -3.06
CA PHE C 132 7.85 -31.02 -1.91
C PHE C 132 8.28 -29.57 -1.86
N CYS C 133 7.70 -28.79 -0.96
CA CYS C 133 7.91 -27.34 -0.96
C CYS C 133 8.68 -26.89 0.27
N LEU C 134 9.29 -25.71 0.11
CA LEU C 134 9.99 -25.01 1.17
C LEU C 134 9.80 -23.52 0.98
N LYS C 135 10.19 -22.76 2.00
CA LYS C 135 10.11 -21.30 1.99
C LYS C 135 11.50 -20.74 1.68
N ASP C 136 11.62 -19.99 0.58
CA ASP C 136 12.92 -19.54 0.11
C ASP C 136 13.40 -18.29 0.87
N SER C 137 14.50 -17.70 0.39
CA SER C 137 15.16 -16.58 1.06
C SER C 137 14.29 -15.32 1.07
N ASN C 138 13.33 -15.21 0.16
CA ASN C 138 12.40 -14.09 0.16
C ASN C 138 11.11 -14.40 0.90
N GLY C 139 11.02 -15.54 1.57
CA GLY C 139 9.80 -15.97 2.24
C GLY C 139 8.75 -16.57 1.35
N ASP C 140 9.07 -16.87 0.09
CA ASP C 140 8.12 -17.43 -0.85
C ASP C 140 8.16 -18.96 -0.82
N TRP C 141 6.98 -19.56 -0.88
CA TRP C 141 6.88 -21.00 -1.05
C TRP C 141 7.26 -21.38 -2.47
N LYS C 142 8.02 -22.48 -2.60
CA LYS C 142 8.49 -22.98 -3.89
C LYS C 142 8.58 -24.50 -3.82
N ALA C 143 8.32 -25.16 -4.94
CA ALA C 143 8.44 -26.62 -5.00
C ALA C 143 9.88 -26.98 -5.35
N ARG C 144 10.52 -27.80 -4.53
CA ARG C 144 11.87 -28.27 -4.88
C ARG C 144 11.83 -29.63 -5.56
N TRP C 145 10.83 -30.46 -5.26
CA TRP C 145 10.65 -31.74 -5.91
C TRP C 145 9.18 -31.89 -6.29
N TYR C 146 8.93 -32.62 -7.38
CA TYR C 146 7.58 -32.99 -7.80
C TYR C 146 7.61 -34.42 -8.30
N LYS C 147 6.68 -35.24 -7.83
CA LYS C 147 6.54 -36.61 -8.32
C LYS C 147 5.12 -37.07 -7.99
N VAL C 148 4.67 -38.12 -8.66
CA VAL C 148 3.24 -38.45 -8.68
C VAL C 148 3.03 -39.89 -8.21
N PHE C 149 1.99 -40.10 -7.42
CA PHE C 149 1.43 -41.44 -7.18
C PHE C 149 0.40 -41.70 -8.26
N TYR C 150 0.65 -42.69 -9.11
CA TYR C 150 -0.31 -43.05 -10.17
C TYR C 150 -1.23 -44.13 -9.65
N VAL C 151 -2.51 -43.81 -9.46
CA VAL C 151 -3.42 -44.69 -8.75
C VAL C 151 -4.20 -45.58 -9.69
N LYS C 152 -4.91 -45.00 -10.66
CA LYS C 152 -5.66 -45.89 -11.56
C LYS C 152 -5.92 -45.14 -12.85
N ASP C 153 -6.07 -45.88 -13.96
CA ASP C 153 -6.33 -45.20 -15.22
C ASP C 153 -7.30 -46.01 -16.05
N LYS C 154 -7.77 -45.38 -17.12
CA LYS C 154 -8.80 -45.96 -17.95
C LYS C 154 -8.72 -45.40 -19.36
N PHE C 155 -9.19 -46.22 -20.29
CA PHE C 155 -9.41 -45.81 -21.68
C PHE C 155 -10.74 -45.08 -21.78
N VAL C 156 -10.76 -43.99 -22.54
CA VAL C 156 -11.97 -43.18 -22.70
C VAL C 156 -12.27 -42.98 -24.18
N PRO C 157 -13.35 -43.55 -24.70
CA PRO C 157 -13.76 -43.21 -26.07
C PRO C 157 -14.16 -41.74 -26.15
N VAL C 158 -13.71 -41.08 -27.22
CA VAL C 158 -14.09 -39.68 -27.46
C VAL C 158 -15.36 -39.60 -28.30
N GLY C 159 -15.40 -40.37 -29.41
CA GLY C 159 -16.61 -40.53 -30.19
C GLY C 159 -17.49 -41.66 -29.65
N VAL C 160 -18.63 -41.83 -30.33
CA VAL C 160 -19.48 -42.99 -30.01
C VAL C 160 -18.73 -44.26 -30.36
N PRO C 161 -18.81 -45.32 -29.57
CA PRO C 161 -18.06 -46.55 -29.90
C PRO C 161 -18.63 -47.22 -31.15
N THR C 162 -17.72 -47.68 -32.00
CA THR C 162 -18.03 -48.50 -33.17
C THR C 162 -17.23 -49.78 -33.09
N ALA C 163 -17.84 -50.90 -33.49
CA ALA C 163 -17.15 -52.19 -33.42
C ALA C 163 -15.82 -52.15 -34.19
N GLU C 164 -15.78 -51.41 -35.30
CA GLU C 164 -14.55 -51.26 -36.05
C GLU C 164 -13.44 -50.67 -35.18
N ASN C 165 -13.72 -49.52 -34.55
CA ASN C 165 -12.69 -48.87 -33.75
C ASN C 165 -12.40 -49.62 -32.47
N MET C 166 -13.39 -50.29 -31.87
CA MET C 166 -13.12 -51.16 -30.74
C MET C 166 -12.09 -52.23 -31.11
N GLU C 167 -12.25 -52.84 -32.28
CA GLU C 167 -11.30 -53.85 -32.73
C GLU C 167 -9.94 -53.24 -33.00
N LYS C 168 -9.90 -52.11 -33.72
CA LYS C 168 -8.63 -51.49 -34.07
C LYS C 168 -7.84 -51.04 -32.84
N LEU C 169 -8.54 -50.62 -31.78
CA LEU C 169 -7.88 -50.17 -30.56
C LEU C 169 -7.52 -51.32 -29.63
N ALA C 170 -8.27 -52.42 -29.67
CA ALA C 170 -7.81 -53.61 -28.95
C ALA C 170 -6.43 -54.06 -29.42
N LYS C 171 -5.98 -53.59 -30.59
CA LYS C 171 -4.64 -53.93 -31.07
C LYS C 171 -3.57 -53.16 -30.31
N LEU C 172 -3.87 -51.93 -29.89
CA LEU C 172 -2.89 -51.15 -29.14
C LEU C 172 -2.90 -51.51 -27.66
N PHE C 173 -4.07 -51.56 -27.05
CA PHE C 173 -4.16 -51.83 -25.62
C PHE C 173 -4.35 -53.34 -25.37
N SER C 174 -3.34 -54.09 -25.83
CA SER C 174 -3.27 -55.52 -25.62
C SER C 174 -2.83 -55.84 -24.19
N LYS C 175 -3.22 -57.03 -23.72
CA LYS C 175 -2.80 -57.49 -22.41
C LYS C 175 -1.29 -57.40 -22.26
N GLU C 176 -0.56 -57.83 -23.29
CA GLU C 176 0.90 -57.90 -23.18
C GLU C 176 1.53 -56.53 -23.26
N ASN C 177 0.90 -55.58 -23.96
CA ASN C 177 1.41 -54.23 -23.97
C ASN C 177 1.14 -53.52 -22.65
N LEU C 178 -0.06 -53.68 -22.11
CA LEU C 178 -0.39 -53.02 -20.84
C LEU C 178 0.45 -53.56 -19.69
N GLU C 179 0.61 -54.89 -19.62
CA GLU C 179 1.31 -55.49 -18.48
C GLU C 179 2.81 -55.21 -18.45
N GLN C 180 3.36 -54.53 -19.46
CA GLN C 180 4.74 -54.03 -19.36
C GLN C 180 4.88 -53.04 -18.22
N TYR C 181 3.82 -52.34 -17.86
CA TYR C 181 3.91 -51.12 -17.07
C TYR C 181 3.26 -51.27 -15.70
N PRO C 182 3.59 -50.41 -14.74
CA PRO C 182 3.02 -50.52 -13.39
C PRO C 182 1.51 -50.33 -13.39
N TRP C 183 0.81 -51.26 -12.72
CA TRP C 183 -0.63 -51.11 -12.57
C TRP C 183 -0.93 -49.79 -11.86
N GLY C 184 -1.58 -48.88 -12.57
CA GLY C 184 -1.72 -47.53 -12.11
C GLY C 184 -1.62 -46.53 -13.25
N TYR C 185 -0.72 -46.78 -14.20
CA TYR C 185 -0.61 -45.94 -15.38
C TYR C 185 -0.30 -46.77 -16.63
N GLN C 186 -0.87 -47.98 -16.71
CA GLN C 186 -0.64 -48.85 -17.86
C GLN C 186 -1.23 -48.27 -19.15
N TYR C 187 -2.51 -47.86 -19.13
CA TYR C 187 -3.08 -47.33 -20.37
C TYR C 187 -2.39 -46.06 -20.79
N LEU C 188 -2.06 -45.19 -19.82
CA LEU C 188 -1.37 -43.95 -20.13
C LEU C 188 0.01 -44.21 -20.73
N ALA C 189 0.73 -45.20 -20.18
CA ALA C 189 2.07 -45.50 -20.72
C ALA C 189 1.98 -46.10 -22.12
N VAL C 190 1.04 -47.01 -22.34
CA VAL C 190 0.88 -47.57 -23.69
C VAL C 190 0.59 -46.47 -24.69
N ALA C 191 -0.34 -45.57 -24.36
CA ALA C 191 -0.68 -44.49 -25.27
C ALA C 191 0.50 -43.55 -25.51
N GLN C 192 1.21 -43.18 -24.43
CA GLN C 192 2.31 -42.24 -24.60
C GLN C 192 3.48 -42.87 -25.37
N ALA C 193 3.70 -44.18 -25.19
CA ALA C 193 4.77 -44.83 -25.93
C ALA C 193 4.43 -44.93 -27.41
N ASN C 194 3.16 -45.23 -27.73
CA ASN C 194 2.73 -45.18 -29.13
C ASN C 194 2.91 -43.78 -29.72
N LEU C 195 2.89 -42.75 -28.89
CA LEU C 195 3.22 -41.39 -29.30
C LEU C 195 4.72 -41.19 -29.47
N GLY C 196 5.55 -42.16 -29.08
CA GLY C 196 6.97 -42.08 -29.33
C GLY C 196 7.85 -41.67 -28.16
N TYR C 197 7.30 -41.64 -26.93
CA TYR C 197 8.07 -41.29 -25.74
C TYR C 197 8.53 -42.56 -25.02
N PRO C 198 9.72 -42.54 -24.44
CA PRO C 198 10.09 -43.61 -23.50
C PRO C 198 9.33 -43.41 -22.18
N ILE C 199 9.07 -44.51 -21.47
CA ILE C 199 8.25 -44.47 -20.27
C ILE C 199 9.10 -44.77 -19.04
N ASP C 200 9.01 -43.90 -18.03
CA ASP C 200 9.68 -44.15 -16.75
C ASP C 200 8.86 -45.17 -15.96
N LYS C 201 9.44 -46.35 -15.74
CA LYS C 201 8.73 -47.40 -15.02
C LYS C 201 9.00 -47.38 -13.52
N LYS C 202 9.84 -46.47 -13.05
CA LYS C 202 10.18 -46.31 -11.63
C LYS C 202 9.34 -45.23 -10.98
N LEU C 203 8.02 -45.30 -11.11
CA LEU C 203 7.20 -44.28 -10.49
C LEU C 203 6.27 -44.90 -9.47
N PRO C 204 5.91 -44.16 -8.41
CA PRO C 204 5.07 -44.74 -7.35
C PRO C 204 3.64 -44.95 -7.82
N THR C 205 3.06 -46.10 -7.47
CA THR C 205 1.64 -46.35 -7.62
C THR C 205 1.03 -46.63 -6.23
N TRP C 206 -0.18 -47.14 -6.21
CA TRP C 206 -0.76 -47.65 -4.98
C TRP C 206 -0.68 -49.17 -4.91
N LYS C 207 0.08 -49.78 -5.81
CA LYS C 207 0.19 -51.23 -5.85
C LYS C 207 1.63 -51.74 -5.82
N ASN C 208 2.63 -50.90 -6.04
CA ASN C 208 4.01 -51.34 -6.08
C ASN C 208 4.76 -50.90 -4.81
N GLU C 209 6.05 -51.29 -4.74
CA GLU C 209 6.87 -51.02 -3.56
C GLU C 209 7.34 -49.57 -3.45
N LEU C 210 7.42 -48.85 -4.57
CA LEU C 210 7.83 -47.44 -4.50
C LEU C 210 6.79 -46.55 -3.80
N TYR C 211 5.55 -47.00 -3.70
CA TYR C 211 4.61 -46.35 -2.79
C TYR C 211 5.30 -46.03 -1.47
N HIS C 212 5.90 -47.06 -0.85
CA HIS C 212 6.54 -46.85 0.44
C HIS C 212 7.74 -45.93 0.31
N THR C 213 8.57 -46.16 -0.73
CA THR C 213 9.72 -45.29 -0.94
C THR C 213 9.27 -43.84 -1.01
N MET C 214 8.15 -43.61 -1.71
CA MET C 214 7.69 -42.24 -1.89
C MET C 214 7.25 -41.65 -0.55
N TYR C 215 6.43 -42.40 0.20
CA TYR C 215 5.99 -41.86 1.48
C TYR C 215 7.18 -41.60 2.37
N ASP C 216 8.21 -42.47 2.30
CA ASP C 216 9.36 -42.28 3.18
C ASP C 216 10.02 -40.94 2.88
N ALA C 217 10.21 -40.64 1.59
CA ALA C 217 10.79 -39.37 1.22
C ALA C 217 9.92 -38.21 1.70
N MET C 218 8.60 -38.35 1.55
CA MET C 218 7.72 -37.29 2.02
C MET C 218 7.93 -37.07 3.51
N LYS C 219 8.01 -38.14 4.29
CA LYS C 219 8.21 -37.96 5.72
C LYS C 219 9.53 -37.24 5.96
N GLU C 220 10.59 -37.69 5.30
CA GLU C 220 11.88 -37.09 5.54
C GLU C 220 11.90 -35.64 5.11
N TRP C 221 11.11 -35.28 4.08
CA TRP C 221 11.07 -33.88 3.68
C TRP C 221 10.42 -33.03 4.76
N MET C 222 9.37 -33.56 5.38
CA MET C 222 8.69 -32.78 6.42
C MET C 222 9.62 -32.48 7.58
N GLU C 223 10.54 -33.40 7.89
CA GLU C 223 11.43 -33.29 9.03
C GLU C 223 12.64 -32.42 8.77
N GLY C 224 12.69 -31.73 7.63
CA GLY C 224 13.82 -30.86 7.29
C GLY C 224 15.01 -31.55 6.66
N LYS C 225 14.94 -32.84 6.36
CA LYS C 225 16.06 -33.59 5.82
C LYS C 225 16.19 -33.40 4.31
N GLU C 226 17.37 -33.71 3.80
CA GLU C 226 17.59 -33.78 2.35
C GLU C 226 17.08 -35.12 1.84
N ILE C 227 16.55 -35.11 0.62
CA ILE C 227 16.03 -36.31 -0.01
C ILE C 227 16.61 -36.41 -1.42
N ASP C 228 16.36 -37.56 -2.06
CA ASP C 228 16.86 -37.78 -3.41
C ASP C 228 15.87 -38.70 -4.11
N LEU C 229 15.13 -38.18 -5.10
CA LEU C 229 14.13 -38.99 -5.80
C LEU C 229 14.66 -39.64 -7.07
N HIS C 230 15.98 -39.61 -7.29
CA HIS C 230 16.58 -40.27 -8.46
C HIS C 230 16.78 -41.77 -8.18
N TRP C 231 15.65 -42.48 -8.20
CA TRP C 231 15.61 -43.90 -7.85
C TRP C 231 16.19 -44.83 -8.93
N GLU D 6 -34.01 35.21 -11.83
CA GLU D 6 -33.48 33.86 -11.60
C GLU D 6 -32.08 33.70 -12.20
N PRO D 7 -31.06 33.55 -11.34
CA PRO D 7 -29.68 33.45 -11.84
C PRO D 7 -29.31 32.07 -12.35
N TRP D 8 -29.93 31.01 -11.84
CA TRP D 8 -29.58 29.62 -12.17
C TRP D 8 -30.78 28.92 -12.79
N PRO D 9 -31.16 29.29 -14.03
CA PRO D 9 -32.39 28.73 -14.61
C PRO D 9 -32.22 27.32 -15.16
N GLN D 10 -31.06 26.99 -15.72
CA GLN D 10 -30.83 25.64 -16.21
C GLN D 10 -30.40 24.74 -15.05
N LEU D 11 -31.11 23.63 -14.89
CA LEU D 11 -30.87 22.71 -13.79
C LEU D 11 -29.92 21.60 -14.22
N TYR D 12 -28.99 21.27 -13.35
CA TYR D 12 -28.15 20.11 -13.54
C TYR D 12 -28.40 19.15 -12.39
N SER D 13 -27.51 18.21 -12.14
CA SER D 13 -27.61 17.32 -11.00
C SER D 13 -27.24 18.05 -9.72
N HIS D 14 -28.17 18.16 -8.77
CA HIS D 14 -27.86 18.82 -7.51
C HIS D 14 -28.53 18.22 -6.29
N LEU D 15 -29.56 17.39 -6.45
CA LEU D 15 -30.21 16.67 -5.37
C LEU D 15 -30.63 15.31 -5.91
N ASN D 16 -30.70 14.32 -5.02
CA ASN D 16 -31.06 12.95 -5.42
C ASN D 16 -30.13 12.47 -6.55
N GLY D 17 -30.67 11.93 -7.67
CA GLY D 17 -29.83 11.34 -8.71
C GLY D 17 -29.33 9.93 -8.41
N THR D 18 -28.49 9.42 -9.32
CA THR D 18 -27.93 8.09 -9.15
C THR D 18 -26.91 8.08 -8.01
N ASN D 19 -26.54 6.86 -7.59
CA ASN D 19 -25.54 6.75 -6.54
C ASN D 19 -24.21 7.35 -6.97
N GLU D 20 -23.86 7.19 -8.26
CA GLU D 20 -22.63 7.80 -8.76
C GLU D 20 -22.71 9.33 -8.75
N GLU D 21 -23.86 9.88 -9.12
CA GLU D 21 -24.00 11.34 -9.06
C GLU D 21 -23.89 11.85 -7.63
N VAL D 22 -24.53 11.17 -6.68
CA VAL D 22 -24.42 11.58 -5.28
C VAL D 22 -22.96 11.55 -4.84
N LEU D 23 -22.24 10.47 -5.17
CA LEU D 23 -20.86 10.33 -4.72
C LEU D 23 -19.96 11.40 -5.36
N ASP D 24 -20.20 11.75 -6.62
CA ASP D 24 -19.46 12.86 -7.22
C ASP D 24 -19.77 14.20 -6.53
N ARG D 25 -21.04 14.47 -6.23
CA ARG D 25 -21.36 15.69 -5.48
C ARG D 25 -20.72 15.68 -4.08
N MET D 26 -20.64 14.52 -3.43
CA MET D 26 -19.96 14.46 -2.13
C MET D 26 -18.48 14.82 -2.29
N LYS D 27 -17.83 14.23 -3.30
CA LYS D 27 -16.39 14.48 -3.50
C LYS D 27 -16.10 15.95 -3.80
N VAL D 28 -16.98 16.59 -4.58
CA VAL D 28 -16.78 18.02 -4.87
C VAL D 28 -17.02 18.86 -3.62
N ALA D 29 -18.03 18.51 -2.81
CA ALA D 29 -18.26 19.26 -1.58
C ALA D 29 -17.07 19.18 -0.64
N GLU D 30 -16.48 17.98 -0.48
CA GLU D 30 -15.29 17.81 0.36
C GLU D 30 -14.15 18.70 -0.13
N LEU D 31 -13.91 18.64 -1.45
CA LEU D 31 -12.88 19.49 -2.07
C LEU D 31 -13.06 20.95 -1.64
N CYS D 32 -14.26 21.50 -1.83
CA CYS D 32 -14.47 22.91 -1.46
C CYS D 32 -14.17 23.16 0.01
N LYS D 33 -14.64 22.27 0.90
CA LYS D 33 -14.42 22.49 2.33
C LYS D 33 -12.94 22.47 2.69
N GLY D 34 -12.11 21.89 1.83
CA GLY D 34 -10.67 21.90 2.07
C GLY D 34 -10.10 23.31 2.27
N TRP D 35 -10.74 24.32 1.69
CA TRP D 35 -10.27 25.68 1.90
C TRP D 35 -10.32 26.04 3.39
N SER D 36 -11.48 25.87 4.00
CA SER D 36 -11.62 26.20 5.41
C SER D 36 -10.80 25.25 6.30
N VAL D 37 -10.78 23.94 6.00
CA VAL D 37 -10.08 23.05 6.93
C VAL D 37 -8.56 23.18 6.78
N TYR D 38 -8.05 23.20 5.54
CA TYR D 38 -6.60 23.11 5.33
C TYR D 38 -5.92 24.46 5.30
N ARG D 39 -6.49 25.48 4.64
CA ARG D 39 -5.77 26.75 4.59
C ARG D 39 -5.68 27.38 5.96
N ASP D 40 -6.77 27.35 6.73
CA ASP D 40 -6.73 27.89 8.09
C ASP D 40 -5.60 27.25 8.89
N ALA D 41 -5.46 25.94 8.79
CA ALA D 41 -4.50 25.20 9.61
C ALA D 41 -3.12 25.10 8.97
N SER D 42 -2.90 25.80 7.85
CA SER D 42 -1.65 25.73 7.10
C SER D 42 -1.28 24.31 6.69
N GLU D 43 -2.27 23.47 6.39
CA GLU D 43 -2.00 22.13 5.85
C GLU D 43 -1.85 22.26 4.33
N TRP D 44 -0.67 22.73 3.92
CA TRP D 44 -0.52 23.19 2.55
C TRP D 44 -0.54 22.05 1.55
N ALA D 45 0.00 20.86 1.88
CA ALA D 45 -0.01 19.75 0.94
C ALA D 45 -1.44 19.21 0.74
N ASN D 46 -2.19 19.12 1.84
CA ASN D 46 -3.61 18.80 1.74
C ASN D 46 -4.35 19.82 0.85
N PHE D 47 -4.15 21.12 1.15
CA PHE D 47 -4.74 22.19 0.35
C PHE D 47 -4.41 22.07 -1.14
N LYS D 48 -3.12 21.85 -1.45
CA LYS D 48 -2.71 21.82 -2.85
C LYS D 48 -3.42 20.74 -3.64
N GLU D 49 -3.70 19.59 -3.00
CA GLU D 49 -4.42 18.53 -3.72
C GLU D 49 -5.83 18.94 -4.18
N MET D 50 -6.37 20.05 -3.70
CA MET D 50 -7.70 20.47 -4.16
C MET D 50 -7.70 20.95 -5.61
N PHE D 51 -6.55 21.35 -6.15
CA PHE D 51 -6.50 22.17 -7.36
C PHE D 51 -5.79 21.45 -8.50
N THR D 52 -6.16 21.79 -9.74
CA THR D 52 -5.35 21.37 -10.87
C THR D 52 -3.98 22.05 -10.79
N PRO D 53 -2.96 21.49 -11.44
CA PRO D 53 -1.64 22.15 -11.38
C PRO D 53 -1.67 23.58 -11.85
N ASP D 54 -2.51 23.89 -12.84
CA ASP D 54 -2.58 25.20 -13.46
C ASP D 54 -3.72 26.05 -12.91
N ALA D 55 -4.23 25.73 -11.72
CA ALA D 55 -5.37 26.45 -11.16
C ALA D 55 -5.03 27.92 -10.91
N ASN D 56 -6.03 28.78 -11.07
CA ASN D 56 -5.96 30.19 -10.70
C ASN D 56 -6.98 30.52 -9.62
N ILE D 57 -6.55 31.37 -8.68
CA ILE D 57 -7.29 31.74 -7.47
C ILE D 57 -7.39 33.26 -7.39
N TRP D 58 -8.53 33.76 -6.92
CA TRP D 58 -8.68 35.19 -6.60
C TRP D 58 -9.04 35.36 -5.13
N THR D 59 -8.38 36.31 -4.47
CA THR D 59 -8.83 36.83 -3.19
C THR D 59 -8.78 38.34 -3.23
N THR D 60 -9.40 38.97 -2.23
CA THR D 60 -9.34 40.44 -2.13
C THR D 60 -7.92 40.93 -1.97
N TRP D 61 -7.13 40.28 -1.10
CA TRP D 61 -5.83 40.80 -0.72
C TRP D 61 -4.72 40.35 -1.64
N SER D 62 -4.96 39.34 -2.47
CA SER D 62 -3.95 38.82 -3.39
C SER D 62 -4.25 39.10 -4.85
N GLY D 63 -5.51 39.36 -5.20
CA GLY D 63 -5.91 39.34 -6.60
C GLY D 63 -5.59 37.99 -7.22
N ALA D 64 -5.45 38.01 -8.55
CA ALA D 64 -5.23 36.79 -9.33
C ALA D 64 -3.89 36.12 -8.99
N GLN D 65 -3.93 34.80 -8.78
CA GLN D 65 -2.73 34.04 -8.45
C GLN D 65 -2.81 32.65 -9.06
N THR D 66 -1.66 32.05 -9.32
CA THR D 66 -1.65 30.60 -9.52
C THR D 66 -1.76 29.93 -8.16
N ILE D 67 -2.08 28.63 -8.18
CA ILE D 67 -2.13 27.90 -6.91
C ILE D 67 -0.78 27.91 -6.23
N ASP D 68 0.31 27.74 -6.99
CA ASP D 68 1.64 27.75 -6.36
C ASP D 68 1.97 29.12 -5.78
N SER D 69 1.66 30.18 -6.52
CA SER D 69 1.99 31.52 -6.02
C SER D 69 1.04 31.92 -4.91
N PHE D 70 -0.23 31.49 -4.98
CA PHE D 70 -1.13 31.74 -3.86
C PHE D 70 -0.60 31.09 -2.58
N ILE D 71 -0.15 29.83 -2.66
CA ILE D 71 0.39 29.18 -1.46
C ILE D 71 1.58 29.95 -0.94
N GLN D 72 2.46 30.42 -1.83
CA GLN D 72 3.67 31.09 -1.34
C GLN D 72 3.31 32.39 -0.61
N ILE D 73 2.46 33.23 -1.21
CA ILE D 73 2.13 34.48 -0.55
C ILE D 73 1.26 34.24 0.68
N SER D 74 0.52 33.12 0.74
CA SER D 74 -0.19 32.80 1.97
C SER D 74 0.80 32.49 3.08
N LYS D 75 1.84 31.71 2.77
CA LYS D 75 2.90 31.49 3.75
C LYS D 75 3.54 32.80 4.17
N ASP D 76 3.87 33.66 3.21
CA ASP D 76 4.49 34.95 3.51
C ASP D 76 3.59 35.82 4.41
N GLY D 77 2.27 35.66 4.31
CA GLY D 77 1.37 36.44 5.15
C GLY D 77 1.51 36.18 6.63
N LYS D 78 2.02 35.00 7.01
CA LYS D 78 2.07 34.61 8.41
C LYS D 78 2.82 35.63 9.25
N ASP D 79 4.03 36.02 8.83
CA ASP D 79 4.80 36.98 9.59
C ASP D 79 4.54 38.43 9.16
N LYS D 80 3.68 38.65 8.16
CA LYS D 80 3.10 39.96 7.93
C LYS D 80 1.83 40.18 8.76
N GLY D 81 1.49 39.25 9.64
CA GLY D 81 0.38 39.43 10.55
C GLY D 81 -0.98 39.12 9.97
N ALA D 82 -1.05 38.34 8.91
CA ALA D 82 -2.32 37.92 8.35
C ALA D 82 -2.79 36.67 9.08
N PHE D 83 -3.96 36.76 9.72
CA PHE D 83 -4.58 35.65 10.46
C PHE D 83 -6.03 35.53 9.99
N ILE D 84 -6.24 34.72 8.93
CA ILE D 84 -7.52 34.59 8.25
C ILE D 84 -8.09 33.20 8.55
N MET D 85 -9.35 33.15 8.93
CA MET D 85 -10.03 31.88 9.12
C MET D 85 -11.35 31.92 8.36
N HIS D 86 -11.99 30.78 8.26
CA HIS D 86 -13.20 30.67 7.47
C HIS D 86 -14.14 29.77 8.24
N ARG D 87 -15.41 30.14 8.28
CA ARG D 87 -16.43 29.28 8.86
C ARG D 87 -17.27 28.80 7.68
N GLU D 88 -17.19 27.53 7.35
CA GLU D 88 -18.03 27.01 6.27
C GLU D 88 -19.49 26.93 6.73
N CYS D 89 -20.41 27.44 5.94
CA CYS D 89 -21.77 27.41 6.47
C CYS D 89 -22.80 27.15 5.39
N GLY D 90 -22.50 26.16 4.53
CA GLY D 90 -23.48 25.61 3.63
C GLY D 90 -22.90 25.34 2.26
N THR D 91 -22.75 24.07 1.88
CA THR D 91 -22.06 23.72 0.64
C THR D 91 -22.91 22.74 -0.16
N LEU D 92 -23.21 23.12 -1.40
CA LEU D 92 -23.89 22.23 -2.33
C LEU D 92 -23.17 22.30 -3.67
N VAL D 93 -23.53 21.40 -4.58
CA VAL D 93 -22.80 21.19 -5.82
C VAL D 93 -23.79 21.11 -6.99
N ASP D 94 -23.47 21.79 -8.10
CA ASP D 94 -24.15 21.55 -9.37
C ASP D 94 -23.27 20.68 -10.24
N LEU D 95 -23.79 19.56 -10.69
CA LEU D 95 -22.99 18.58 -11.42
C LEU D 95 -23.54 18.38 -12.82
N ASN D 96 -22.65 18.41 -13.83
CA ASN D 96 -23.01 18.01 -15.19
C ASN D 96 -22.22 16.75 -15.53
N PRO D 97 -22.85 15.57 -15.41
CA PRO D 97 -22.15 14.32 -15.68
C PRO D 97 -21.76 14.14 -17.14
N LYS D 98 -22.42 14.82 -18.08
CA LYS D 98 -22.07 14.64 -19.48
C LYS D 98 -20.76 15.32 -19.81
N THR D 99 -20.48 16.47 -19.22
CA THR D 99 -19.18 17.15 -19.39
C THR D 99 -18.19 16.87 -18.27
N GLN D 100 -18.63 16.22 -17.18
CA GLN D 100 -17.82 16.02 -15.98
C GLN D 100 -17.37 17.36 -15.45
N ARG D 101 -18.28 18.32 -15.46
CA ARG D 101 -17.99 19.62 -14.90
C ARG D 101 -18.83 19.81 -13.64
N ALA D 102 -18.31 20.54 -12.67
CA ALA D 102 -19.15 20.84 -11.51
C ALA D 102 -18.89 22.24 -11.00
N ILE D 103 -19.89 22.83 -10.39
CA ILE D 103 -19.75 24.09 -9.67
C ILE D 103 -19.96 23.78 -8.20
N GLY D 104 -18.94 24.03 -7.38
CA GLY D 104 -19.08 23.96 -5.93
C GLY D 104 -19.45 25.30 -5.34
N LYS D 105 -20.61 25.39 -4.65
CA LYS D 105 -21.07 26.62 -4.02
C LYS D 105 -20.93 26.43 -2.52
N MET D 106 -19.93 27.09 -1.92
CA MET D 106 -19.70 26.93 -0.49
C MET D 106 -19.88 28.28 0.19
N LYS D 107 -20.96 28.45 0.95
CA LYS D 107 -21.11 29.64 1.78
C LYS D 107 -20.06 29.63 2.88
N THR D 108 -19.49 30.80 3.14
CA THR D 108 -18.58 30.91 4.28
C THR D 108 -18.75 32.28 4.92
N THR D 109 -18.19 32.37 6.12
CA THR D 109 -17.80 33.64 6.72
C THR D 109 -16.27 33.68 6.77
N ILE D 110 -15.67 34.60 6.02
CA ILE D 110 -14.27 34.97 6.25
C ILE D 110 -14.18 35.71 7.57
N THR D 111 -13.33 35.23 8.48
CA THR D 111 -13.17 35.92 9.76
C THR D 111 -11.69 36.20 9.96
N GLN D 112 -11.32 37.48 9.93
CA GLN D 112 -9.91 37.84 9.94
C GLN D 112 -9.62 38.69 11.17
N ARG D 113 -8.58 38.28 11.92
CA ARG D 113 -8.22 38.97 13.16
C ARG D 113 -7.16 40.04 12.85
N PHE D 114 -7.37 41.25 13.40
CA PHE D 114 -6.60 42.45 13.11
C PHE D 114 -6.26 43.14 14.42
N GLU D 115 -5.41 44.16 14.32
CA GLU D 115 -5.08 45.06 15.42
C GLU D 115 -4.96 46.48 14.88
N TYR D 116 -5.50 47.45 15.62
CA TYR D 116 -5.37 48.86 15.27
C TYR D 116 -5.17 49.65 16.56
N GLU D 117 -4.03 50.36 16.65
CA GLU D 117 -3.68 51.17 17.82
C GLU D 117 -3.82 50.37 19.11
N GLY D 118 -3.34 49.12 19.08
CA GLY D 118 -3.36 48.28 20.25
C GLY D 118 -4.69 47.65 20.60
N VAL D 119 -5.70 47.80 19.76
CA VAL D 119 -7.01 47.19 20.01
C VAL D 119 -7.21 46.08 18.99
N PRO D 120 -7.50 44.86 19.42
CA PRO D 120 -7.74 43.77 18.46
C PRO D 120 -9.21 43.75 18.05
N PHE D 121 -9.44 43.25 16.83
CA PHE D 121 -10.81 43.12 16.35
C PHE D 121 -10.86 42.14 15.20
N ASP D 122 -12.05 41.60 14.94
CA ASP D 122 -12.29 40.78 13.76
C ASP D 122 -13.04 41.59 12.71
N ILE D 123 -12.80 41.30 11.45
CA ILE D 123 -13.76 41.60 10.39
C ILE D 123 -14.39 40.28 9.97
N ASP D 124 -15.73 40.25 9.92
CA ASP D 124 -16.44 39.05 9.45
C ASP D 124 -17.20 39.37 8.17
N CYS D 125 -16.94 38.59 7.10
CA CYS D 125 -17.54 38.77 5.79
C CYS D 125 -18.22 37.49 5.31
N ASP D 126 -19.55 37.54 5.19
CA ASP D 126 -20.33 36.45 4.59
C ASP D 126 -20.28 36.49 3.06
N ASN D 127 -20.22 35.30 2.46
CA ASN D 127 -19.85 35.21 1.05
C ASN D 127 -20.21 33.82 0.53
N TYR D 128 -20.02 33.65 -0.79
CA TYR D 128 -20.13 32.38 -1.49
C TYR D 128 -18.81 32.12 -2.20
N PHE D 129 -18.08 31.09 -1.77
CA PHE D 129 -16.91 30.58 -2.49
C PHE D 129 -17.40 29.73 -3.65
N ILE D 130 -16.88 29.99 -4.85
CA ILE D 130 -17.29 29.24 -6.04
C ILE D 130 -16.08 28.48 -6.54
N PHE D 131 -16.17 27.15 -6.58
CA PHE D 131 -15.11 26.30 -7.09
C PHE D 131 -15.54 25.78 -8.45
N PHE D 132 -14.77 26.07 -9.49
CA PHE D 132 -15.03 25.58 -10.85
C PHE D 132 -14.26 24.28 -10.99
N CYS D 133 -14.95 23.13 -10.89
CA CYS D 133 -14.27 21.85 -10.79
C CYS D 133 -14.47 21.02 -12.06
N LEU D 134 -13.56 20.09 -12.27
CA LEU D 134 -13.67 19.15 -13.37
C LEU D 134 -13.01 17.86 -12.93
N LYS D 135 -13.43 16.77 -13.55
CA LYS D 135 -12.73 15.50 -13.35
C LYS D 135 -11.49 15.52 -14.21
N ASP D 136 -10.34 15.23 -13.62
CA ASP D 136 -9.13 15.22 -14.43
C ASP D 136 -9.01 13.87 -15.12
N SER D 137 -7.93 13.68 -15.87
CA SER D 137 -7.82 12.47 -16.68
C SER D 137 -7.62 11.21 -15.85
N ASN D 138 -7.29 11.32 -14.57
CA ASN D 138 -7.30 10.19 -13.65
C ASN D 138 -8.66 9.96 -12.98
N GLY D 139 -9.66 10.75 -13.34
CA GLY D 139 -10.95 10.68 -12.69
C GLY D 139 -11.04 11.36 -11.34
N ASP D 140 -10.08 12.23 -10.98
CA ASP D 140 -10.14 12.93 -9.71
C ASP D 140 -10.77 14.30 -9.91
N TRP D 141 -11.69 14.67 -9.02
CA TRP D 141 -12.21 16.03 -9.03
C TRP D 141 -11.13 17.01 -8.60
N LYS D 142 -11.01 18.11 -9.35
CA LYS D 142 -10.03 19.15 -9.09
C LYS D 142 -10.65 20.49 -9.42
N ALA D 143 -10.27 21.52 -8.67
CA ALA D 143 -10.71 22.87 -8.98
C ALA D 143 -9.71 23.52 -9.92
N ARG D 144 -10.20 24.06 -11.03
CA ARG D 144 -9.39 24.82 -11.97
C ARG D 144 -9.48 26.32 -11.74
N TRP D 145 -10.61 26.79 -11.23
CA TRP D 145 -10.81 28.20 -10.94
C TRP D 145 -11.49 28.33 -9.60
N TYR D 146 -11.18 29.42 -8.91
CA TYR D 146 -11.79 29.77 -7.63
C TYR D 146 -12.00 31.28 -7.61
N LYS D 147 -13.23 31.71 -7.33
CA LYS D 147 -13.51 33.13 -7.11
C LYS D 147 -14.75 33.24 -6.22
N VAL D 148 -14.94 34.42 -5.64
CA VAL D 148 -15.84 34.61 -4.50
C VAL D 148 -16.89 35.68 -4.81
N PHE D 149 -18.15 35.43 -4.45
CA PHE D 149 -19.15 36.48 -4.29
C PHE D 149 -19.07 37.01 -2.86
N TYR D 150 -18.77 38.28 -2.68
CA TYR D 150 -18.75 38.88 -1.35
C TYR D 150 -20.09 39.54 -1.08
N VAL D 151 -20.80 39.07 -0.05
CA VAL D 151 -22.19 39.46 0.17
C VAL D 151 -22.31 40.56 1.20
N LYS D 152 -21.78 40.36 2.41
CA LYS D 152 -21.94 41.42 3.41
C LYS D 152 -20.87 41.27 4.47
N ASP D 153 -20.51 42.36 5.11
CA ASP D 153 -19.48 42.24 6.13
C ASP D 153 -19.77 43.18 7.28
N LYS D 154 -19.03 42.98 8.37
CA LYS D 154 -19.29 43.68 9.62
C LYS D 154 -18.02 43.76 10.43
N PHE D 155 -17.99 44.77 11.33
CA PHE D 155 -16.96 44.92 12.34
C PHE D 155 -17.31 44.07 13.55
N VAL D 156 -16.31 43.42 14.14
CA VAL D 156 -16.57 42.53 15.25
C VAL D 156 -15.63 42.85 16.40
N PRO D 157 -16.13 43.36 17.52
CA PRO D 157 -15.26 43.60 18.68
C PRO D 157 -14.82 42.29 19.31
N VAL D 158 -13.57 42.23 19.72
CA VAL D 158 -13.02 41.03 20.34
C VAL D 158 -13.17 41.10 21.85
N GLY D 159 -12.70 42.19 22.46
CA GLY D 159 -12.87 42.38 23.89
C GLY D 159 -14.16 43.09 24.23
N VAL D 160 -14.36 43.31 25.52
CA VAL D 160 -15.49 44.13 25.96
C VAL D 160 -15.32 45.53 25.41
N PRO D 161 -16.33 46.13 24.78
CA PRO D 161 -16.16 47.47 24.20
C PRO D 161 -15.81 48.50 25.26
N THR D 162 -15.10 49.54 24.83
CA THR D 162 -14.75 50.67 25.69
C THR D 162 -14.88 51.95 24.85
N ALA D 163 -15.19 53.06 25.54
CA ALA D 163 -15.31 54.33 24.86
C ALA D 163 -14.03 54.68 24.11
N GLU D 164 -12.86 54.39 24.73
CA GLU D 164 -11.59 54.71 24.10
C GLU D 164 -11.39 53.94 22.81
N ASN D 165 -11.71 52.64 22.81
CA ASN D 165 -11.47 51.82 21.64
C ASN D 165 -12.46 52.14 20.51
N MET D 166 -13.72 52.43 20.85
CA MET D 166 -14.65 52.95 19.84
C MET D 166 -14.09 54.21 19.20
N GLU D 167 -13.63 55.15 20.04
CA GLU D 167 -12.96 56.35 19.57
C GLU D 167 -11.85 56.01 18.58
N LYS D 168 -10.92 55.13 18.97
CA LYS D 168 -9.76 54.86 18.12
C LYS D 168 -10.16 54.20 16.80
N LEU D 169 -11.12 53.26 16.84
CA LEU D 169 -11.43 52.48 15.65
C LEU D 169 -12.29 53.26 14.66
N ALA D 170 -13.12 54.18 15.14
CA ALA D 170 -13.88 55.02 14.21
C ALA D 170 -12.97 55.75 13.23
N LYS D 171 -11.70 55.99 13.62
CA LYS D 171 -10.76 56.62 12.72
C LYS D 171 -10.47 55.74 11.50
N LEU D 172 -10.30 54.43 11.71
CA LEU D 172 -10.00 53.54 10.59
C LEU D 172 -11.22 53.31 9.71
N PHE D 173 -12.33 52.89 10.31
CA PHE D 173 -13.53 52.57 9.55
C PHE D 173 -14.43 53.81 9.39
N SER D 174 -13.83 54.81 8.75
CA SER D 174 -14.55 55.99 8.27
C SER D 174 -15.36 55.64 7.01
N LYS D 175 -16.39 56.45 6.76
CA LYS D 175 -17.17 56.25 5.54
C LYS D 175 -16.36 56.57 4.29
N GLU D 176 -15.46 57.55 4.40
CA GLU D 176 -14.61 57.87 3.25
C GLU D 176 -13.70 56.70 2.88
N ASN D 177 -13.14 56.02 3.88
CA ASN D 177 -12.28 54.86 3.62
C ASN D 177 -13.09 53.66 3.14
N LEU D 178 -14.30 53.48 3.69
CA LEU D 178 -15.12 52.33 3.30
C LEU D 178 -15.64 52.47 1.86
N GLU D 179 -15.97 53.70 1.46
CA GLU D 179 -16.60 53.94 0.15
C GLU D 179 -15.70 53.64 -1.03
N GLN D 180 -14.38 53.53 -0.83
CA GLN D 180 -13.48 53.17 -1.92
C GLN D 180 -13.75 51.78 -2.48
N TYR D 181 -14.46 50.94 -1.73
CA TYR D 181 -14.50 49.52 -2.01
C TYR D 181 -15.93 49.07 -2.28
N PRO D 182 -16.11 48.00 -3.07
CA PRO D 182 -17.47 47.55 -3.39
C PRO D 182 -18.22 47.15 -2.11
N TRP D 183 -19.49 47.56 -2.04
CA TRP D 183 -20.33 47.16 -0.90
C TRP D 183 -20.45 45.65 -0.88
N GLY D 184 -20.09 45.05 0.25
CA GLY D 184 -19.97 43.62 0.32
C GLY D 184 -18.70 43.22 1.05
N TYR D 185 -17.59 43.89 0.75
CA TYR D 185 -16.34 43.63 1.45
C TYR D 185 -15.62 44.91 1.82
N GLN D 186 -16.36 45.93 2.26
CA GLN D 186 -15.75 47.23 2.54
C GLN D 186 -14.93 47.20 3.83
N TYR D 187 -15.49 46.69 4.92
CA TYR D 187 -14.70 46.58 6.14
C TYR D 187 -13.49 45.68 5.95
N LEU D 188 -13.70 44.56 5.24
CA LEU D 188 -12.58 43.65 5.00
C LEU D 188 -11.49 44.33 4.17
N ALA D 189 -11.88 45.05 3.11
CA ALA D 189 -10.86 45.72 2.30
C ALA D 189 -10.12 46.78 3.11
N VAL D 190 -10.84 47.56 3.93
CA VAL D 190 -10.18 48.58 4.74
C VAL D 190 -9.15 47.95 5.68
N ALA D 191 -9.56 46.90 6.38
CA ALA D 191 -8.65 46.29 7.35
C ALA D 191 -7.48 45.61 6.67
N GLN D 192 -7.68 45.00 5.51
CA GLN D 192 -6.56 44.38 4.82
C GLN D 192 -5.64 45.40 4.18
N ALA D 193 -6.19 46.53 3.74
CA ALA D 193 -5.36 47.61 3.21
C ALA D 193 -4.47 48.15 4.32
N ASN D 194 -5.06 48.40 5.49
CA ASN D 194 -4.28 48.84 6.64
C ASN D 194 -3.22 47.82 7.06
N LEU D 195 -3.40 46.55 6.70
CA LEU D 195 -2.36 45.56 6.87
C LEU D 195 -1.25 45.68 5.82
N GLY D 196 -1.47 46.48 4.78
CA GLY D 196 -0.45 46.74 3.77
C GLY D 196 -0.71 46.13 2.41
N TYR D 197 -1.87 45.43 2.22
CA TYR D 197 -2.10 44.75 0.96
C TYR D 197 -2.79 45.66 -0.05
N PRO D 198 -2.52 45.49 -1.35
CA PRO D 198 -3.37 46.08 -2.38
C PRO D 198 -4.67 45.30 -2.48
N ILE D 199 -5.78 46.00 -2.74
CA ILE D 199 -7.10 45.37 -2.79
C ILE D 199 -7.52 45.18 -4.24
N ASP D 200 -8.05 44.00 -4.56
CA ASP D 200 -8.69 43.79 -5.86
C ASP D 200 -10.11 44.30 -5.75
N LYS D 201 -10.37 45.47 -6.34
CA LYS D 201 -11.67 46.10 -6.23
C LYS D 201 -12.65 45.59 -7.28
N LYS D 202 -12.27 44.56 -8.04
CA LYS D 202 -13.17 44.02 -9.06
C LYS D 202 -13.57 42.59 -8.77
N LEU D 203 -14.06 42.33 -7.58
CA LEU D 203 -14.57 41.01 -7.27
C LEU D 203 -16.09 41.04 -7.23
N PRO D 204 -16.76 39.94 -7.59
CA PRO D 204 -18.22 39.95 -7.64
C PRO D 204 -18.83 40.13 -6.25
N THR D 205 -19.92 40.87 -6.19
CA THR D 205 -20.76 40.98 -5.00
C THR D 205 -22.18 40.64 -5.40
N TRP D 206 -23.09 40.76 -4.44
CA TRP D 206 -24.50 40.68 -4.76
C TRP D 206 -25.10 42.05 -5.08
N LYS D 207 -24.27 43.07 -5.31
CA LYS D 207 -24.78 44.37 -5.69
C LYS D 207 -24.18 44.96 -6.96
N ASN D 208 -23.05 44.45 -7.45
CA ASN D 208 -22.43 45.02 -8.64
C ASN D 208 -22.71 44.16 -9.88
N GLU D 209 -22.28 44.68 -11.02
CA GLU D 209 -22.49 44.07 -12.32
C GLU D 209 -21.71 42.78 -12.50
N LEU D 210 -20.54 42.67 -11.85
CA LEU D 210 -19.75 41.45 -11.93
C LEU D 210 -20.53 40.23 -11.45
N TYR D 211 -21.56 40.43 -10.63
CA TYR D 211 -22.45 39.34 -10.26
C TYR D 211 -22.86 38.55 -11.49
N HIS D 212 -23.37 39.26 -12.51
CA HIS D 212 -23.82 38.58 -13.71
C HIS D 212 -22.65 37.97 -14.46
N THR D 213 -21.54 38.72 -14.58
CA THR D 213 -20.35 38.16 -15.21
C THR D 213 -19.99 36.83 -14.56
N MET D 214 -20.05 36.77 -13.22
CA MET D 214 -19.66 35.56 -12.53
C MET D 214 -20.60 34.42 -12.90
N TYR D 215 -21.91 34.67 -12.83
CA TYR D 215 -22.86 33.60 -13.12
C TYR D 215 -22.75 33.17 -14.57
N ASP D 216 -22.41 34.11 -15.47
CA ASP D 216 -22.25 33.74 -16.87
C ASP D 216 -21.12 32.73 -17.00
N ALA D 217 -19.99 32.99 -16.35
CA ALA D 217 -18.88 32.06 -16.41
C ALA D 217 -19.28 30.72 -15.82
N MET D 218 -20.08 30.74 -14.74
CA MET D 218 -20.44 29.47 -14.11
C MET D 218 -21.24 28.64 -15.07
N LYS D 219 -22.16 29.28 -15.81
CA LYS D 219 -22.96 28.52 -16.75
C LYS D 219 -22.10 27.98 -17.88
N GLU D 220 -21.16 28.81 -18.37
CA GLU D 220 -20.32 28.33 -19.46
C GLU D 220 -19.43 27.21 -18.98
N TRP D 221 -19.01 27.25 -17.72
CA TRP D 221 -18.18 26.16 -17.20
C TRP D 221 -18.96 24.85 -17.19
N MET D 222 -20.26 24.90 -16.83
CA MET D 222 -21.04 23.67 -16.74
C MET D 222 -21.26 23.05 -18.11
N GLU D 223 -21.34 23.87 -19.15
CA GLU D 223 -21.55 23.42 -20.52
C GLU D 223 -20.28 22.83 -21.15
N GLY D 224 -19.15 22.82 -20.45
CA GLY D 224 -17.92 22.29 -21.00
C GLY D 224 -17.07 23.27 -21.80
N LYS D 225 -17.41 24.56 -21.76
CA LYS D 225 -16.70 25.59 -22.50
C LYS D 225 -15.48 26.10 -21.73
N GLU D 226 -14.61 26.80 -22.45
CA GLU D 226 -13.47 27.47 -21.83
C GLU D 226 -13.89 28.82 -21.27
N ILE D 227 -13.42 29.15 -20.09
CA ILE D 227 -13.69 30.47 -19.51
C ILE D 227 -12.36 31.08 -19.10
N ASP D 228 -12.41 32.37 -18.76
CA ASP D 228 -11.25 33.08 -18.23
C ASP D 228 -11.77 34.09 -17.23
N LEU D 229 -11.38 33.94 -15.96
CA LEU D 229 -11.83 34.87 -14.92
C LEU D 229 -10.87 36.03 -14.70
N HIS D 230 -9.85 36.17 -15.55
CA HIS D 230 -9.01 37.37 -15.51
C HIS D 230 -9.77 38.51 -16.17
N TRP D 231 -10.36 39.37 -15.35
CA TRP D 231 -11.27 40.39 -15.87
C TRP D 231 -10.58 41.73 -16.10
N LEU E 11 3.16 -10.38 -14.39
CA LEU E 11 3.05 -8.94 -14.14
C LEU E 11 2.27 -8.60 -12.86
N TYR E 12 1.53 -9.57 -12.31
CA TYR E 12 0.56 -9.29 -11.26
C TYR E 12 0.68 -10.31 -10.13
N SER E 13 -0.14 -10.13 -9.10
CA SER E 13 -0.09 -11.00 -7.92
C SER E 13 -0.89 -12.27 -8.18
N HIS E 14 -0.22 -13.41 -8.15
CA HIS E 14 -0.89 -14.68 -8.32
C HIS E 14 -0.36 -15.80 -7.44
N LEU E 15 0.83 -15.65 -6.84
CA LEU E 15 1.33 -16.61 -5.86
C LEU E 15 2.03 -15.83 -4.74
N ASN E 16 2.09 -16.46 -3.57
CA ASN E 16 2.71 -15.86 -2.37
C ASN E 16 2.15 -14.45 -2.19
N GLY E 17 2.99 -13.43 -2.03
CA GLY E 17 2.53 -12.08 -1.79
C GLY E 17 2.17 -11.85 -0.33
N THR E 18 1.56 -10.69 -0.09
CA THR E 18 1.22 -10.29 1.27
C THR E 18 -0.03 -11.05 1.73
N ASN E 19 -0.24 -11.03 3.05
CA ASN E 19 -1.45 -11.63 3.61
C ASN E 19 -2.70 -11.04 2.98
N GLU E 20 -2.73 -9.73 2.76
CA GLU E 20 -3.92 -9.11 2.18
C GLU E 20 -4.14 -9.61 0.76
N GLU E 21 -3.07 -9.74 -0.01
CA GLU E 21 -3.19 -10.26 -1.36
C GLU E 21 -3.65 -11.71 -1.38
N VAL E 22 -3.12 -12.52 -0.45
CA VAL E 22 -3.56 -13.92 -0.39
C VAL E 22 -5.06 -13.97 -0.10
N LEU E 23 -5.54 -13.16 0.85
CA LEU E 23 -6.96 -13.16 1.21
C LEU E 23 -7.84 -12.70 0.03
N ASP E 24 -7.41 -11.67 -0.69
CA ASP E 24 -8.18 -11.25 -1.86
C ASP E 24 -8.21 -12.33 -2.94
N ARG E 25 -7.08 -13.02 -3.17
CA ARG E 25 -7.09 -14.11 -4.15
C ARG E 25 -8.02 -15.25 -3.72
N MET E 26 -8.05 -15.54 -2.41
CA MET E 26 -8.96 -16.57 -1.93
C MET E 26 -10.42 -16.16 -2.15
N LYS E 27 -10.73 -14.89 -1.88
CA LYS E 27 -12.11 -14.42 -2.04
C LYS E 27 -12.54 -14.48 -3.50
N VAL E 28 -11.66 -14.08 -4.42
CA VAL E 28 -12.01 -14.14 -5.83
C VAL E 28 -12.18 -15.58 -6.28
N ALA E 29 -11.30 -16.48 -5.82
CA ALA E 29 -11.42 -17.89 -6.18
C ALA E 29 -12.77 -18.45 -5.72
N GLU E 30 -13.16 -18.16 -4.47
CA GLU E 30 -14.47 -18.60 -3.97
C GLU E 30 -15.60 -18.10 -4.89
N LEU E 31 -15.55 -16.81 -5.22
CA LEU E 31 -16.57 -16.23 -6.07
C LEU E 31 -16.72 -17.01 -7.36
N CYS E 32 -15.60 -17.28 -8.04
CA CYS E 32 -15.65 -18.11 -9.24
C CYS E 32 -16.35 -19.44 -9.00
N LYS E 33 -15.94 -20.15 -7.94
CA LYS E 33 -16.48 -21.49 -7.70
C LYS E 33 -17.98 -21.45 -7.45
N GLY E 34 -18.47 -20.27 -7.07
CA GLY E 34 -19.90 -20.08 -6.93
C GLY E 34 -20.68 -20.50 -8.17
N TRP E 35 -20.09 -20.37 -9.35
CA TRP E 35 -20.78 -20.83 -10.55
C TRP E 35 -21.15 -22.30 -10.42
N SER E 36 -20.14 -23.15 -10.18
CA SER E 36 -20.37 -24.59 -10.11
C SER E 36 -21.27 -24.95 -8.94
N VAL E 37 -21.05 -24.35 -7.76
CA VAL E 37 -21.82 -24.82 -6.62
C VAL E 37 -23.26 -24.30 -6.68
N TYR E 38 -23.43 -22.98 -6.86
CA TYR E 38 -24.76 -22.40 -6.76
C TYR E 38 -25.61 -22.65 -7.98
N ARG E 39 -25.06 -22.51 -9.20
CA ARG E 39 -25.90 -22.68 -10.38
C ARG E 39 -26.37 -24.11 -10.52
N ASP E 40 -25.48 -25.09 -10.25
CA ASP E 40 -25.92 -26.49 -10.25
C ASP E 40 -26.96 -26.74 -9.19
N ALA E 41 -26.82 -26.12 -8.00
CA ALA E 41 -27.77 -26.45 -6.94
C ALA E 41 -29.02 -25.56 -6.96
N SER E 42 -29.15 -24.69 -7.95
CA SER E 42 -30.25 -23.72 -8.04
C SER E 42 -30.32 -22.83 -6.79
N GLU E 43 -29.15 -22.49 -6.23
CA GLU E 43 -29.09 -21.56 -5.10
C GLU E 43 -28.98 -20.13 -5.65
N TRP E 44 -30.14 -19.60 -6.07
CA TRP E 44 -30.12 -18.42 -6.94
C TRP E 44 -29.74 -17.14 -6.19
N ALA E 45 -30.07 -17.04 -4.90
CA ALA E 45 -29.64 -15.91 -4.10
C ALA E 45 -28.11 -15.85 -4.00
N ASN E 46 -27.51 -16.97 -3.61
CA ASN E 46 -26.05 -17.06 -3.54
C ASN E 46 -25.43 -16.79 -4.91
N PHE E 47 -26.03 -17.33 -5.97
CA PHE E 47 -25.52 -17.09 -7.32
C PHE E 47 -25.54 -15.61 -7.67
N LYS E 48 -26.64 -14.92 -7.34
CA LYS E 48 -26.75 -13.51 -7.67
C LYS E 48 -25.67 -12.70 -6.96
N GLU E 49 -25.35 -13.07 -5.71
CA GLU E 49 -24.32 -12.29 -5.02
C GLU E 49 -22.94 -12.34 -5.70
N MET E 50 -22.72 -13.20 -6.70
CA MET E 50 -21.41 -13.26 -7.34
C MET E 50 -21.16 -12.06 -8.24
N PHE E 51 -22.20 -11.37 -8.66
CA PHE E 51 -22.13 -10.48 -9.80
C PHE E 51 -22.46 -9.05 -9.42
N THR E 52 -21.90 -8.11 -10.19
CA THR E 52 -22.37 -6.74 -10.16
C THR E 52 -23.84 -6.72 -10.58
N PRO E 53 -24.61 -5.71 -10.15
CA PRO E 53 -26.03 -5.69 -10.50
C PRO E 53 -26.30 -5.68 -12.00
N ASP E 54 -25.38 -5.19 -12.82
CA ASP E 54 -25.60 -5.09 -14.26
C ASP E 54 -24.80 -6.13 -15.05
N ALA E 55 -24.45 -7.24 -14.43
CA ALA E 55 -23.47 -8.15 -15.04
C ALA E 55 -24.01 -8.78 -16.32
N ASN E 56 -23.25 -8.67 -17.41
CA ASN E 56 -23.56 -9.29 -18.69
C ASN E 56 -22.73 -10.55 -18.88
N ILE E 57 -23.27 -11.48 -19.65
CA ILE E 57 -22.89 -12.89 -19.57
C ILE E 57 -22.98 -13.51 -20.96
N TRP E 58 -22.41 -14.72 -21.10
CA TRP E 58 -22.41 -15.41 -22.39
C TRP E 58 -22.29 -16.91 -22.19
N THR E 59 -23.23 -17.68 -22.76
CA THR E 59 -23.15 -19.14 -22.84
C THR E 59 -23.46 -19.57 -24.27
N THR E 60 -23.30 -20.87 -24.54
CA THR E 60 -23.59 -21.41 -25.87
C THR E 60 -25.05 -21.20 -26.22
N TRP E 61 -25.96 -21.82 -25.47
CA TRP E 61 -27.37 -21.74 -25.79
C TRP E 61 -28.06 -20.50 -25.24
N SER E 62 -27.35 -19.63 -24.51
CA SER E 62 -27.97 -18.42 -23.98
C SER E 62 -27.47 -17.13 -24.62
N GLY E 63 -26.24 -17.08 -25.12
CA GLY E 63 -25.75 -15.83 -25.71
C GLY E 63 -25.65 -14.71 -24.69
N ALA E 64 -25.73 -13.47 -25.19
CA ALA E 64 -25.52 -12.27 -24.38
C ALA E 64 -26.79 -11.84 -23.68
N GLN E 65 -26.73 -11.69 -22.35
CA GLN E 65 -27.83 -11.19 -21.52
C GLN E 65 -27.26 -10.64 -20.22
N THR E 66 -28.15 -10.30 -19.28
CA THR E 66 -27.81 -9.68 -18.02
C THR E 66 -28.38 -10.51 -16.87
N ILE E 67 -27.76 -10.39 -15.70
CA ILE E 67 -28.12 -11.29 -14.59
C ILE E 67 -29.58 -11.09 -14.20
N ASP E 68 -30.11 -9.87 -14.32
CA ASP E 68 -31.54 -9.66 -14.15
C ASP E 68 -32.33 -10.57 -15.08
N SER E 69 -31.90 -10.64 -16.34
CA SER E 69 -32.50 -11.62 -17.24
C SER E 69 -32.17 -13.03 -16.79
N PHE E 70 -30.91 -13.29 -16.43
CA PHE E 70 -30.34 -14.63 -16.55
C PHE E 70 -31.01 -15.68 -15.67
N ILE E 71 -31.58 -15.28 -14.53
CA ILE E 71 -32.08 -16.25 -13.57
C ILE E 71 -33.29 -17.00 -14.10
N GLN E 72 -34.00 -16.45 -15.09
CA GLN E 72 -35.08 -17.18 -15.74
C GLN E 72 -34.68 -17.76 -17.08
N ILE E 73 -33.63 -17.21 -17.71
CA ILE E 73 -32.97 -17.91 -18.81
C ILE E 73 -32.62 -19.33 -18.36
N SER E 74 -32.14 -19.47 -17.14
CA SER E 74 -31.83 -20.81 -16.64
C SER E 74 -32.80 -21.34 -15.58
N LYS E 75 -33.64 -20.49 -15.01
CA LYS E 75 -34.49 -20.88 -13.88
C LYS E 75 -35.49 -21.93 -14.30
N ASP E 76 -36.01 -21.79 -15.51
CA ASP E 76 -36.80 -22.83 -16.15
C ASP E 76 -36.01 -23.45 -17.30
N GLY E 77 -34.72 -23.72 -17.04
CA GLY E 77 -34.01 -24.73 -17.81
C GLY E 77 -34.69 -26.07 -17.69
N LYS E 78 -35.18 -26.40 -16.49
CA LYS E 78 -36.01 -27.58 -16.28
C LYS E 78 -37.47 -27.38 -16.68
N ASP E 79 -37.83 -26.20 -17.22
CA ASP E 79 -39.11 -26.09 -17.91
C ASP E 79 -39.16 -27.10 -19.06
N LYS E 80 -38.22 -26.99 -20.00
CA LYS E 80 -38.10 -28.05 -21.01
C LYS E 80 -37.24 -29.20 -20.49
N GLY E 81 -36.21 -28.89 -19.70
CA GLY E 81 -35.58 -29.90 -18.88
C GLY E 81 -34.07 -30.06 -18.97
N ALA E 82 -33.33 -29.01 -19.32
CA ALA E 82 -31.88 -29.13 -19.42
C ALA E 82 -31.28 -29.56 -18.10
N PHE E 83 -30.31 -30.47 -18.17
CA PHE E 83 -29.65 -31.04 -16.99
C PHE E 83 -28.15 -30.81 -17.18
N ILE E 84 -27.64 -29.72 -16.61
CA ILE E 84 -26.27 -29.27 -16.81
C ILE E 84 -25.61 -29.15 -15.44
N MET E 85 -24.41 -29.73 -15.30
CA MET E 85 -23.63 -29.58 -14.09
C MET E 85 -22.21 -29.17 -14.48
N HIS E 86 -21.48 -28.57 -13.52
CA HIS E 86 -20.10 -28.14 -13.73
C HIS E 86 -19.20 -28.75 -12.67
N ARG E 87 -18.22 -29.53 -13.08
CA ARG E 87 -17.19 -30.01 -12.16
C ARG E 87 -16.04 -29.01 -12.18
N GLU E 88 -15.84 -28.28 -11.08
CA GLU E 88 -14.69 -27.38 -11.00
C GLU E 88 -13.41 -28.20 -10.88
N CYS E 89 -12.35 -27.79 -11.57
CA CYS E 89 -11.15 -28.63 -11.56
C CYS E 89 -9.89 -27.80 -11.74
N GLY E 90 -9.86 -26.62 -11.14
CA GLY E 90 -8.64 -25.85 -10.96
C GLY E 90 -8.89 -24.37 -11.08
N THR E 91 -8.71 -23.61 -10.00
CA THR E 91 -9.05 -22.19 -10.01
C THR E 91 -7.91 -21.37 -9.43
N LEU E 92 -7.41 -20.41 -10.20
CA LEU E 92 -6.39 -19.50 -9.71
C LEU E 92 -6.78 -18.06 -10.08
N VAL E 93 -6.10 -17.09 -9.49
CA VAL E 93 -6.46 -15.68 -9.60
C VAL E 93 -5.22 -14.87 -9.97
N ASP E 94 -5.41 -13.89 -10.87
CA ASP E 94 -4.44 -12.82 -11.07
C ASP E 94 -5.00 -11.53 -10.50
N LEU E 95 -4.23 -10.88 -9.65
CA LEU E 95 -4.75 -9.76 -8.87
C LEU E 95 -3.87 -8.52 -9.05
N ASN E 96 -4.52 -7.37 -9.22
CA ASN E 96 -3.84 -6.06 -9.27
C ASN E 96 -4.40 -5.16 -8.18
N PRO E 97 -3.70 -5.06 -7.05
CA PRO E 97 -4.18 -4.21 -5.94
C PRO E 97 -4.22 -2.73 -6.27
N LYS E 98 -3.40 -2.26 -7.22
CA LYS E 98 -3.38 -0.84 -7.54
C LYS E 98 -4.71 -0.38 -8.13
N THR E 99 -5.39 -1.25 -8.87
CA THR E 99 -6.68 -0.95 -9.45
C THR E 99 -7.83 -1.72 -8.79
N GLN E 100 -7.54 -2.55 -7.78
CA GLN E 100 -8.55 -3.41 -7.19
C GLN E 100 -9.25 -4.23 -8.27
N ARG E 101 -8.44 -4.85 -9.13
CA ARG E 101 -8.97 -5.61 -10.26
C ARG E 101 -8.45 -7.04 -10.21
N ALA E 102 -9.25 -7.99 -10.68
CA ALA E 102 -8.76 -9.36 -10.69
C ALA E 102 -9.37 -10.14 -11.84
N ILE E 103 -8.62 -11.14 -12.28
CA ILE E 103 -9.09 -12.12 -13.26
C ILE E 103 -9.05 -13.45 -12.56
N GLY E 104 -10.22 -14.10 -12.44
CA GLY E 104 -10.27 -15.47 -11.93
C GLY E 104 -10.37 -16.44 -13.09
N LYS E 105 -9.53 -17.47 -13.07
CA LYS E 105 -9.57 -18.50 -14.10
C LYS E 105 -9.96 -19.82 -13.45
N MET E 106 -11.10 -20.36 -13.87
CA MET E 106 -11.66 -21.57 -13.28
C MET E 106 -11.83 -22.61 -14.37
N LYS E 107 -10.99 -23.64 -14.36
CA LYS E 107 -11.21 -24.77 -15.25
C LYS E 107 -12.45 -25.54 -14.79
N THR E 108 -13.24 -26.02 -15.74
CA THR E 108 -14.34 -26.90 -15.37
C THR E 108 -14.54 -27.96 -16.45
N THR E 109 -15.29 -28.99 -16.09
CA THR E 109 -15.94 -29.84 -17.05
C THR E 109 -17.43 -29.51 -17.02
N ILE E 110 -17.97 -29.05 -18.14
CA ILE E 110 -19.42 -29.01 -18.33
C ILE E 110 -19.89 -30.43 -18.62
N THR E 111 -20.84 -30.94 -17.85
CA THR E 111 -21.38 -32.26 -18.13
C THR E 111 -22.88 -32.13 -18.27
N GLN E 112 -23.41 -32.48 -19.45
CA GLN E 112 -24.84 -32.38 -19.70
C GLN E 112 -25.41 -33.75 -20.05
N ARG E 113 -26.51 -34.11 -19.40
CA ARG E 113 -27.19 -35.38 -19.64
C ARG E 113 -28.28 -35.18 -20.69
N PHE E 114 -28.15 -35.89 -21.81
CA PHE E 114 -29.09 -35.88 -22.92
C PHE E 114 -29.78 -37.23 -23.05
N GLU E 115 -30.85 -37.24 -23.85
CA GLU E 115 -31.52 -38.45 -24.30
C GLU E 115 -31.68 -38.40 -25.81
N TYR E 116 -31.47 -39.54 -26.47
CA TYR E 116 -31.67 -39.65 -27.91
C TYR E 116 -32.34 -40.98 -28.20
N GLU E 117 -33.59 -40.93 -28.64
CA GLU E 117 -34.38 -42.11 -28.97
C GLU E 117 -34.28 -43.16 -27.86
N GLY E 118 -34.45 -42.69 -26.62
CA GLY E 118 -34.48 -43.55 -25.46
C GLY E 118 -33.14 -43.82 -24.82
N VAL E 119 -32.02 -43.59 -25.53
CA VAL E 119 -30.70 -43.90 -25.02
C VAL E 119 -30.17 -42.66 -24.29
N PRO E 120 -29.84 -42.75 -23.00
CA PRO E 120 -29.26 -41.60 -22.29
C PRO E 120 -27.74 -41.53 -22.46
N PHE E 121 -27.23 -40.30 -22.55
CA PHE E 121 -25.79 -40.13 -22.71
C PHE E 121 -25.38 -38.77 -22.19
N ASP E 122 -24.14 -38.66 -21.72
CA ASP E 122 -23.56 -37.39 -21.32
C ASP E 122 -22.71 -36.84 -22.45
N ILE E 123 -22.65 -35.52 -22.52
CA ILE E 123 -21.56 -34.85 -23.21
C ILE E 123 -20.74 -34.13 -22.15
N ASP E 124 -19.44 -34.38 -22.14
CA ASP E 124 -18.53 -33.75 -21.18
C ASP E 124 -17.56 -32.88 -21.97
N CYS E 125 -17.50 -31.60 -21.62
CA CYS E 125 -16.71 -30.60 -22.32
C CYS E 125 -15.76 -29.94 -21.32
N ASP E 126 -14.46 -30.16 -21.47
CA ASP E 126 -13.49 -29.45 -20.67
C ASP E 126 -13.31 -28.03 -21.20
N ASN E 127 -13.22 -27.07 -20.27
CA ASN E 127 -13.26 -25.66 -20.59
C ASN E 127 -12.56 -24.86 -19.50
N TYR E 128 -12.44 -23.56 -19.76
CA TYR E 128 -11.91 -22.53 -18.87
C TYR E 128 -12.97 -21.44 -18.76
N PHE E 129 -13.36 -21.06 -17.53
CA PHE E 129 -14.16 -19.87 -17.29
C PHE E 129 -13.25 -18.72 -16.88
N ILE E 130 -13.48 -17.53 -17.42
CA ILE E 130 -12.74 -16.32 -17.05
C ILE E 130 -13.74 -15.35 -16.42
N PHE E 131 -13.44 -14.90 -15.19
CA PHE E 131 -14.28 -13.95 -14.48
C PHE E 131 -13.51 -12.66 -14.32
N PHE E 132 -14.10 -11.54 -14.78
CA PHE E 132 -13.50 -10.21 -14.65
C PHE E 132 -14.12 -9.56 -13.42
N CYS E 133 -13.30 -9.33 -12.40
CA CYS E 133 -13.79 -8.98 -11.08
C CYS E 133 -13.23 -7.64 -10.62
N LEU E 134 -14.02 -6.97 -9.79
CA LEU E 134 -13.66 -5.66 -9.23
C LEU E 134 -14.22 -5.58 -7.82
N LYS E 135 -13.73 -4.62 -7.03
CA LYS E 135 -14.31 -4.37 -5.71
C LYS E 135 -15.39 -3.31 -5.82
N ASP E 136 -16.55 -3.58 -5.23
CA ASP E 136 -17.64 -2.61 -5.28
C ASP E 136 -17.48 -1.62 -4.13
N SER E 137 -18.53 -0.82 -3.89
CA SER E 137 -18.50 0.23 -2.88
C SER E 137 -18.44 -0.31 -1.45
N ASN E 138 -18.75 -1.60 -1.24
CA ASN E 138 -18.56 -2.24 0.04
C ASN E 138 -17.19 -2.89 0.17
N GLY E 139 -16.32 -2.70 -0.81
CA GLY E 139 -15.06 -3.43 -0.84
C GLY E 139 -15.21 -4.92 -1.10
N ASP E 140 -16.35 -5.33 -1.67
CA ASP E 140 -16.65 -6.73 -1.98
C ASP E 140 -16.32 -7.06 -3.43
N TRP E 141 -15.67 -8.20 -3.64
CA TRP E 141 -15.38 -8.66 -4.99
C TRP E 141 -16.66 -9.06 -5.70
N LYS E 142 -16.82 -8.59 -6.93
CA LYS E 142 -17.95 -8.92 -7.78
C LYS E 142 -17.45 -9.17 -9.20
N ALA E 143 -18.06 -10.14 -9.86
CA ALA E 143 -17.77 -10.40 -11.27
C ALA E 143 -18.60 -9.45 -12.14
N ARG E 144 -17.93 -8.66 -12.97
CA ARG E 144 -18.63 -7.78 -13.90
C ARG E 144 -18.89 -8.45 -15.24
N TRP E 145 -17.95 -9.31 -15.68
CA TRP E 145 -18.05 -10.05 -16.94
C TRP E 145 -17.55 -11.48 -16.74
N TYR E 146 -18.02 -12.38 -17.59
CA TYR E 146 -17.36 -13.67 -17.68
C TYR E 146 -17.48 -14.21 -19.10
N LYS E 147 -16.56 -15.10 -19.44
CA LYS E 147 -16.55 -15.73 -20.75
C LYS E 147 -15.92 -17.10 -20.61
N VAL E 148 -16.30 -18.01 -21.51
CA VAL E 148 -15.94 -19.42 -21.45
C VAL E 148 -15.11 -19.76 -22.68
N PHE E 149 -13.95 -20.38 -22.45
CA PHE E 149 -13.11 -20.95 -23.49
C PHE E 149 -13.38 -22.45 -23.53
N TYR E 150 -13.86 -22.96 -24.67
CA TYR E 150 -14.15 -24.38 -24.81
C TYR E 150 -12.93 -25.05 -25.42
N VAL E 151 -12.40 -26.08 -24.75
CA VAL E 151 -11.12 -26.68 -25.10
C VAL E 151 -11.29 -28.04 -25.76
N LYS E 152 -12.03 -28.94 -25.13
CA LYS E 152 -12.23 -30.23 -25.79
C LYS E 152 -13.48 -30.86 -25.23
N ASP E 153 -14.07 -31.80 -25.96
CA ASP E 153 -15.26 -32.45 -25.45
C ASP E 153 -15.35 -33.86 -26.00
N LYS E 154 -16.31 -34.61 -25.44
CA LYS E 154 -16.42 -36.02 -25.76
C LYS E 154 -17.83 -36.53 -25.48
N PHE E 155 -18.21 -37.54 -26.26
CA PHE E 155 -19.38 -38.36 -25.94
C PHE E 155 -19.07 -39.27 -24.76
N VAL E 156 -20.05 -39.45 -23.88
CA VAL E 156 -19.91 -40.22 -22.64
C VAL E 156 -21.10 -41.15 -22.51
N PRO E 157 -20.90 -42.47 -22.54
CA PRO E 157 -22.03 -43.39 -22.36
C PRO E 157 -22.50 -43.38 -20.92
N VAL E 158 -23.80 -43.54 -20.71
CA VAL E 158 -24.36 -43.65 -19.37
C VAL E 158 -24.63 -45.10 -18.99
N GLY E 159 -25.20 -45.88 -19.91
CA GLY E 159 -25.33 -47.30 -19.72
C GLY E 159 -24.22 -48.04 -20.43
N VAL E 160 -24.15 -49.34 -20.20
CA VAL E 160 -23.18 -50.13 -20.97
C VAL E 160 -23.57 -50.07 -22.44
N PRO E 161 -22.62 -49.87 -23.35
CA PRO E 161 -22.98 -49.74 -24.77
C PRO E 161 -23.65 -51.01 -25.29
N THR E 162 -24.36 -50.84 -26.41
CA THR E 162 -24.94 -51.93 -27.17
C THR E 162 -24.79 -51.57 -28.63
N ALA E 163 -24.58 -52.57 -29.49
CA ALA E 163 -24.50 -52.30 -30.92
C ALA E 163 -25.71 -51.54 -31.40
N GLU E 164 -26.89 -51.91 -30.89
CA GLU E 164 -28.15 -51.21 -31.08
C GLU E 164 -27.95 -49.71 -30.87
N ASN E 165 -27.70 -49.32 -29.61
CA ASN E 165 -27.54 -47.92 -29.26
C ASN E 165 -26.33 -47.29 -29.96
N MET E 166 -25.26 -48.07 -30.17
CA MET E 166 -24.07 -47.53 -30.80
C MET E 166 -24.37 -46.99 -32.18
N GLU E 167 -24.96 -47.83 -33.04
CA GLU E 167 -25.28 -47.37 -34.38
C GLU E 167 -26.45 -46.39 -34.38
N LYS E 168 -27.33 -46.49 -33.38
CA LYS E 168 -28.35 -45.47 -33.21
C LYS E 168 -27.73 -44.08 -33.10
N LEU E 169 -26.83 -43.91 -32.15
CA LEU E 169 -26.23 -42.61 -31.88
C LEU E 169 -25.18 -42.21 -32.91
N ALA E 170 -24.62 -43.17 -33.66
CA ALA E 170 -23.68 -42.82 -34.71
C ALA E 170 -24.32 -41.94 -35.77
N LYS E 171 -25.64 -42.08 -35.98
CA LYS E 171 -26.31 -41.26 -36.97
C LYS E 171 -26.33 -39.80 -36.56
N LEU E 172 -26.48 -39.52 -35.26
CA LEU E 172 -26.44 -38.12 -34.80
C LEU E 172 -25.02 -37.57 -34.83
N PHE E 173 -24.07 -38.30 -34.25
CA PHE E 173 -22.71 -37.80 -34.10
C PHE E 173 -21.85 -38.23 -35.29
N SER E 174 -22.32 -37.89 -36.48
CA SER E 174 -21.57 -38.10 -37.72
C SER E 174 -20.55 -36.97 -37.92
N LYS E 175 -19.62 -37.19 -38.85
CA LYS E 175 -18.47 -36.30 -38.94
C LYS E 175 -18.82 -34.95 -39.54
N GLU E 176 -19.72 -34.92 -40.53
CA GLU E 176 -20.16 -33.63 -41.07
C GLU E 176 -21.03 -32.91 -40.05
N ASN E 177 -21.97 -33.64 -39.44
CA ASN E 177 -22.74 -33.11 -38.31
C ASN E 177 -21.84 -32.44 -37.30
N LEU E 178 -20.69 -33.05 -36.99
CA LEU E 178 -19.80 -32.53 -35.96
C LEU E 178 -18.97 -31.35 -36.46
N GLU E 179 -18.51 -31.38 -37.72
CA GLU E 179 -17.77 -30.22 -38.23
C GLU E 179 -18.68 -29.05 -38.56
N GLN E 180 -20.00 -29.19 -38.43
CA GLN E 180 -20.83 -27.98 -38.44
C GLN E 180 -20.35 -26.94 -37.43
N TYR E 181 -19.65 -27.34 -36.36
CA TYR E 181 -19.35 -26.48 -35.23
C TYR E 181 -17.86 -26.44 -34.92
N PRO E 182 -17.41 -25.41 -34.18
CA PRO E 182 -15.99 -25.37 -33.79
C PRO E 182 -15.58 -26.61 -33.01
N TRP E 183 -14.32 -26.98 -33.15
CA TRP E 183 -13.85 -28.27 -32.64
C TRP E 183 -14.11 -28.41 -31.14
N GLY E 184 -13.68 -27.40 -30.36
CA GLY E 184 -13.66 -27.52 -28.91
C GLY E 184 -14.97 -27.96 -28.27
N TYR E 185 -16.11 -27.68 -28.91
CA TYR E 185 -17.37 -28.09 -28.32
C TYR E 185 -18.30 -28.77 -29.31
N GLN E 186 -17.73 -29.37 -30.37
CA GLN E 186 -18.57 -29.91 -31.45
C GLN E 186 -19.65 -30.86 -30.90
N TYR E 187 -19.23 -31.88 -30.12
CA TYR E 187 -20.19 -32.82 -29.58
C TYR E 187 -21.30 -32.11 -28.83
N LEU E 188 -20.91 -31.19 -27.93
CA LEU E 188 -21.91 -30.46 -27.17
C LEU E 188 -22.91 -29.80 -28.10
N ALA E 189 -22.40 -29.06 -29.08
CA ALA E 189 -23.27 -28.36 -30.01
C ALA E 189 -24.27 -29.33 -30.62
N VAL E 190 -23.76 -30.46 -31.13
CA VAL E 190 -24.64 -31.42 -31.80
C VAL E 190 -25.76 -31.82 -30.85
N ALA E 191 -25.41 -32.26 -29.64
CA ALA E 191 -26.43 -32.69 -28.71
C ALA E 191 -27.40 -31.55 -28.42
N GLN E 192 -26.86 -30.35 -28.16
CA GLN E 192 -27.72 -29.22 -27.84
C GLN E 192 -28.62 -28.88 -29.01
N ALA E 193 -28.08 -28.99 -30.23
CA ALA E 193 -28.90 -28.74 -31.41
C ALA E 193 -30.04 -29.75 -31.47
N ASN E 194 -29.77 -31.01 -31.13
CA ASN E 194 -30.80 -32.03 -31.16
C ASN E 194 -31.84 -31.81 -30.07
N LEU E 195 -31.54 -30.98 -29.06
CA LEU E 195 -32.51 -30.69 -28.02
C LEU E 195 -33.41 -29.51 -28.36
N GLY E 196 -33.06 -28.72 -29.37
CA GLY E 196 -33.88 -27.61 -29.82
C GLY E 196 -33.35 -26.22 -29.49
N TYR E 197 -32.07 -26.07 -29.19
CA TYR E 197 -31.58 -24.73 -28.86
C TYR E 197 -30.63 -24.22 -29.93
N PRO E 198 -30.58 -22.91 -30.14
CA PRO E 198 -29.59 -22.35 -31.05
C PRO E 198 -28.22 -22.27 -30.39
N ILE E 199 -27.18 -22.45 -31.20
CA ILE E 199 -25.79 -22.34 -30.75
C ILE E 199 -25.10 -21.26 -31.59
N ASP E 200 -24.66 -20.20 -30.94
CA ASP E 200 -23.85 -19.18 -31.60
C ASP E 200 -22.41 -19.66 -31.64
N LYS E 201 -21.90 -19.88 -32.84
CA LYS E 201 -20.59 -20.49 -33.06
C LYS E 201 -19.43 -19.51 -32.90
N LYS E 202 -19.67 -18.32 -32.36
CA LYS E 202 -18.60 -17.34 -32.12
C LYS E 202 -18.06 -17.43 -30.70
N LEU E 203 -17.95 -18.65 -30.16
CA LEU E 203 -17.41 -18.89 -28.82
C LEU E 203 -15.94 -19.29 -28.91
N PRO E 204 -15.14 -18.88 -27.94
CA PRO E 204 -13.69 -19.10 -28.04
C PRO E 204 -13.30 -20.55 -27.76
N THR E 205 -12.22 -20.96 -28.40
CA THR E 205 -11.58 -22.26 -28.15
C THR E 205 -10.08 -22.02 -28.03
N TRP E 206 -9.30 -23.10 -28.10
CA TRP E 206 -7.86 -23.02 -28.22
C TRP E 206 -7.38 -23.16 -29.66
N LYS E 207 -8.30 -23.05 -30.61
CA LYS E 207 -7.99 -22.97 -32.04
C LYS E 207 -8.59 -21.74 -32.71
N ASN E 208 -9.68 -21.20 -32.19
CA ASN E 208 -10.27 -19.96 -32.69
C ASN E 208 -9.33 -18.80 -32.42
N GLU E 209 -9.44 -17.75 -33.25
CA GLU E 209 -8.61 -16.56 -33.05
C GLU E 209 -9.18 -15.60 -32.02
N LEU E 210 -10.46 -15.72 -31.69
CA LEU E 210 -11.00 -14.93 -30.58
C LEU E 210 -10.25 -15.24 -29.29
N TYR E 211 -9.70 -16.46 -29.17
CA TYR E 211 -8.74 -16.79 -28.13
C TYR E 211 -7.82 -15.61 -27.82
N HIS E 212 -7.30 -14.97 -28.87
CA HIS E 212 -6.35 -13.88 -28.64
C HIS E 212 -7.03 -12.61 -28.13
N THR E 213 -8.15 -12.20 -28.75
CA THR E 213 -8.64 -10.86 -28.46
C THR E 213 -9.21 -10.75 -27.05
N MET E 214 -9.72 -11.85 -26.48
CA MET E 214 -10.12 -11.80 -25.08
C MET E 214 -8.94 -11.49 -24.17
N TYR E 215 -7.77 -12.04 -24.48
CA TYR E 215 -6.59 -11.70 -23.69
C TYR E 215 -6.32 -10.20 -23.78
N ASP E 216 -6.57 -9.61 -24.96
CA ASP E 216 -6.67 -8.16 -25.07
C ASP E 216 -7.40 -7.59 -23.86
N ALA E 217 -8.71 -7.86 -23.79
CA ALA E 217 -9.57 -7.29 -22.75
C ALA E 217 -8.98 -7.53 -21.37
N MET E 218 -8.45 -8.73 -21.14
CA MET E 218 -7.98 -9.07 -19.80
C MET E 218 -6.94 -8.07 -19.33
N LYS E 219 -5.98 -7.71 -20.18
CA LYS E 219 -4.95 -6.82 -19.68
C LYS E 219 -5.52 -5.43 -19.43
N GLU E 220 -6.44 -4.98 -20.29
CA GLU E 220 -7.09 -3.69 -20.04
C GLU E 220 -7.92 -3.76 -18.77
N TRP E 221 -8.55 -4.91 -18.51
CA TRP E 221 -9.31 -5.04 -17.28
C TRP E 221 -8.40 -4.88 -16.06
N MET E 222 -7.17 -5.42 -16.15
CA MET E 222 -6.28 -5.40 -15.00
C MET E 222 -5.70 -4.01 -14.74
N GLU E 223 -5.54 -3.19 -15.79
CA GLU E 223 -4.99 -1.86 -15.60
C GLU E 223 -6.05 -0.84 -15.24
N GLY E 224 -7.28 -1.29 -14.98
CA GLY E 224 -8.32 -0.44 -14.46
C GLY E 224 -9.30 0.08 -15.49
N LYS E 225 -9.29 -0.47 -16.70
CA LYS E 225 -10.04 0.17 -17.77
C LYS E 225 -11.43 -0.44 -17.92
N GLU E 226 -12.28 0.27 -18.66
CA GLU E 226 -13.55 -0.31 -19.06
C GLU E 226 -13.37 -1.18 -20.30
N ILE E 227 -14.26 -2.15 -20.43
CA ILE E 227 -14.27 -3.08 -21.56
C ILE E 227 -15.72 -3.35 -21.93
N ASP E 228 -15.92 -3.99 -23.08
CA ASP E 228 -17.23 -4.51 -23.46
C ASP E 228 -17.02 -5.68 -24.41
N LEU E 229 -17.62 -6.82 -24.06
CA LEU E 229 -17.54 -8.03 -24.87
C LEU E 229 -18.83 -8.24 -25.65
N GLU F 6 -36.47 -21.93 -4.04
CA GLU F 6 -35.27 -21.49 -3.35
C GLU F 6 -35.05 -22.27 -2.06
N PRO F 7 -34.10 -23.21 -2.07
CA PRO F 7 -33.84 -24.02 -0.87
C PRO F 7 -33.03 -23.29 0.19
N TRP F 8 -32.32 -22.24 -0.17
CA TRP F 8 -31.41 -21.53 0.74
C TRP F 8 -31.75 -20.04 0.71
N PRO F 9 -32.93 -19.65 1.23
CA PRO F 9 -33.32 -18.24 1.15
C PRO F 9 -32.61 -17.35 2.15
N GLN F 10 -32.25 -17.90 3.32
CA GLN F 10 -31.58 -17.11 4.34
C GLN F 10 -30.09 -17.04 4.03
N LEU F 11 -29.56 -15.83 3.95
CA LEU F 11 -28.17 -15.61 3.58
C LEU F 11 -27.30 -15.48 4.84
N TYR F 12 -26.21 -16.22 4.86
CA TYR F 12 -25.20 -16.15 5.89
C TYR F 12 -23.91 -15.62 5.24
N SER F 13 -22.76 -15.93 5.84
CA SER F 13 -21.50 -15.51 5.23
C SER F 13 -21.04 -16.59 4.25
N HIS F 14 -20.95 -16.25 2.97
CA HIS F 14 -20.40 -17.23 2.03
C HIS F 14 -19.41 -16.65 1.03
N LEU F 15 -19.33 -15.34 0.86
CA LEU F 15 -18.36 -14.68 0.00
C LEU F 15 -17.91 -13.40 0.69
N ASN F 16 -16.72 -12.93 0.36
CA ASN F 16 -16.15 -11.69 0.92
C ASN F 16 -16.21 -11.77 2.43
N GLY F 17 -16.69 -10.74 3.13
CA GLY F 17 -16.69 -10.73 4.58
C GLY F 17 -15.36 -10.28 5.16
N THR F 18 -15.27 -10.35 6.49
CA THR F 18 -14.04 -9.97 7.18
C THR F 18 -12.94 -11.01 6.99
N ASN F 19 -11.71 -10.61 7.33
CA ASN F 19 -10.56 -11.51 7.23
C ASN F 19 -10.78 -12.78 8.05
N GLU F 20 -11.33 -12.63 9.28
CA GLU F 20 -11.60 -13.82 10.09
C GLU F 20 -12.65 -14.71 9.44
N GLU F 21 -13.66 -14.12 8.80
CA GLU F 21 -14.67 -14.95 8.16
C GLU F 21 -14.07 -15.71 6.97
N VAL F 22 -13.24 -15.02 6.17
CA VAL F 22 -12.56 -15.69 5.07
C VAL F 22 -11.74 -16.85 5.59
N LEU F 23 -10.94 -16.64 6.64
CA LEU F 23 -10.10 -17.72 7.16
C LEU F 23 -10.94 -18.89 7.68
N ASP F 24 -12.11 -18.61 8.28
CA ASP F 24 -12.96 -19.71 8.75
C ASP F 24 -13.55 -20.50 7.59
N ARG F 25 -14.03 -19.80 6.56
CA ARG F 25 -14.55 -20.49 5.38
C ARG F 25 -13.44 -21.31 4.70
N MET F 26 -12.21 -20.79 4.70
CA MET F 26 -11.08 -21.55 4.15
C MET F 26 -10.79 -22.81 4.98
N LYS F 27 -10.84 -22.68 6.30
CA LYS F 27 -10.60 -23.83 7.16
C LYS F 27 -11.67 -24.90 6.98
N VAL F 28 -12.94 -24.49 6.85
CA VAL F 28 -14.01 -25.48 6.69
C VAL F 28 -13.92 -26.14 5.31
N ALA F 29 -13.60 -25.35 4.28
CA ALA F 29 -13.36 -25.92 2.95
C ALA F 29 -12.25 -26.98 3.00
N GLU F 30 -11.13 -26.66 3.66
CA GLU F 30 -10.07 -27.66 3.83
C GLU F 30 -10.60 -28.91 4.49
N LEU F 31 -11.37 -28.73 5.58
CA LEU F 31 -11.89 -29.87 6.32
C LEU F 31 -12.65 -30.78 5.39
N CYS F 32 -13.54 -30.18 4.59
CA CYS F 32 -14.36 -30.98 3.68
C CYS F 32 -13.48 -31.76 2.72
N LYS F 33 -12.48 -31.09 2.12
CA LYS F 33 -11.60 -31.74 1.14
C LYS F 33 -10.81 -32.88 1.77
N GLY F 34 -10.65 -32.85 3.09
CA GLY F 34 -10.04 -33.96 3.79
C GLY F 34 -10.67 -35.30 3.48
N TRP F 35 -11.96 -35.32 3.19
CA TRP F 35 -12.59 -36.57 2.79
C TRP F 35 -11.91 -37.13 1.53
N SER F 36 -11.87 -36.32 0.47
CA SER F 36 -11.26 -36.73 -0.79
C SER F 36 -9.77 -37.05 -0.64
N VAL F 37 -9.03 -36.19 0.07
CA VAL F 37 -7.58 -36.39 0.13
C VAL F 37 -7.22 -37.56 1.05
N TYR F 38 -7.82 -37.63 2.25
CA TYR F 38 -7.37 -38.60 3.25
C TYR F 38 -8.08 -39.94 3.13
N ARG F 39 -9.40 -39.95 2.93
CA ARG F 39 -10.09 -41.22 2.95
C ARG F 39 -9.69 -42.07 1.76
N ASP F 40 -9.57 -41.46 0.58
CA ASP F 40 -9.11 -42.21 -0.59
C ASP F 40 -7.78 -42.87 -0.34
N ALA F 41 -6.85 -42.14 0.30
CA ALA F 41 -5.48 -42.56 0.53
C ALA F 41 -5.29 -43.33 1.83
N SER F 42 -6.35 -43.58 2.60
CA SER F 42 -6.23 -44.29 3.87
C SER F 42 -5.32 -43.58 4.87
N GLU F 43 -5.30 -42.25 4.84
CA GLU F 43 -4.55 -41.46 5.83
C GLU F 43 -5.45 -41.23 7.05
N TRP F 44 -5.58 -42.29 7.86
CA TRP F 44 -6.68 -42.36 8.82
C TRP F 44 -6.55 -41.35 9.95
N ALA F 45 -5.34 -41.08 10.44
CA ALA F 45 -5.20 -40.08 11.49
C ALA F 45 -5.55 -38.68 10.99
N ASN F 46 -5.03 -38.30 9.81
CA ASN F 46 -5.48 -37.08 9.15
C ASN F 46 -7.02 -37.03 9.06
N PHE F 47 -7.61 -38.09 8.53
CA PHE F 47 -9.07 -38.18 8.37
C PHE F 47 -9.79 -37.97 9.69
N LYS F 48 -9.32 -38.63 10.74
CA LYS F 48 -10.00 -38.59 12.02
C LYS F 48 -10.01 -37.18 12.57
N GLU F 49 -8.95 -36.42 12.33
CA GLU F 49 -8.98 -35.05 12.84
C GLU F 49 -10.00 -34.14 12.14
N MET F 50 -10.75 -34.63 11.14
CA MET F 50 -11.80 -33.79 10.55
C MET F 50 -13.04 -33.71 11.44
N PHE F 51 -13.26 -34.70 12.31
CA PHE F 51 -14.56 -34.97 12.91
C PHE F 51 -14.56 -34.76 14.42
N THR F 52 -15.73 -34.35 14.97
CA THR F 52 -15.94 -34.38 16.41
C THR F 52 -15.75 -35.81 16.93
N PRO F 53 -15.39 -35.98 18.21
CA PRO F 53 -15.25 -37.35 18.73
C PRO F 53 -16.52 -38.15 18.61
N ASP F 54 -17.68 -37.47 18.58
CA ASP F 54 -19.01 -38.06 18.57
C ASP F 54 -19.64 -38.09 17.18
N ALA F 55 -18.85 -37.92 16.12
CA ALA F 55 -19.42 -37.67 14.80
C ALA F 55 -20.05 -38.93 14.21
N ASN F 56 -21.22 -38.77 13.62
CA ASN F 56 -21.93 -39.83 12.93
C ASN F 56 -21.99 -39.50 11.44
N ILE F 57 -22.11 -40.55 10.65
CA ILE F 57 -21.75 -40.53 9.23
C ILE F 57 -22.70 -41.45 8.48
N TRP F 58 -23.06 -41.06 7.24
CA TRP F 58 -23.99 -41.84 6.41
C TRP F 58 -23.37 -42.13 5.06
N THR F 59 -23.31 -43.41 4.70
CA THR F 59 -22.80 -43.84 3.41
C THR F 59 -23.74 -44.88 2.81
N THR F 60 -23.73 -44.99 1.48
CA THR F 60 -24.47 -46.01 0.75
C THR F 60 -24.25 -47.39 1.36
N TRP F 61 -23.03 -47.92 1.24
CA TRP F 61 -22.71 -49.27 1.70
C TRP F 61 -22.70 -49.40 3.21
N SER F 62 -22.68 -48.28 3.95
CA SER F 62 -22.45 -48.32 5.38
C SER F 62 -23.67 -48.03 6.24
N GLY F 63 -24.71 -47.40 5.68
CA GLY F 63 -25.75 -46.88 6.53
C GLY F 63 -25.20 -45.77 7.40
N ALA F 64 -25.66 -45.74 8.66
CA ALA F 64 -25.19 -44.78 9.64
C ALA F 64 -24.21 -45.43 10.61
N GLN F 65 -23.16 -44.69 10.98
CA GLN F 65 -22.14 -45.18 11.90
C GLN F 65 -21.42 -44.01 12.57
N THR F 66 -20.63 -44.30 13.60
CA THR F 66 -19.83 -43.27 14.26
C THR F 66 -18.48 -43.15 13.54
N ILE F 67 -17.65 -42.20 13.99
CA ILE F 67 -16.43 -41.90 13.24
C ILE F 67 -15.40 -43.02 13.39
N ASP F 68 -15.24 -43.57 14.59
CA ASP F 68 -14.33 -44.71 14.74
C ASP F 68 -14.96 -45.99 14.27
N SER F 69 -16.28 -46.12 14.46
CA SER F 69 -17.05 -47.11 13.72
C SER F 69 -16.69 -47.07 12.23
N PHE F 70 -16.89 -45.90 11.60
CA PHE F 70 -16.64 -45.74 10.17
C PHE F 70 -15.18 -46.01 9.83
N ILE F 71 -14.25 -45.59 10.70
CA ILE F 71 -12.84 -45.79 10.44
C ILE F 71 -12.48 -47.27 10.47
N GLN F 72 -13.06 -48.04 11.39
CA GLN F 72 -12.70 -49.46 11.47
C GLN F 72 -13.23 -50.23 10.26
N ILE F 73 -14.50 -50.04 9.91
CA ILE F 73 -15.01 -50.77 8.75
C ILE F 73 -14.48 -50.20 7.43
N SER F 74 -14.01 -48.95 7.44
CA SER F 74 -13.25 -48.44 6.29
C SER F 74 -11.87 -49.09 6.21
N LYS F 75 -11.20 -49.21 7.35
CA LYS F 75 -9.92 -49.91 7.42
C LYS F 75 -10.01 -51.27 6.75
N ASP F 76 -10.98 -52.08 7.17
CA ASP F 76 -11.11 -53.39 6.55
C ASP F 76 -12.21 -53.46 5.48
N GLY F 77 -12.47 -52.33 4.81
CA GLY F 77 -13.00 -52.42 3.46
C GLY F 77 -11.95 -52.75 2.42
N LYS F 78 -10.67 -52.74 2.81
CA LYS F 78 -9.57 -53.05 1.90
C LYS F 78 -9.62 -54.52 1.47
N ASP F 79 -9.76 -55.43 2.44
CA ASP F 79 -9.88 -56.85 2.16
C ASP F 79 -11.22 -57.19 1.53
N LYS F 80 -12.20 -56.29 1.64
CA LYS F 80 -13.52 -56.44 1.04
C LYS F 80 -13.53 -56.10 -0.45
N GLY F 81 -12.41 -55.66 -1.01
CA GLY F 81 -12.34 -55.27 -2.40
C GLY F 81 -12.89 -53.90 -2.72
N ALA F 82 -13.25 -53.11 -1.71
CA ALA F 82 -13.83 -51.78 -1.92
C ALA F 82 -12.75 -50.82 -2.39
N PHE F 83 -12.87 -50.35 -3.63
CA PHE F 83 -11.91 -49.40 -4.22
C PHE F 83 -12.71 -48.16 -4.62
N ILE F 84 -12.83 -47.21 -3.69
CA ILE F 84 -13.60 -46.00 -3.87
C ILE F 84 -12.68 -44.80 -3.80
N MET F 85 -12.82 -43.88 -4.75
CA MET F 85 -12.15 -42.59 -4.71
C MET F 85 -13.17 -41.48 -4.92
N HIS F 86 -12.77 -40.24 -4.61
CA HIS F 86 -13.65 -39.08 -4.70
C HIS F 86 -12.93 -37.95 -5.40
N ARG F 87 -13.44 -37.49 -6.55
CA ARG F 87 -12.88 -36.33 -7.24
C ARG F 87 -13.63 -35.09 -6.77
N GLU F 88 -12.95 -34.22 -6.02
CA GLU F 88 -13.59 -32.99 -5.55
C GLU F 88 -13.78 -32.03 -6.71
N CYS F 89 -14.98 -31.46 -6.79
CA CYS F 89 -15.50 -30.80 -8.00
C CYS F 89 -16.08 -29.42 -7.71
N GLY F 90 -15.69 -28.77 -6.62
CA GLY F 90 -16.28 -27.49 -6.24
C GLY F 90 -16.75 -27.45 -4.80
N THR F 91 -16.10 -26.63 -3.97
CA THR F 91 -16.35 -26.60 -2.53
C THR F 91 -16.52 -25.17 -2.05
N LEU F 92 -17.66 -24.89 -1.42
CA LEU F 92 -17.92 -23.57 -0.84
C LEU F 92 -18.62 -23.73 0.51
N VAL F 93 -18.67 -22.66 1.30
CA VAL F 93 -19.04 -22.75 2.71
C VAL F 93 -20.06 -21.67 3.02
N ASP F 94 -21.10 -22.05 3.76
CA ASP F 94 -22.00 -21.08 4.37
C ASP F 94 -21.66 -20.98 5.86
N LEU F 95 -21.47 -19.77 6.36
CA LEU F 95 -20.92 -19.58 7.69
C LEU F 95 -21.80 -18.64 8.50
N ASN F 96 -22.17 -19.07 9.71
CA ASN F 96 -22.80 -18.17 10.68
C ASN F 96 -21.79 -17.91 11.78
N PRO F 97 -21.16 -16.72 11.79
CA PRO F 97 -20.12 -16.45 12.81
C PRO F 97 -20.67 -16.18 14.19
N LYS F 98 -21.94 -15.82 14.30
CA LYS F 98 -22.55 -15.65 15.61
C LYS F 98 -22.69 -16.98 16.34
N THR F 99 -23.07 -18.04 15.63
CA THR F 99 -23.19 -19.35 16.25
C THR F 99 -21.94 -20.20 16.11
N GLN F 100 -20.97 -19.75 15.30
CA GLN F 100 -19.82 -20.58 14.93
C GLN F 100 -20.31 -21.89 14.31
N ARG F 101 -21.34 -21.79 13.46
CA ARG F 101 -21.83 -22.96 12.73
C ARG F 101 -21.50 -22.79 11.25
N ALA F 102 -21.21 -23.89 10.55
CA ALA F 102 -21.03 -23.77 9.11
C ALA F 102 -21.56 -25.00 8.39
N ILE F 103 -21.98 -24.81 7.15
CA ILE F 103 -22.28 -25.92 6.24
C ILE F 103 -21.24 -25.92 5.13
N GLY F 104 -20.48 -27.00 4.99
CA GLY F 104 -19.57 -27.13 3.85
C GLY F 104 -20.26 -27.89 2.75
N LYS F 105 -20.34 -27.33 1.55
CA LYS F 105 -20.94 -28.00 0.40
C LYS F 105 -19.81 -28.38 -0.55
N MET F 106 -19.56 -29.67 -0.71
CA MET F 106 -18.48 -30.18 -1.55
C MET F 106 -19.06 -31.06 -2.64
N LYS F 107 -19.02 -30.57 -3.88
CA LYS F 107 -19.39 -31.42 -5.01
C LYS F 107 -18.28 -32.43 -5.25
N THR F 108 -18.66 -33.68 -5.53
CA THR F 108 -17.68 -34.71 -5.85
C THR F 108 -18.24 -35.61 -6.94
N THR F 109 -17.33 -36.34 -7.56
CA THR F 109 -17.66 -37.57 -8.27
C THR F 109 -17.13 -38.72 -7.42
N ILE F 110 -18.03 -39.55 -6.89
CA ILE F 110 -17.61 -40.83 -6.35
C ILE F 110 -17.27 -41.74 -7.52
N THR F 111 -16.08 -42.32 -7.51
CA THR F 111 -15.66 -43.21 -8.60
C THR F 111 -15.23 -44.51 -7.94
N GLN F 112 -15.94 -45.59 -8.22
CA GLN F 112 -15.63 -46.88 -7.61
C GLN F 112 -15.30 -47.90 -8.69
N ARG F 113 -14.15 -48.56 -8.52
CA ARG F 113 -13.66 -49.55 -9.46
C ARG F 113 -14.16 -50.92 -9.03
N PHE F 114 -14.86 -51.59 -9.95
CA PHE F 114 -15.38 -52.94 -9.78
C PHE F 114 -14.82 -53.84 -10.88
N GLU F 115 -15.03 -55.13 -10.71
CA GLU F 115 -15.00 -56.06 -11.82
C GLU F 115 -16.17 -57.01 -11.68
N TYR F 116 -16.68 -57.43 -12.83
CA TYR F 116 -17.70 -58.46 -12.91
C TYR F 116 -17.29 -59.40 -14.03
N GLU F 117 -17.19 -60.69 -13.71
CA GLU F 117 -16.84 -61.72 -14.68
C GLU F 117 -15.50 -61.42 -15.35
N GLY F 118 -14.54 -60.97 -14.55
CA GLY F 118 -13.23 -60.61 -15.09
C GLY F 118 -13.17 -59.32 -15.88
N VAL F 119 -14.24 -58.53 -15.86
CA VAL F 119 -14.31 -57.26 -16.60
C VAL F 119 -14.17 -56.13 -15.60
N PRO F 120 -13.17 -55.27 -15.73
CA PRO F 120 -13.08 -54.08 -14.87
C PRO F 120 -13.92 -52.93 -15.41
N PHE F 121 -14.48 -52.16 -14.50
CA PHE F 121 -15.28 -51.00 -14.88
C PHE F 121 -15.41 -50.06 -13.69
N ASP F 122 -15.76 -48.82 -13.98
CA ASP F 122 -16.01 -47.84 -12.94
C ASP F 122 -17.50 -47.53 -12.89
N ILE F 123 -17.98 -47.20 -11.70
CA ILE F 123 -19.23 -46.46 -11.54
C ILE F 123 -18.86 -45.07 -11.06
N ASP F 124 -19.36 -44.05 -11.76
CA ASP F 124 -19.07 -42.66 -11.41
C ASP F 124 -20.38 -41.98 -11.07
N CYS F 125 -20.46 -41.44 -9.85
CA CYS F 125 -21.68 -40.83 -9.30
C CYS F 125 -21.40 -39.38 -8.89
N ASP F 126 -21.94 -38.44 -9.65
CA ASP F 126 -21.88 -37.03 -9.27
C ASP F 126 -22.85 -36.75 -8.13
N ASN F 127 -22.36 -35.97 -7.16
CA ASN F 127 -23.06 -35.79 -5.89
C ASN F 127 -22.59 -34.52 -5.19
N TYR F 128 -23.27 -34.21 -4.09
CA TYR F 128 -22.89 -33.15 -3.14
C TYR F 128 -22.71 -33.77 -1.75
N PHE F 129 -21.57 -33.54 -1.13
CA PHE F 129 -21.33 -33.85 0.27
C PHE F 129 -21.66 -32.63 1.13
N ILE F 130 -22.45 -32.83 2.17
CA ILE F 130 -22.83 -31.77 3.08
C ILE F 130 -22.19 -32.07 4.43
N PHE F 131 -21.29 -31.18 4.85
CA PHE F 131 -20.64 -31.32 6.16
C PHE F 131 -21.25 -30.30 7.13
N PHE F 132 -21.79 -30.79 8.25
CA PHE F 132 -22.34 -29.95 9.30
C PHE F 132 -21.23 -29.70 10.30
N CYS F 133 -20.69 -28.48 10.32
CA CYS F 133 -19.47 -28.20 11.05
C CYS F 133 -19.74 -27.20 12.17
N LEU F 134 -18.91 -27.29 13.20
CA LEU F 134 -18.95 -26.32 14.27
C LEU F 134 -17.55 -26.14 14.82
N LYS F 135 -17.30 -25.00 15.46
CA LYS F 135 -16.07 -24.84 16.21
C LYS F 135 -16.20 -25.55 17.54
N ASP F 136 -15.19 -26.35 17.89
CA ASP F 136 -15.18 -26.95 19.22
C ASP F 136 -14.69 -25.91 20.23
N SER F 137 -14.63 -26.30 21.50
CA SER F 137 -14.27 -25.34 22.54
C SER F 137 -12.84 -24.81 22.37
N ASN F 138 -11.98 -25.52 21.66
CA ASN F 138 -10.63 -25.02 21.40
C ASN F 138 -10.55 -24.08 20.20
N GLY F 139 -11.66 -23.82 19.53
CA GLY F 139 -11.63 -22.97 18.36
C GLY F 139 -11.35 -23.69 17.07
N ASP F 140 -11.36 -25.01 17.05
CA ASP F 140 -11.09 -25.80 15.85
C ASP F 140 -12.40 -26.21 15.20
N TRP F 141 -12.49 -26.02 13.90
CA TRP F 141 -13.61 -26.54 13.14
C TRP F 141 -13.57 -28.06 13.07
N LYS F 142 -14.74 -28.67 13.31
CA LYS F 142 -14.92 -30.11 13.24
C LYS F 142 -16.25 -30.40 12.59
N ALA F 143 -16.31 -31.55 11.91
CA ALA F 143 -17.57 -32.01 11.32
C ALA F 143 -18.29 -32.90 12.34
N ARG F 144 -19.53 -32.55 12.67
CA ARG F 144 -20.35 -33.35 13.58
C ARG F 144 -21.23 -34.34 12.83
N TRP F 145 -21.70 -33.95 11.65
CA TRP F 145 -22.55 -34.77 10.79
C TRP F 145 -22.12 -34.56 9.36
N TYR F 146 -22.41 -35.53 8.51
CA TYR F 146 -22.32 -35.31 7.06
C TYR F 146 -23.28 -36.25 6.36
N LYS F 147 -23.77 -35.81 5.20
CA LYS F 147 -24.64 -36.62 4.36
C LYS F 147 -24.43 -36.24 2.91
N VAL F 148 -24.98 -37.06 2.01
CA VAL F 148 -24.71 -36.94 0.59
C VAL F 148 -26.03 -36.82 -0.16
N PHE F 149 -26.15 -35.77 -0.97
CA PHE F 149 -27.13 -35.77 -2.07
C PHE F 149 -26.53 -36.56 -3.22
N TYR F 150 -27.23 -37.58 -3.70
CA TYR F 150 -26.80 -38.34 -4.86
C TYR F 150 -27.52 -37.83 -6.10
N VAL F 151 -26.76 -37.32 -7.07
CA VAL F 151 -27.38 -36.53 -8.13
C VAL F 151 -27.54 -37.32 -9.42
N LYS F 152 -26.44 -37.88 -9.93
CA LYS F 152 -26.57 -38.71 -11.11
C LYS F 152 -25.39 -39.68 -11.14
N ASP F 153 -25.49 -40.74 -11.94
CA ASP F 153 -24.36 -41.64 -12.06
C ASP F 153 -24.37 -42.32 -13.41
N LYS F 154 -23.31 -43.09 -13.66
CA LYS F 154 -23.09 -43.70 -14.95
C LYS F 154 -22.12 -44.87 -14.79
N PHE F 155 -22.25 -45.81 -15.73
CA PHE F 155 -21.28 -46.87 -15.94
C PHE F 155 -20.15 -46.34 -16.82
N VAL F 156 -18.93 -46.80 -16.56
CA VAL F 156 -17.74 -46.28 -17.23
C VAL F 156 -16.82 -47.43 -17.59
N PRO F 157 -16.59 -47.71 -18.87
CA PRO F 157 -15.65 -48.77 -19.23
C PRO F 157 -14.23 -48.36 -18.88
N VAL F 158 -13.47 -49.32 -18.33
CA VAL F 158 -12.06 -49.07 -18.01
C VAL F 158 -11.16 -49.46 -19.18
N GLY F 159 -11.39 -50.64 -19.77
CA GLY F 159 -10.64 -51.06 -20.94
C GLY F 159 -11.31 -50.60 -22.23
N VAL F 160 -10.67 -50.91 -23.35
CA VAL F 160 -11.35 -50.75 -24.63
C VAL F 160 -12.60 -51.61 -24.64
N PRO F 161 -13.73 -51.13 -25.13
CA PRO F 161 -14.95 -51.94 -25.11
C PRO F 161 -14.81 -53.19 -25.99
N THR F 162 -15.50 -54.25 -25.58
CA THR F 162 -15.54 -55.52 -26.27
C THR F 162 -16.98 -55.99 -26.35
N ALA F 163 -17.44 -56.32 -27.56
CA ALA F 163 -18.80 -56.84 -27.72
C ALA F 163 -19.09 -57.93 -26.70
N GLU F 164 -18.10 -58.77 -26.42
CA GLU F 164 -18.27 -59.86 -25.47
C GLU F 164 -18.66 -59.32 -24.09
N ASN F 165 -17.80 -58.49 -23.52
CA ASN F 165 -18.06 -57.98 -22.16
C ASN F 165 -19.13 -56.90 -22.16
N MET F 166 -19.40 -56.30 -23.32
CA MET F 166 -20.61 -55.49 -23.45
C MET F 166 -21.85 -56.32 -23.10
N GLU F 167 -21.96 -57.52 -23.69
CA GLU F 167 -23.08 -58.38 -23.34
C GLU F 167 -22.96 -58.88 -21.90
N LYS F 168 -21.76 -59.28 -21.48
CA LYS F 168 -21.56 -59.78 -20.12
C LYS F 168 -21.97 -58.75 -19.06
N LEU F 169 -21.85 -57.46 -19.39
CA LEU F 169 -22.23 -56.40 -18.47
C LEU F 169 -23.66 -55.94 -18.64
N ALA F 170 -24.19 -56.02 -19.87
CA ALA F 170 -25.63 -55.83 -20.05
C ALA F 170 -26.42 -56.82 -19.22
N LYS F 171 -25.82 -57.98 -18.92
CA LYS F 171 -26.45 -58.90 -17.97
C LYS F 171 -26.51 -58.28 -16.58
N LEU F 172 -25.44 -57.61 -16.16
CA LEU F 172 -25.38 -57.02 -14.82
C LEU F 172 -26.21 -55.74 -14.75
N PHE F 173 -26.04 -54.84 -15.71
CA PHE F 173 -26.69 -53.53 -15.71
C PHE F 173 -27.77 -53.52 -16.79
N SER F 174 -28.95 -54.01 -16.42
CA SER F 174 -30.13 -53.87 -17.27
C SER F 174 -31.32 -53.53 -16.38
N LYS F 175 -32.28 -52.83 -16.98
CA LYS F 175 -33.33 -52.06 -16.30
C LYS F 175 -33.87 -52.74 -15.05
N GLU F 176 -34.16 -54.04 -15.13
CA GLU F 176 -34.84 -54.71 -14.01
C GLU F 176 -34.04 -54.60 -12.72
N ASN F 177 -32.71 -54.71 -12.80
CA ASN F 177 -31.87 -54.57 -11.62
C ASN F 177 -31.74 -53.13 -11.17
N LEU F 178 -31.81 -52.20 -12.13
CA LEU F 178 -31.54 -50.80 -11.83
C LEU F 178 -32.72 -50.11 -11.16
N GLU F 179 -33.94 -50.60 -11.37
CA GLU F 179 -35.15 -49.94 -10.87
C GLU F 179 -35.42 -50.16 -9.39
N GLN F 180 -34.76 -51.14 -8.75
CA GLN F 180 -34.98 -51.34 -7.33
C GLN F 180 -34.49 -50.17 -6.49
N TYR F 181 -33.72 -49.26 -7.08
CA TYR F 181 -33.10 -48.14 -6.38
C TYR F 181 -33.47 -46.81 -7.04
N PRO F 182 -33.56 -45.74 -6.25
CA PRO F 182 -33.88 -44.43 -6.82
C PRO F 182 -32.95 -44.04 -7.95
N TRP F 183 -33.51 -43.28 -8.89
CA TRP F 183 -32.70 -42.67 -9.94
C TRP F 183 -31.76 -41.64 -9.33
N GLY F 184 -30.48 -41.73 -9.68
CA GLY F 184 -29.50 -40.83 -9.12
C GLY F 184 -28.32 -41.58 -8.55
N TYR F 185 -28.56 -42.82 -8.10
CA TYR F 185 -27.45 -43.66 -7.67
C TYR F 185 -27.67 -45.13 -8.04
N GLN F 186 -28.44 -45.41 -9.10
CA GLN F 186 -28.85 -46.78 -9.36
C GLN F 186 -27.68 -47.68 -9.73
N TYR F 187 -26.82 -47.22 -10.65
CA TYR F 187 -25.68 -48.03 -11.08
C TYR F 187 -24.77 -48.38 -9.91
N LEU F 188 -24.48 -47.37 -9.07
CA LEU F 188 -23.64 -47.61 -7.90
C LEU F 188 -24.29 -48.63 -6.99
N ALA F 189 -25.61 -48.58 -6.87
CA ALA F 189 -26.33 -49.51 -6.00
C ALA F 189 -26.24 -50.94 -6.53
N VAL F 190 -26.49 -51.12 -7.82
CA VAL F 190 -26.35 -52.44 -8.44
C VAL F 190 -24.97 -53.00 -8.19
N ALA F 191 -23.94 -52.20 -8.46
CA ALA F 191 -22.56 -52.68 -8.36
C ALA F 191 -22.19 -52.98 -6.90
N GLN F 192 -22.60 -52.13 -5.96
CA GLN F 192 -22.25 -52.36 -4.57
C GLN F 192 -23.05 -53.49 -3.95
N ALA F 193 -24.25 -53.77 -4.47
CA ALA F 193 -25.01 -54.92 -4.00
C ALA F 193 -24.39 -56.22 -4.52
N ASN F 194 -23.93 -56.22 -5.78
CA ASN F 194 -23.21 -57.38 -6.30
C ASN F 194 -21.92 -57.64 -5.54
N LEU F 195 -21.27 -56.60 -5.00
CA LEU F 195 -20.12 -56.81 -4.12
C LEU F 195 -20.52 -57.48 -2.81
N GLY F 196 -21.80 -57.39 -2.43
CA GLY F 196 -22.26 -57.95 -1.18
C GLY F 196 -22.52 -56.95 -0.08
N TYR F 197 -22.56 -55.66 -0.39
CA TYR F 197 -22.89 -54.71 0.67
C TYR F 197 -24.39 -54.46 0.71
N PRO F 198 -24.95 -54.22 1.91
CA PRO F 198 -26.36 -53.83 1.99
C PRO F 198 -26.53 -52.33 1.78
N ILE F 199 -27.54 -51.97 1.00
CA ILE F 199 -27.71 -50.60 0.52
C ILE F 199 -28.72 -49.88 1.41
N ASP F 200 -28.29 -48.75 1.99
CA ASP F 200 -29.25 -47.80 2.54
C ASP F 200 -30.14 -47.28 1.42
N LYS F 201 -31.44 -47.45 1.57
CA LYS F 201 -32.34 -47.27 0.44
C LYS F 201 -32.98 -45.90 0.38
N LYS F 202 -33.07 -45.16 1.47
CA LYS F 202 -33.53 -43.78 1.41
C LYS F 202 -32.34 -42.90 1.74
N LEU F 203 -31.53 -42.64 0.72
CA LEU F 203 -30.43 -41.69 0.53
C LEU F 203 -30.99 -40.39 -0.04
N PRO F 204 -30.56 -39.25 0.49
CA PRO F 204 -30.98 -37.97 -0.10
C PRO F 204 -30.53 -37.89 -1.55
N THR F 205 -31.47 -37.62 -2.43
CA THR F 205 -31.17 -37.28 -3.82
C THR F 205 -31.68 -35.87 -4.11
N TRP F 206 -31.55 -35.45 -5.36
CA TRP F 206 -32.24 -34.26 -5.82
C TRP F 206 -33.66 -34.56 -6.31
N LYS F 207 -34.19 -35.76 -6.03
CA LYS F 207 -35.51 -36.14 -6.54
C LYS F 207 -36.47 -36.63 -5.46
N ASN F 208 -36.00 -37.23 -4.37
CA ASN F 208 -36.90 -37.68 -3.32
C ASN F 208 -37.16 -36.57 -2.32
N GLU F 209 -37.98 -36.88 -1.30
CA GLU F 209 -38.35 -35.88 -0.30
C GLU F 209 -37.26 -35.62 0.73
N LEU F 210 -36.34 -36.55 0.92
CA LEU F 210 -35.26 -36.37 1.90
C LEU F 210 -34.45 -35.10 1.64
N TYR F 211 -34.37 -34.68 0.36
CA TYR F 211 -33.84 -33.38 0.03
C TYR F 211 -34.30 -32.33 1.02
N HIS F 212 -35.63 -32.12 1.08
CA HIS F 212 -36.21 -31.15 1.99
C HIS F 212 -35.73 -31.38 3.41
N THR F 213 -35.82 -32.62 3.89
CA THR F 213 -35.45 -32.91 5.27
C THR F 213 -34.04 -32.42 5.55
N MET F 214 -33.10 -32.73 4.65
CA MET F 214 -31.72 -32.34 4.92
C MET F 214 -31.58 -30.84 4.91
N TYR F 215 -32.27 -30.17 3.99
CA TYR F 215 -32.20 -28.72 3.97
C TYR F 215 -32.76 -28.16 5.27
N ASP F 216 -33.86 -28.73 5.77
CA ASP F 216 -34.37 -28.27 7.05
C ASP F 216 -33.29 -28.43 8.12
N ALA F 217 -32.62 -29.58 8.13
CA ALA F 217 -31.54 -29.77 9.09
C ALA F 217 -30.46 -28.72 8.89
N MET F 218 -30.09 -28.46 7.64
CA MET F 218 -29.05 -27.45 7.37
C MET F 218 -29.43 -26.12 7.99
N LYS F 219 -30.69 -25.70 7.82
CA LYS F 219 -31.10 -24.40 8.35
C LYS F 219 -31.02 -24.41 9.86
N GLU F 220 -31.56 -25.45 10.49
CA GLU F 220 -31.52 -25.52 11.95
C GLU F 220 -30.09 -25.59 12.44
N TRP F 221 -29.21 -26.26 11.69
CA TRP F 221 -27.81 -26.30 12.10
C TRP F 221 -27.20 -24.91 12.12
N MET F 222 -27.48 -24.10 11.08
CA MET F 222 -26.88 -22.77 11.01
C MET F 222 -27.37 -21.87 12.14
N GLU F 223 -28.58 -22.10 12.64
CA GLU F 223 -29.15 -21.24 13.67
C GLU F 223 -28.66 -21.58 15.07
N GLY F 224 -27.87 -22.63 15.22
CA GLY F 224 -27.31 -23.01 16.49
C GLY F 224 -28.10 -24.05 17.24
N LYS F 225 -29.08 -24.70 16.60
CA LYS F 225 -29.95 -25.68 17.23
C LYS F 225 -29.33 -27.07 17.18
N GLU F 226 -29.85 -27.96 18.01
CA GLU F 226 -29.49 -29.37 17.95
C GLU F 226 -30.31 -30.07 16.87
N ILE F 227 -29.67 -30.93 16.09
CA ILE F 227 -30.36 -31.74 15.10
C ILE F 227 -30.02 -33.20 15.33
N ASP F 228 -30.72 -34.07 14.61
CA ASP F 228 -30.46 -35.51 14.62
C ASP F 228 -30.74 -36.04 13.23
N LEU F 229 -29.71 -36.55 12.55
CA LEU F 229 -29.83 -36.93 11.15
C LEU F 229 -30.13 -38.42 10.96
N HIS F 230 -30.19 -39.19 12.03
CA HIS F 230 -30.58 -40.60 11.93
C HIS F 230 -31.98 -40.76 11.34
N GLU G 6 58.48 3.11 -8.32
CA GLU G 6 57.46 3.77 -9.13
C GLU G 6 56.84 2.78 -10.13
N PRO G 7 55.65 2.27 -9.81
CA PRO G 7 55.02 1.25 -10.65
C PRO G 7 54.36 1.78 -11.92
N TRP G 8 54.16 3.09 -12.03
CA TRP G 8 53.44 3.68 -13.17
C TRP G 8 54.17 4.93 -13.65
N PRO G 9 55.42 4.78 -14.14
CA PRO G 9 56.21 5.98 -14.48
C PRO G 9 55.73 6.69 -15.73
N GLN G 10 55.12 5.98 -16.68
CA GLN G 10 54.65 6.58 -17.93
C GLN G 10 53.23 7.11 -17.71
N LEU G 11 53.06 8.42 -17.91
CA LEU G 11 51.78 9.09 -17.70
C LEU G 11 50.97 9.14 -18.98
N TYR G 12 49.67 8.90 -18.86
CA TYR G 12 48.76 9.05 -19.98
C TYR G 12 47.77 10.16 -19.63
N SER G 13 46.61 10.19 -20.27
CA SER G 13 45.57 11.14 -19.89
C SER G 13 44.86 10.62 -18.64
N HIS G 14 45.05 11.26 -17.50
CA HIS G 14 44.33 10.85 -16.30
C HIS G 14 43.71 11.99 -15.52
N LEU G 15 44.13 13.24 -15.72
CA LEU G 15 43.48 14.37 -15.09
C LEU G 15 43.40 15.50 -16.11
N ASN G 16 42.45 16.41 -15.92
CA ASN G 16 42.27 17.51 -16.85
C ASN G 16 42.16 17.01 -18.30
N GLY G 17 42.82 17.66 -19.25
CA GLY G 17 42.75 17.25 -20.65
C GLY G 17 41.59 17.87 -21.40
N THR G 18 41.40 17.44 -22.64
CA THR G 18 40.33 17.96 -23.47
C THR G 18 38.97 17.48 -22.97
N ASN G 19 37.91 18.14 -23.45
CA ASN G 19 36.57 17.74 -23.06
C ASN G 19 36.29 16.29 -23.47
N GLU G 20 36.78 15.87 -24.65
CA GLU G 20 36.55 14.51 -25.08
C GLU G 20 37.30 13.52 -24.19
N GLU G 21 38.51 13.87 -23.75
CA GLU G 21 39.21 12.99 -22.83
C GLU G 21 38.50 12.90 -21.48
N VAL G 22 37.98 14.03 -20.98
CA VAL G 22 37.25 13.97 -19.71
C VAL G 22 36.04 13.07 -19.84
N LEU G 23 35.29 13.23 -20.93
CA LEU G 23 34.08 12.41 -21.09
C LEU G 23 34.43 10.93 -21.23
N ASP G 24 35.48 10.61 -21.96
CA ASP G 24 35.89 9.21 -22.07
C ASP G 24 36.25 8.62 -20.70
N ARG G 25 37.05 9.36 -19.91
CA ARG G 25 37.37 8.87 -18.58
C ARG G 25 36.11 8.72 -17.72
N MET G 26 35.12 9.60 -17.91
CA MET G 26 33.88 9.45 -17.17
C MET G 26 33.15 8.17 -17.55
N LYS G 27 33.10 7.88 -18.85
CA LYS G 27 32.42 6.67 -19.31
C LYS G 27 33.11 5.42 -18.79
N VAL G 28 34.45 5.41 -18.79
CA VAL G 28 35.18 4.24 -18.30
C VAL G 28 34.99 4.08 -16.80
N ALA G 29 35.05 5.19 -16.04
CA ALA G 29 34.78 5.08 -14.59
C ALA G 29 33.40 4.52 -14.31
N GLU G 30 32.39 4.96 -15.08
CA GLU G 30 31.05 4.41 -14.89
C GLU G 30 31.02 2.92 -15.13
N LEU G 31 31.61 2.50 -16.26
CA LEU G 31 31.71 1.08 -16.58
C LEU G 31 32.27 0.31 -15.40
N CYS G 32 33.39 0.79 -14.82
CA CYS G 32 33.99 0.06 -13.69
C CYS G 32 33.02 -0.06 -12.52
N LYS G 33 32.38 1.04 -12.15
CA LYS G 33 31.43 1.03 -11.04
C LYS G 33 30.26 0.07 -11.26
N GLY G 34 29.95 -0.22 -12.51
CA GLY G 34 28.94 -1.23 -12.80
C GLY G 34 29.18 -2.55 -12.09
N TRP G 35 30.43 -2.89 -11.79
CA TRP G 35 30.67 -4.13 -11.06
C TRP G 35 29.98 -4.07 -9.70
N SER G 36 30.30 -3.04 -8.90
CA SER G 36 29.67 -2.86 -7.59
C SER G 36 28.16 -2.75 -7.69
N VAL G 37 27.65 -1.96 -8.64
CA VAL G 37 26.21 -1.69 -8.65
C VAL G 37 25.43 -2.87 -9.21
N TYR G 38 25.80 -3.33 -10.41
CA TYR G 38 25.00 -4.32 -11.12
C TYR G 38 25.20 -5.71 -10.56
N ARG G 39 26.44 -6.10 -10.23
CA ARG G 39 26.63 -7.47 -9.76
C ARG G 39 25.95 -7.70 -8.40
N ASP G 40 26.07 -6.74 -7.47
CA ASP G 40 25.45 -6.90 -6.16
C ASP G 40 23.94 -7.02 -6.28
N ALA G 41 23.33 -6.28 -7.22
CA ALA G 41 21.88 -6.29 -7.43
C ALA G 41 21.43 -7.37 -8.40
N SER G 42 22.34 -8.17 -8.93
CA SER G 42 22.01 -9.21 -9.92
C SER G 42 21.32 -8.61 -11.14
N GLU G 43 21.73 -7.41 -11.55
CA GLU G 43 21.24 -6.85 -12.81
C GLU G 43 22.19 -7.32 -13.92
N TRP G 44 21.93 -8.54 -14.40
CA TRP G 44 22.92 -9.25 -15.24
C TRP G 44 22.99 -8.70 -16.65
N ALA G 45 21.91 -8.14 -17.18
CA ALA G 45 22.02 -7.55 -18.52
C ALA G 45 22.91 -6.31 -18.51
N ASN G 46 22.71 -5.42 -17.54
CA ASN G 46 23.59 -4.28 -17.39
C ASN G 46 25.03 -4.71 -17.16
N PHE G 47 25.22 -5.75 -16.33
CA PHE G 47 26.56 -6.24 -16.06
C PHE G 47 27.23 -6.76 -17.33
N LYS G 48 26.48 -7.52 -18.12
CA LYS G 48 27.04 -8.04 -19.37
C LYS G 48 27.43 -6.91 -20.31
N GLU G 49 26.68 -5.81 -20.28
CA GLU G 49 26.98 -4.67 -21.14
C GLU G 49 28.35 -4.03 -20.86
N MET G 50 28.89 -4.21 -19.65
CA MET G 50 30.22 -3.70 -19.34
C MET G 50 31.34 -4.32 -20.17
N PHE G 51 31.14 -5.52 -20.73
CA PHE G 51 32.24 -6.35 -21.21
C PHE G 51 32.18 -6.61 -22.70
N THR G 52 33.36 -6.82 -23.30
CA THR G 52 33.40 -7.33 -24.67
C THR G 52 32.74 -8.71 -24.68
N PRO G 53 32.27 -9.18 -25.84
CA PRO G 53 31.67 -10.52 -25.87
C PRO G 53 32.65 -11.61 -25.49
N ASP G 54 33.94 -11.44 -25.78
CA ASP G 54 34.95 -12.45 -25.49
C ASP G 54 35.63 -12.24 -24.14
N ALA G 55 35.03 -11.41 -23.27
CA ALA G 55 35.71 -10.99 -22.07
C ALA G 55 35.95 -12.16 -21.12
N ASN G 56 37.07 -12.08 -20.40
CA ASN G 56 37.40 -13.03 -19.35
C ASN G 56 37.54 -12.29 -18.03
N ILE G 57 36.99 -12.93 -17.00
CA ILE G 57 36.95 -12.45 -15.62
C ILE G 57 37.75 -13.40 -14.73
N TRP G 58 38.48 -12.85 -13.77
CA TRP G 58 39.09 -13.63 -12.69
C TRP G 58 38.47 -13.24 -11.36
N THR G 59 38.10 -14.24 -10.56
CA THR G 59 37.80 -14.02 -9.15
C THR G 59 38.50 -15.08 -8.30
N THR G 60 38.38 -14.92 -6.97
CA THR G 60 38.94 -15.87 -6.02
C THR G 60 38.25 -17.22 -6.10
N TRP G 61 36.93 -17.23 -5.99
CA TRP G 61 36.16 -18.47 -5.91
C TRP G 61 35.88 -19.09 -7.28
N SER G 62 36.13 -18.36 -8.38
CA SER G 62 35.86 -18.86 -9.72
C SER G 62 37.10 -19.01 -10.60
N GLY G 63 38.23 -18.42 -10.21
CA GLY G 63 39.37 -18.41 -11.11
C GLY G 63 39.01 -17.68 -12.39
N ALA G 64 39.35 -18.30 -13.52
CA ALA G 64 39.14 -17.74 -14.85
C ALA G 64 37.78 -18.17 -15.41
N GLN G 65 37.11 -17.24 -16.08
CA GLN G 65 35.75 -17.46 -16.57
C GLN G 65 35.50 -16.63 -17.83
N THR G 66 34.61 -17.12 -18.67
CA THR G 66 34.00 -16.26 -19.67
C THR G 66 33.08 -15.27 -18.96
N ILE G 67 32.57 -14.30 -19.71
CA ILE G 67 31.58 -13.42 -19.11
C ILE G 67 30.25 -14.15 -18.97
N ASP G 68 29.87 -14.95 -19.97
CA ASP G 68 28.59 -15.64 -19.89
C ASP G 68 28.65 -16.80 -18.89
N SER G 69 29.79 -17.49 -18.82
CA SER G 69 29.95 -18.49 -17.78
C SER G 69 30.04 -17.85 -16.40
N PHE G 70 30.68 -16.68 -16.30
CA PHE G 70 30.76 -16.03 -15.00
C PHE G 70 29.37 -15.58 -14.55
N ILE G 71 28.55 -15.10 -15.47
CA ILE G 71 27.17 -14.75 -15.14
C ILE G 71 26.40 -15.98 -14.71
N GLN G 72 26.53 -17.08 -15.46
CA GLN G 72 25.79 -18.29 -15.11
C GLN G 72 26.19 -18.79 -13.72
N ILE G 73 27.49 -18.89 -13.45
CA ILE G 73 27.96 -19.45 -12.21
C ILE G 73 27.74 -18.47 -11.03
N SER G 74 27.69 -17.17 -11.29
CA SER G 74 27.27 -16.24 -10.25
C SER G 74 25.79 -16.41 -9.93
N LYS G 75 24.96 -16.56 -10.96
CA LYS G 75 23.56 -16.88 -10.74
C LYS G 75 23.42 -18.15 -9.90
N ASP G 76 24.22 -19.18 -10.19
CA ASP G 76 24.11 -20.38 -9.37
C ASP G 76 24.64 -20.15 -7.96
N GLY G 77 25.64 -19.27 -7.82
CA GLY G 77 26.06 -18.85 -6.49
C GLY G 77 24.94 -18.24 -5.69
N LYS G 78 23.94 -17.64 -6.35
CA LYS G 78 22.66 -17.25 -5.73
C LYS G 78 22.32 -17.92 -4.40
N ASP G 79 22.66 -19.21 -4.25
CA ASP G 79 22.05 -20.02 -3.21
C ASP G 79 23.05 -20.60 -2.21
N LYS G 80 24.00 -21.44 -2.63
CA LYS G 80 24.92 -22.07 -1.68
C LYS G 80 25.83 -20.98 -1.09
N GLY G 81 25.25 -20.19 -0.18
CA GLY G 81 26.00 -19.37 0.75
C GLY G 81 26.64 -18.10 0.21
N ALA G 82 26.44 -17.75 -1.06
CA ALA G 82 27.15 -16.62 -1.65
C ALA G 82 26.41 -15.32 -1.34
N PHE G 83 26.97 -14.53 -0.42
CA PHE G 83 26.47 -13.19 -0.05
C PHE G 83 27.66 -12.23 -0.14
N ILE G 84 27.97 -11.77 -1.36
CA ILE G 84 29.11 -10.91 -1.64
C ILE G 84 28.62 -9.53 -2.06
N MET G 85 29.17 -8.48 -1.45
CA MET G 85 28.89 -7.12 -1.85
C MET G 85 30.20 -6.37 -2.03
N HIS G 86 30.10 -5.21 -2.66
CA HIS G 86 31.26 -4.38 -2.96
C HIS G 86 31.01 -2.96 -2.50
N ARG G 87 31.98 -2.36 -1.82
CA ARG G 87 31.93 -0.94 -1.49
C ARG G 87 32.94 -0.26 -2.40
N GLU G 88 32.47 0.52 -3.37
CA GLU G 88 33.39 1.25 -4.24
C GLU G 88 34.02 2.42 -3.47
N CYS G 89 35.35 2.53 -3.52
CA CYS G 89 36.08 3.44 -2.63
C CYS G 89 37.07 4.31 -3.36
N GLY G 90 36.84 4.64 -4.63
CA GLY G 90 37.75 5.52 -5.37
C GLY G 90 38.10 5.00 -6.74
N THR G 91 37.62 5.65 -7.81
CA THR G 91 37.81 5.15 -9.15
C THR G 91 38.40 6.23 -10.01
N LEU G 92 39.51 5.92 -10.71
CA LEU G 92 40.10 6.82 -11.70
C LEU G 92 40.54 6.01 -12.91
N VAL G 93 40.93 6.71 -13.96
CA VAL G 93 41.11 6.08 -15.26
C VAL G 93 42.39 6.63 -15.89
N ASP G 94 43.23 5.74 -16.42
CA ASP G 94 44.33 6.13 -17.32
C ASP G 94 43.90 5.87 -18.76
N LEU G 95 44.04 6.87 -19.63
CA LEU G 95 43.50 6.83 -20.97
C LEU G 95 44.60 7.14 -21.97
N ASN G 96 44.70 6.32 -23.04
CA ASN G 96 45.57 6.60 -24.18
C ASN G 96 44.69 6.80 -25.40
N PRO G 97 44.43 8.04 -25.80
CA PRO G 97 43.55 8.29 -26.94
C PRO G 97 44.17 7.86 -28.27
N LYS G 98 45.50 7.70 -28.34
CA LYS G 98 46.09 7.24 -29.59
C LYS G 98 45.74 5.79 -29.87
N THR G 99 45.69 4.95 -28.84
CA THR G 99 45.28 3.56 -29.03
C THR G 99 43.81 3.32 -28.69
N GLN G 100 43.13 4.32 -28.13
CA GLN G 100 41.81 4.12 -27.53
C GLN G 100 41.84 2.98 -26.52
N ARG G 101 42.86 2.97 -25.68
CA ARG G 101 42.92 1.97 -24.62
C ARG G 101 42.80 2.69 -23.28
N ALA G 102 42.18 2.04 -22.29
CA ALA G 102 42.13 2.65 -20.97
C ALA G 102 42.30 1.58 -19.90
N ILE G 103 42.86 2.00 -18.77
CA ILE G 103 42.88 1.20 -17.56
C ILE G 103 42.01 1.90 -16.53
N GLY G 104 40.97 1.23 -16.05
CA GLY G 104 40.20 1.72 -14.92
C GLY G 104 40.72 1.11 -13.63
N LYS G 105 41.06 1.97 -12.68
CA LYS G 105 41.49 1.55 -11.34
C LYS G 105 40.36 1.87 -10.37
N MET G 106 39.73 0.85 -9.82
CA MET G 106 38.57 1.02 -8.95
C MET G 106 38.90 0.39 -7.61
N LYS G 107 39.20 1.21 -6.61
CA LYS G 107 39.37 0.67 -5.26
C LYS G 107 38.03 0.16 -4.75
N THR G 108 38.04 -0.97 -4.05
CA THR G 108 36.83 -1.43 -3.39
C THR G 108 37.19 -2.13 -2.09
N THR G 109 36.16 -2.30 -1.28
CA THR G 109 36.13 -3.30 -0.22
C THR G 109 35.20 -4.41 -0.68
N ILE G 110 35.74 -5.62 -0.88
CA ILE G 110 34.88 -6.78 -1.00
C ILE G 110 34.42 -7.13 0.41
N THR G 111 33.11 -7.19 0.63
CA THR G 111 32.59 -7.58 1.93
C THR G 111 31.68 -8.78 1.74
N GLN G 112 32.04 -9.90 2.38
CA GLN G 112 31.26 -11.13 2.22
C GLN G 112 30.83 -11.64 3.59
N ARG G 113 29.55 -12.00 3.68
CA ARG G 113 28.92 -12.41 4.93
C ARG G 113 28.89 -13.94 4.99
N PHE G 114 29.48 -14.49 6.04
CA PHE G 114 29.58 -15.92 6.22
C PHE G 114 28.90 -16.33 7.51
N GLU G 115 28.74 -17.64 7.64
CA GLU G 115 28.13 -18.30 8.78
C GLU G 115 29.00 -19.50 9.13
N TYR G 116 29.55 -19.52 10.34
CA TYR G 116 30.30 -20.67 10.81
C TYR G 116 29.84 -21.06 12.20
N GLU G 117 29.33 -22.29 12.32
CA GLU G 117 28.83 -22.80 13.60
C GLU G 117 27.79 -21.84 14.18
N GLY G 118 26.87 -21.39 13.34
CA GLY G 118 25.84 -20.46 13.74
C GLY G 118 26.31 -19.06 14.09
N VAL G 119 27.60 -18.76 13.98
CA VAL G 119 28.12 -17.43 14.27
C VAL G 119 28.28 -16.68 12.96
N PRO G 120 27.64 -15.52 12.78
CA PRO G 120 27.81 -14.73 11.55
C PRO G 120 29.04 -13.85 11.61
N PHE G 121 29.65 -13.63 10.45
CA PHE G 121 30.78 -12.71 10.42
C PHE G 121 31.00 -12.21 8.99
N ASP G 122 31.74 -11.13 8.86
CA ASP G 122 32.11 -10.64 7.53
C ASP G 122 33.61 -10.85 7.34
N ILE G 123 34.03 -11.09 6.11
CA ILE G 123 35.40 -10.79 5.74
C ILE G 123 35.38 -9.57 4.84
N ASP G 124 36.19 -8.57 5.17
CA ASP G 124 36.30 -7.36 4.36
C ASP G 124 37.72 -7.27 3.82
N CYS G 125 37.84 -7.16 2.50
CA CYS G 125 39.12 -7.16 1.80
C CYS G 125 39.22 -5.90 0.93
N ASP G 126 40.18 -5.03 1.27
CA ASP G 126 40.48 -3.84 0.48
C ASP G 126 41.38 -4.21 -0.69
N ASN G 127 41.04 -3.68 -1.87
CA ASN G 127 41.64 -4.13 -3.11
C ASN G 127 41.54 -3.05 -4.18
N TYR G 128 42.17 -3.31 -5.32
CA TYR G 128 41.98 -2.54 -6.56
C TYR G 128 41.43 -3.47 -7.64
N PHE G 129 40.25 -3.15 -8.18
CA PHE G 129 39.79 -3.78 -9.42
C PHE G 129 40.45 -3.06 -10.58
N ILE G 130 41.00 -3.82 -11.53
CA ILE G 130 41.66 -3.26 -12.71
C ILE G 130 40.88 -3.69 -13.95
N PHE G 131 40.32 -2.72 -14.67
CA PHE G 131 39.56 -3.00 -15.87
C PHE G 131 40.40 -2.61 -17.08
N PHE G 132 40.62 -3.57 -17.98
CA PHE G 132 41.40 -3.35 -19.20
C PHE G 132 40.37 -3.05 -20.27
N CYS G 133 40.26 -1.78 -20.65
CA CYS G 133 39.16 -1.32 -21.49
C CYS G 133 39.64 -0.89 -22.87
N LEU G 134 38.74 -1.02 -23.84
CA LEU G 134 39.00 -0.54 -25.19
C LEU G 134 37.69 0.05 -25.71
N LYS G 135 37.79 0.91 -26.72
CA LYS G 135 36.62 1.36 -27.46
C LYS G 135 36.32 0.33 -28.55
N ASP G 136 35.10 -0.15 -28.61
CA ASP G 136 34.79 -1.17 -29.61
C ASP G 136 34.46 -0.51 -30.96
N SER G 137 34.08 -1.35 -31.92
CA SER G 137 33.79 -0.89 -33.28
C SER G 137 32.76 0.23 -33.28
N ASN G 138 31.82 0.20 -32.34
CA ASN G 138 30.71 1.14 -32.30
C ASN G 138 31.01 2.38 -31.48
N GLY G 139 32.25 2.56 -31.03
CA GLY G 139 32.60 3.69 -30.21
C GLY G 139 32.28 3.54 -28.74
N ASP G 140 31.85 2.36 -28.30
CA ASP G 140 31.53 2.10 -26.89
C ASP G 140 32.74 1.56 -26.13
N TRP G 141 32.97 2.11 -24.94
CA TRP G 141 33.92 1.50 -24.03
C TRP G 141 33.41 0.15 -23.55
N LYS G 142 34.31 -0.83 -23.53
CA LYS G 142 34.04 -2.18 -23.04
C LYS G 142 35.28 -2.72 -22.33
N ALA G 143 35.07 -3.55 -21.31
CA ALA G 143 36.18 -4.20 -20.63
C ALA G 143 36.46 -5.56 -21.26
N ARG G 144 37.72 -5.77 -21.67
CA ARG G 144 38.14 -7.02 -22.27
C ARG G 144 38.74 -7.96 -21.23
N TRP G 145 39.34 -7.38 -20.20
CA TRP G 145 39.95 -8.13 -19.13
C TRP G 145 39.65 -7.42 -17.83
N TYR G 146 39.60 -8.19 -16.76
CA TYR G 146 39.38 -7.74 -15.40
C TYR G 146 40.24 -8.57 -14.47
N LYS G 147 41.04 -7.93 -13.62
CA LYS G 147 41.74 -8.64 -12.55
C LYS G 147 41.88 -7.74 -11.34
N VAL G 148 42.18 -8.34 -10.19
CA VAL G 148 42.13 -7.65 -8.90
C VAL G 148 43.46 -7.74 -8.19
N PHE G 149 43.92 -6.62 -7.62
CA PHE G 149 44.97 -6.61 -6.60
C PHE G 149 44.32 -6.73 -5.24
N TYR G 150 44.56 -7.83 -4.51
CA TYR G 150 44.06 -7.98 -3.15
C TYR G 150 45.09 -7.38 -2.20
N VAL G 151 44.67 -6.37 -1.42
CA VAL G 151 45.66 -5.57 -0.70
C VAL G 151 45.72 -5.93 0.78
N LYS G 152 44.58 -5.89 1.47
CA LYS G 152 44.58 -6.30 2.87
C LYS G 152 43.20 -6.78 3.25
N ASP G 153 43.10 -7.66 4.26
CA ASP G 153 41.78 -8.14 4.62
C ASP G 153 41.65 -8.24 6.14
N LYS G 154 40.43 -8.50 6.58
CA LYS G 154 40.19 -8.50 8.01
C LYS G 154 38.94 -9.27 8.33
N PHE G 155 38.96 -9.81 9.55
CA PHE G 155 37.80 -10.43 10.15
C PHE G 155 36.90 -9.35 10.75
N VAL G 156 35.61 -9.42 10.46
CA VAL G 156 34.66 -8.43 10.94
C VAL G 156 33.56 -9.11 11.76
N PRO G 157 33.55 -8.92 13.07
CA PRO G 157 32.42 -9.42 13.86
C PRO G 157 31.14 -8.72 13.46
N VAL G 158 30.07 -9.50 13.37
CA VAL G 158 28.76 -8.99 13.02
C VAL G 158 27.92 -8.71 14.27
N GLY G 159 28.01 -9.59 15.26
CA GLY G 159 27.39 -9.32 16.55
C GLY G 159 28.37 -8.73 17.53
N VAL G 160 27.85 -8.34 18.68
CA VAL G 160 28.76 -8.01 19.78
C VAL G 160 29.63 -9.22 20.04
N PRO G 161 30.93 -9.05 20.28
CA PRO G 161 31.80 -10.22 20.50
C PRO G 161 31.47 -10.91 21.82
N THR G 162 31.63 -12.23 21.82
CA THR G 162 31.50 -13.03 23.03
C THR G 162 32.64 -14.03 23.08
N ALA G 163 33.05 -14.38 24.31
CA ALA G 163 34.15 -15.32 24.50
C ALA G 163 33.89 -16.62 23.73
N GLU G 164 32.69 -17.19 23.89
CA GLU G 164 32.30 -18.39 23.18
C GLU G 164 32.61 -18.27 21.68
N ASN G 165 32.03 -17.25 21.05
CA ASN G 165 32.19 -17.06 19.61
C ASN G 165 33.65 -16.81 19.25
N MET G 166 34.36 -16.03 20.06
CA MET G 166 35.76 -15.75 19.78
C MET G 166 36.56 -17.05 19.71
N GLU G 167 36.35 -17.95 20.67
CA GLU G 167 37.17 -19.15 20.68
C GLU G 167 36.77 -20.13 19.60
N LYS G 168 35.48 -20.20 19.24
CA LYS G 168 35.15 -21.10 18.13
C LYS G 168 35.55 -20.52 16.77
N LEU G 169 35.68 -19.20 16.67
CA LEU G 169 36.14 -18.62 15.41
C LEU G 169 37.66 -18.66 15.29
N ALA G 170 38.38 -18.51 16.40
CA ALA G 170 39.83 -18.69 16.39
C ALA G 170 40.22 -20.08 15.91
N LYS G 171 39.31 -21.04 15.98
CA LYS G 171 39.53 -22.33 15.30
C LYS G 171 39.71 -22.12 13.81
N LEU G 172 38.71 -21.53 13.17
CA LEU G 172 38.66 -21.43 11.73
C LEU G 172 39.80 -20.57 11.19
N PHE G 173 40.11 -19.48 11.88
CA PHE G 173 41.12 -18.53 11.43
C PHE G 173 42.44 -18.77 12.15
N SER G 174 42.91 -20.01 11.97
CA SER G 174 44.19 -20.47 12.50
C SER G 174 45.36 -19.88 11.70
N LYS G 175 46.51 -19.84 12.35
CA LYS G 175 47.73 -19.37 11.69
C LYS G 175 48.01 -20.17 10.42
N GLU G 176 48.06 -21.50 10.57
CA GLU G 176 48.51 -22.36 9.48
C GLU G 176 47.53 -22.39 8.31
N ASN G 177 46.22 -22.36 8.58
CA ASN G 177 45.26 -22.33 7.49
C ASN G 177 45.28 -20.97 6.78
N LEU G 178 45.56 -19.89 7.51
CA LEU G 178 45.69 -18.58 6.88
C LEU G 178 46.89 -18.53 5.96
N GLU G 179 48.06 -18.99 6.44
CA GLU G 179 49.27 -18.93 5.63
C GLU G 179 49.25 -19.84 4.41
N GLN G 180 48.24 -20.72 4.30
CA GLN G 180 48.04 -21.48 3.07
C GLN G 180 47.87 -20.56 1.85
N TYR G 181 47.46 -19.32 2.04
CA TYR G 181 47.09 -18.40 0.98
C TYR G 181 47.97 -17.15 0.99
N PRO G 182 48.09 -16.44 -0.14
CA PRO G 182 48.94 -15.24 -0.18
C PRO G 182 48.42 -14.17 0.77
N TRP G 183 49.35 -13.44 1.39
CA TRP G 183 48.95 -12.38 2.30
C TRP G 183 48.25 -11.26 1.52
N GLY G 184 46.98 -11.01 1.86
CA GLY G 184 46.20 -10.00 1.17
C GLY G 184 44.77 -10.46 1.00
N TYR G 185 44.58 -11.77 0.88
CA TYR G 185 43.23 -12.30 0.88
C TYR G 185 43.17 -13.60 1.66
N GLN G 186 43.96 -13.69 2.74
CA GLN G 186 43.97 -14.92 3.53
C GLN G 186 42.59 -15.20 4.11
N TYR G 187 42.11 -14.30 4.99
CA TYR G 187 40.80 -14.47 5.62
C TYR G 187 39.71 -14.77 4.60
N LEU G 188 39.69 -14.02 3.49
CA LEU G 188 38.68 -14.24 2.48
C LEU G 188 38.80 -15.63 1.85
N ALA G 189 40.04 -16.06 1.59
CA ALA G 189 40.25 -17.38 1.03
C ALA G 189 39.73 -18.46 1.98
N VAL G 190 40.13 -18.37 3.25
CA VAL G 190 39.68 -19.33 4.26
C VAL G 190 38.16 -19.42 4.28
N ALA G 191 37.49 -18.27 4.39
CA ALA G 191 36.03 -18.30 4.54
C ALA G 191 35.35 -18.81 3.26
N GLN G 192 35.87 -18.45 2.08
CA GLN G 192 35.31 -18.99 0.85
C GLN G 192 35.65 -20.47 0.65
N ALA G 193 36.72 -20.94 1.29
CA ALA G 193 37.04 -22.35 1.29
C ALA G 193 35.98 -23.13 2.06
N ASN G 194 35.73 -22.70 3.31
CA ASN G 194 34.68 -23.30 4.14
C ASN G 194 33.38 -23.46 3.38
N LEU G 195 33.00 -22.46 2.60
CA LEU G 195 31.76 -22.51 1.83
C LEU G 195 31.83 -23.50 0.66
N GLY G 196 32.96 -24.17 0.45
CA GLY G 196 33.08 -25.16 -0.60
C GLY G 196 33.56 -24.64 -1.93
N TYR G 197 34.02 -23.39 -2.01
CA TYR G 197 34.62 -22.99 -3.27
C TYR G 197 36.10 -23.34 -3.29
N PRO G 198 36.62 -23.70 -4.47
CA PRO G 198 38.07 -23.78 -4.64
C PRO G 198 38.65 -22.39 -4.90
N ILE G 199 39.90 -22.23 -4.50
CA ILE G 199 40.57 -20.94 -4.47
C ILE G 199 41.60 -20.89 -5.59
N ASP G 200 41.59 -19.78 -6.35
CA ASP G 200 42.69 -19.45 -7.24
C ASP G 200 43.73 -18.69 -6.40
N LYS G 201 44.89 -19.30 -6.18
CA LYS G 201 45.95 -18.72 -5.38
C LYS G 201 47.03 -18.07 -6.22
N LYS G 202 46.83 -17.99 -7.53
CA LYS G 202 47.70 -17.20 -8.42
C LYS G 202 47.07 -15.83 -8.69
N LEU G 203 46.78 -15.10 -7.60
CA LEU G 203 46.14 -13.80 -7.75
C LEU G 203 47.01 -12.68 -7.18
N PRO G 204 47.06 -11.52 -7.83
CA PRO G 204 48.04 -10.50 -7.44
C PRO G 204 47.72 -9.89 -6.08
N THR G 205 48.78 -9.61 -5.34
CA THR G 205 48.65 -8.80 -4.13
C THR G 205 49.63 -7.64 -4.21
N TRP G 206 49.73 -6.86 -3.15
CA TRP G 206 50.76 -5.84 -3.05
C TRP G 206 52.03 -6.34 -2.38
N LYS G 207 52.23 -7.66 -2.31
CA LYS G 207 53.45 -8.22 -1.73
C LYS G 207 54.11 -9.31 -2.54
N ASN G 208 53.39 -10.00 -3.44
CA ASN G 208 53.96 -11.10 -4.19
C ASN G 208 54.44 -10.61 -5.55
N GLU G 209 54.94 -11.53 -6.36
CA GLU G 209 55.58 -11.15 -7.62
C GLU G 209 54.56 -10.87 -8.72
N LEU G 210 53.34 -11.40 -8.59
CA LEU G 210 52.27 -11.11 -9.56
C LEU G 210 51.98 -9.62 -9.65
N TYR G 211 52.28 -8.86 -8.59
CA TYR G 211 52.24 -7.41 -8.65
C TYR G 211 52.85 -6.90 -9.95
N HIS G 212 54.12 -7.27 -10.16
CA HIS G 212 54.82 -6.76 -11.35
C HIS G 212 54.22 -7.32 -12.62
N THR G 213 53.85 -8.61 -12.62
CA THR G 213 53.17 -9.16 -13.78
C THR G 213 51.95 -8.32 -14.10
N MET G 214 51.17 -7.99 -13.07
CA MET G 214 49.96 -7.23 -13.30
C MET G 214 50.29 -5.87 -13.90
N TYR G 215 51.25 -5.17 -13.30
CA TYR G 215 51.55 -3.84 -13.83
C TYR G 215 52.09 -3.94 -15.23
N ASP G 216 52.88 -4.99 -15.52
CA ASP G 216 53.43 -5.11 -16.86
C ASP G 216 52.32 -5.22 -17.89
N ALA G 217 51.30 -6.02 -17.59
CA ALA G 217 50.19 -6.18 -18.51
C ALA G 217 49.46 -4.85 -18.68
N MET G 218 49.24 -4.13 -17.58
CA MET G 218 48.57 -2.85 -17.69
C MET G 218 49.34 -1.95 -18.66
N LYS G 219 50.67 -1.92 -18.54
CA LYS G 219 51.40 -0.99 -19.40
C LYS G 219 51.33 -1.45 -20.85
N GLU G 220 51.45 -2.77 -21.08
CA GLU G 220 51.34 -3.25 -22.45
C GLU G 220 49.96 -2.96 -23.00
N TRP G 221 48.94 -3.07 -22.16
CA TRP G 221 47.58 -2.80 -22.64
C TRP G 221 47.44 -1.35 -23.10
N MET G 222 48.03 -0.42 -22.37
CA MET G 222 47.89 0.99 -22.75
C MET G 222 48.54 1.27 -24.10
N GLU G 223 49.62 0.55 -24.42
CA GLU G 223 50.35 0.73 -25.66
C GLU G 223 49.67 0.10 -26.87
N GLY G 224 48.52 -0.54 -26.70
CA GLY G 224 47.86 -1.18 -27.81
C GLY G 224 48.25 -2.64 -28.09
N LYS G 225 49.01 -3.26 -27.20
CA LYS G 225 49.49 -4.63 -27.44
C LYS G 225 48.46 -5.66 -26.98
N GLU G 226 48.67 -6.92 -27.37
CA GLU G 226 47.87 -8.05 -26.87
C GLU G 226 48.46 -8.58 -25.58
N ILE G 227 47.58 -8.92 -24.63
CA ILE G 227 48.00 -9.49 -23.37
C ILE G 227 47.18 -10.75 -23.16
N ASP G 228 47.62 -11.57 -22.23
CA ASP G 228 46.82 -12.70 -21.80
C ASP G 228 47.00 -12.82 -20.30
N LEU G 229 45.90 -12.68 -19.57
CA LEU G 229 45.97 -12.68 -18.13
C LEU G 229 45.76 -14.05 -17.51
N HIS G 230 45.76 -15.10 -18.33
CA HIS G 230 45.65 -16.43 -17.75
C HIS G 230 46.94 -16.77 -17.00
N TRP G 231 46.92 -16.50 -15.70
CA TRP G 231 47.97 -16.87 -14.75
C TRP G 231 47.49 -16.58 -13.32
N PRO H 9 13.79 -5.25 -16.04
CA PRO H 9 14.04 -5.88 -17.34
C PRO H 9 14.26 -4.88 -18.47
N GLN H 10 13.80 -3.65 -18.30
CA GLN H 10 13.85 -2.66 -19.37
C GLN H 10 15.19 -1.91 -19.35
N LEU H 11 15.67 -1.60 -20.56
CA LEU H 11 16.99 -1.03 -20.83
C LEU H 11 16.84 0.44 -21.22
N TYR H 12 17.37 1.33 -20.39
CA TYR H 12 17.47 2.75 -20.71
C TYR H 12 18.95 3.11 -20.84
N SER H 13 19.28 4.40 -20.79
CA SER H 13 20.66 4.85 -20.93
C SER H 13 21.39 4.74 -19.59
N HIS H 14 22.46 3.94 -19.53
CA HIS H 14 23.25 3.82 -18.31
C HIS H 14 24.76 3.74 -18.52
N LEU H 15 25.25 3.43 -19.71
CA LEU H 15 26.68 3.44 -20.00
C LEU H 15 26.87 4.01 -21.40
N ASN H 16 28.07 4.55 -21.66
CA ASN H 16 28.42 5.14 -22.97
C ASN H 16 27.31 6.13 -23.33
N GLY H 17 26.70 6.03 -24.54
CA GLY H 17 25.72 6.99 -24.98
C GLY H 17 26.34 8.27 -25.53
N THR H 18 25.46 9.22 -25.89
CA THR H 18 25.88 10.52 -26.41
C THR H 18 26.51 11.38 -25.31
N ASN H 19 27.21 12.44 -25.73
CA ASN H 19 27.81 13.33 -24.74
C ASN H 19 26.75 13.95 -23.84
N GLU H 20 25.57 14.26 -24.40
CA GLU H 20 24.51 14.85 -23.57
C GLU H 20 24.01 13.87 -22.52
N GLU H 21 23.82 12.60 -22.91
CA GLU H 21 23.42 11.59 -21.93
C GLU H 21 24.48 11.40 -20.86
N VAL H 22 25.76 11.42 -21.25
CA VAL H 22 26.82 11.26 -20.24
C VAL H 22 26.76 12.39 -19.22
N LEU H 23 26.61 13.63 -19.70
CA LEU H 23 26.56 14.77 -18.79
C LEU H 23 25.32 14.70 -17.91
N ASP H 24 24.18 14.27 -18.44
CA ASP H 24 23.00 14.13 -17.59
C ASP H 24 23.21 13.08 -16.51
N ARG H 25 23.80 11.93 -16.86
CA ARG H 25 24.07 10.92 -15.83
C ARG H 25 25.06 11.44 -14.78
N MET H 26 26.08 12.20 -15.22
CA MET H 26 27.00 12.78 -14.25
C MET H 26 26.27 13.71 -13.28
N LYS H 27 25.37 14.53 -13.81
CA LYS H 27 24.66 15.49 -12.97
C LYS H 27 23.73 14.80 -11.97
N VAL H 28 23.08 13.72 -12.40
CA VAL H 28 22.22 12.98 -11.49
C VAL H 28 23.04 12.29 -10.40
N ALA H 29 24.19 11.74 -10.79
CA ALA H 29 25.03 11.06 -9.81
C ALA H 29 25.54 12.03 -8.75
N GLU H 30 25.96 13.23 -9.19
CA GLU H 30 26.34 14.28 -8.24
C GLU H 30 25.21 14.57 -7.28
N LEU H 31 23.99 14.74 -7.81
CA LEU H 31 22.86 15.04 -6.96
C LEU H 31 22.71 13.99 -5.87
N CYS H 32 22.75 12.70 -6.24
CA CYS H 32 22.62 11.64 -5.23
C CYS H 32 23.70 11.74 -4.16
N LYS H 33 24.94 11.96 -4.58
CA LYS H 33 26.05 12.06 -3.62
C LYS H 33 25.88 13.22 -2.67
N GLY H 34 25.08 14.21 -3.05
CA GLY H 34 24.81 15.29 -2.14
C GLY H 34 24.21 14.83 -0.83
N TRP H 35 23.48 13.71 -0.85
CA TRP H 35 23.01 13.15 0.43
C TRP H 35 24.17 12.93 1.39
N SER H 36 25.18 12.17 0.95
CA SER H 36 26.33 11.89 1.82
C SER H 36 27.13 13.14 2.14
N VAL H 37 27.42 13.98 1.14
CA VAL H 37 28.33 15.10 1.36
C VAL H 37 27.66 16.21 2.18
N TYR H 38 26.44 16.61 1.79
CA TYR H 38 25.81 17.77 2.42
C TYR H 38 25.01 17.40 3.67
N ARG H 39 24.24 16.31 3.65
CA ARG H 39 23.45 16.01 4.83
C ARG H 39 24.36 15.74 6.03
N ASP H 40 25.40 14.93 5.83
CA ASP H 40 26.28 14.59 6.94
C ASP H 40 26.89 15.84 7.56
N ALA H 41 27.27 16.81 6.73
CA ALA H 41 28.00 18.00 7.15
C ALA H 41 27.08 19.16 7.52
N SER H 42 25.77 18.96 7.42
CA SER H 42 24.80 19.98 7.80
C SER H 42 24.93 21.21 6.89
N GLU H 43 25.28 21.00 5.62
CA GLU H 43 25.32 22.09 4.65
C GLU H 43 23.95 22.19 4.01
N TRP H 44 23.02 22.84 4.74
CA TRP H 44 21.61 22.69 4.42
C TRP H 44 21.21 23.36 3.11
N ALA H 45 21.81 24.51 2.75
CA ALA H 45 21.38 25.12 1.50
C ALA H 45 21.79 24.25 0.30
N ASN H 46 22.97 23.67 0.38
CA ASN H 46 23.38 22.70 -0.63
C ASN H 46 22.42 21.52 -0.67
N PHE H 47 22.08 20.98 0.50
CA PHE H 47 21.19 19.82 0.57
C PHE H 47 19.84 20.15 -0.04
N LYS H 48 19.31 21.34 0.29
CA LYS H 48 18.01 21.77 -0.21
C LYS H 48 18.01 21.81 -1.73
N GLU H 49 19.15 22.17 -2.33
CA GLU H 49 19.20 22.24 -3.79
C GLU H 49 18.99 20.89 -4.48
N MET H 50 19.15 19.77 -3.78
CA MET H 50 18.97 18.47 -4.45
C MET H 50 17.51 18.15 -4.74
N PHE H 51 16.57 18.79 -4.07
CA PHE H 51 15.21 18.30 -4.02
C PHE H 51 14.23 19.25 -4.70
N THR H 52 13.13 18.69 -5.23
CA THR H 52 11.98 19.52 -5.58
C THR H 52 11.39 20.15 -4.31
N PRO H 53 10.65 21.25 -4.44
CA PRO H 53 10.06 21.87 -3.24
C PRO H 53 9.11 20.99 -2.47
N ASP H 54 8.42 20.05 -3.11
CA ASP H 54 7.45 19.21 -2.43
C ASP H 54 8.02 17.87 -1.98
N ALA H 55 9.33 17.70 -2.03
CA ALA H 55 9.93 16.47 -1.53
C ALA H 55 9.86 16.42 -0.01
N ASN H 56 9.70 15.20 0.51
CA ASN H 56 9.76 14.91 1.93
C ASN H 56 11.03 14.14 2.29
N ILE H 57 11.55 14.39 3.49
CA ILE H 57 12.60 13.60 4.13
C ILE H 57 11.96 12.77 5.23
N TRP H 58 12.46 11.55 5.43
CA TRP H 58 12.02 10.70 6.53
C TRP H 58 13.19 10.30 7.41
N THR H 59 12.97 10.33 8.73
CA THR H 59 13.90 9.71 9.68
C THR H 59 13.07 9.11 10.79
N THR H 60 13.70 8.24 11.60
CA THR H 60 12.92 7.67 12.69
C THR H 60 12.63 8.69 13.76
N TRP H 61 13.50 9.68 13.97
CA TRP H 61 13.22 10.65 15.03
C TRP H 61 12.26 11.75 14.59
N SER H 62 12.20 12.06 13.29
CA SER H 62 11.35 13.14 12.81
C SER H 62 10.04 12.66 12.18
N GLY H 63 9.97 11.42 11.74
CA GLY H 63 8.91 11.06 10.81
C GLY H 63 9.09 11.85 9.51
N ALA H 64 8.05 11.79 8.68
CA ALA H 64 8.06 12.52 7.41
C ALA H 64 7.99 14.02 7.66
N GLN H 65 8.75 14.79 6.86
CA GLN H 65 8.76 16.24 6.94
C GLN H 65 9.10 16.79 5.57
N THR H 66 8.52 17.94 5.22
CA THR H 66 8.97 18.60 4.00
C THR H 66 10.46 18.92 4.12
N ILE H 67 11.13 19.03 2.96
CA ILE H 67 12.56 19.33 3.01
C ILE H 67 12.83 20.60 3.82
N ASP H 68 11.99 21.64 3.65
CA ASP H 68 12.22 22.87 4.41
C ASP H 68 12.00 22.67 5.91
N SER H 69 11.01 21.86 6.28
CA SER H 69 10.78 21.59 7.69
C SER H 69 11.89 20.77 8.29
N PHE H 70 12.37 19.78 7.54
CA PHE H 70 13.48 18.97 8.04
C PHE H 70 14.69 19.85 8.31
N ILE H 71 14.99 20.76 7.39
CA ILE H 71 16.12 21.67 7.59
C ILE H 71 15.90 22.55 8.81
N GLN H 72 14.68 23.08 8.97
CA GLN H 72 14.44 23.98 10.10
C GLN H 72 14.58 23.25 11.43
N ILE H 73 14.01 22.05 11.55
CA ILE H 73 14.14 21.35 12.83
C ILE H 73 15.59 20.89 13.07
N SER H 74 16.33 20.49 12.03
CA SER H 74 17.74 20.15 12.28
C SER H 74 18.55 21.37 12.72
N LYS H 75 18.27 22.54 12.13
CA LYS H 75 18.93 23.76 12.57
C LYS H 75 18.64 24.06 14.04
N ASP H 76 17.41 23.82 14.49
CA ASP H 76 17.03 23.99 15.89
C ASP H 76 17.46 22.82 16.78
N GLY H 77 18.23 21.88 16.25
CA GLY H 77 18.73 20.78 17.09
C GLY H 77 17.66 19.91 17.71
N LYS H 78 16.54 19.71 17.01
CA LYS H 78 15.48 18.85 17.53
C LYS H 78 15.85 17.36 17.48
N ASP H 79 16.95 17.00 16.80
CA ASP H 79 17.51 15.65 16.87
C ASP H 79 18.50 15.60 18.04
N LYS H 80 17.95 15.49 19.25
CA LYS H 80 18.76 15.60 20.46
C LYS H 80 19.98 14.67 20.40
N GLY H 81 19.74 13.40 20.09
CA GLY H 81 20.84 12.48 19.93
C GLY H 81 20.78 11.77 18.59
N ALA H 82 21.56 12.23 17.62
CA ALA H 82 21.61 11.58 16.32
C ALA H 82 22.92 11.98 15.65
N PHE H 83 23.88 11.05 15.60
CA PHE H 83 25.16 11.25 14.91
C PHE H 83 25.24 10.19 13.78
N ILE H 84 24.79 10.58 12.60
CA ILE H 84 24.64 9.68 11.47
C ILE H 84 25.50 10.17 10.31
N MET H 85 26.19 9.24 9.63
CA MET H 85 26.96 9.55 8.44
C MET H 85 26.65 8.49 7.38
N HIS H 86 26.97 8.80 6.13
CA HIS H 86 26.63 7.94 4.99
C HIS H 86 27.86 7.83 4.10
N ARG H 87 28.54 6.68 4.15
CA ARG H 87 29.67 6.43 3.28
C ARG H 87 29.15 6.01 1.91
N GLU H 88 29.39 6.83 0.88
CA GLU H 88 28.91 6.49 -0.45
C GLU H 88 29.85 5.45 -1.08
N CYS H 89 29.31 4.37 -1.63
CA CYS H 89 30.24 3.39 -2.16
C CYS H 89 29.71 2.72 -3.41
N GLY H 90 29.20 3.55 -4.32
CA GLY H 90 28.96 3.13 -5.68
C GLY H 90 27.68 3.73 -6.21
N THR H 91 27.75 4.64 -7.19
CA THR H 91 26.57 5.36 -7.69
C THR H 91 26.54 5.25 -9.20
N LEU H 92 25.41 4.81 -9.76
CA LEU H 92 25.18 4.85 -11.20
C LEU H 92 23.76 5.30 -11.48
N VAL H 93 23.46 5.55 -12.75
CA VAL H 93 22.22 6.22 -13.12
C VAL H 93 21.57 5.49 -14.27
N ASP H 94 20.24 5.38 -14.23
CA ASP H 94 19.42 4.99 -15.39
C ASP H 94 18.70 6.24 -15.89
N LEU H 95 18.91 6.58 -17.15
CA LEU H 95 18.36 7.80 -17.72
C LEU H 95 17.42 7.47 -18.87
N ASN H 96 16.29 8.16 -18.93
CA ASN H 96 15.37 8.11 -20.07
C ASN H 96 15.27 9.53 -20.62
N PRO H 97 16.01 9.85 -21.69
CA PRO H 97 15.96 11.21 -22.25
C PRO H 97 14.65 11.55 -22.94
N LYS H 98 13.83 10.57 -23.29
CA LYS H 98 12.56 10.91 -23.93
C LYS H 98 11.56 11.48 -22.92
N THR H 99 11.63 11.05 -21.66
CA THR H 99 10.76 11.60 -20.63
C THR H 99 11.48 12.56 -19.71
N GLN H 100 12.79 12.69 -19.86
CA GLN H 100 13.64 13.47 -18.95
C GLN H 100 13.51 12.94 -17.53
N ARG H 101 13.50 11.62 -17.40
CA ARG H 101 13.38 11.01 -16.09
C ARG H 101 14.64 10.20 -15.79
N ALA H 102 15.04 10.15 -14.53
CA ALA H 102 16.20 9.32 -14.18
C ALA H 102 16.00 8.67 -12.82
N ILE H 103 16.66 7.53 -12.66
CA ILE H 103 16.77 6.87 -11.37
C ILE H 103 18.25 6.84 -10.98
N GLY H 104 18.60 7.46 -9.85
CA GLY H 104 19.95 7.40 -9.34
C GLY H 104 20.01 6.30 -8.29
N LYS H 105 20.96 5.39 -8.45
CA LYS H 105 21.18 4.32 -7.49
C LYS H 105 22.50 4.55 -6.78
N MET H 106 22.44 4.77 -5.46
CA MET H 106 23.63 5.07 -4.67
C MET H 106 23.75 4.08 -3.52
N LYS H 107 24.71 3.17 -3.60
CA LYS H 107 25.02 2.31 -2.47
C LYS H 107 25.66 3.15 -1.37
N THR H 108 25.26 2.90 -0.12
CA THR H 108 25.94 3.54 1.01
C THR H 108 26.09 2.57 2.17
N THR H 109 26.98 2.96 3.10
CA THR H 109 26.95 2.47 4.46
C THR H 109 26.45 3.58 5.36
N ILE H 110 25.26 3.38 5.92
CA ILE H 110 24.85 4.21 7.05
C ILE H 110 25.70 3.83 8.25
N THR H 111 26.29 4.82 8.90
CA THR H 111 27.06 4.54 10.11
C THR H 111 26.60 5.53 11.17
N GLN H 112 25.98 5.01 12.23
CA GLN H 112 25.43 5.86 13.28
C GLN H 112 26.12 5.54 14.59
N ARG H 113 26.60 6.58 15.27
CA ARG H 113 27.30 6.46 16.54
C ARG H 113 26.30 6.50 17.69
N PHE H 114 26.29 5.46 18.51
CA PHE H 114 25.40 5.27 19.64
C PHE H 114 26.21 5.12 20.93
N GLU H 115 25.50 5.10 22.06
CA GLU H 115 26.08 4.83 23.36
C GLU H 115 25.11 4.02 24.19
N TYR H 116 25.61 2.99 24.88
CA TYR H 116 24.79 2.20 25.80
C TYR H 116 25.56 1.99 27.09
N GLU H 117 25.00 2.49 28.20
CA GLU H 117 25.64 2.40 29.51
C GLU H 117 27.06 2.93 29.47
N GLY H 118 27.23 4.06 28.78
CA GLY H 118 28.52 4.71 28.66
C GLY H 118 29.48 4.09 27.66
N VAL H 119 29.11 2.99 27.00
CA VAL H 119 29.98 2.33 26.03
C VAL H 119 29.62 2.87 24.64
N PRO H 120 30.56 3.47 23.92
CA PRO H 120 30.26 3.93 22.56
C PRO H 120 30.36 2.80 21.55
N PHE H 121 29.55 2.89 20.50
CA PHE H 121 29.60 1.91 19.42
C PHE H 121 28.96 2.52 18.18
N ASP H 122 29.27 1.94 17.01
CA ASP H 122 28.60 2.26 15.74
C ASP H 122 27.67 1.10 15.39
N ILE H 123 26.59 1.42 14.69
CA ILE H 123 25.93 0.43 13.85
C ILE H 123 26.22 0.82 12.41
N ASP H 124 26.64 -0.16 11.58
CA ASP H 124 26.90 0.09 10.16
C ASP H 124 25.93 -0.74 9.34
N CYS H 125 25.17 -0.08 8.47
CA CYS H 125 24.15 -0.73 7.68
C CYS H 125 24.42 -0.48 6.20
N ASP H 126 24.76 -1.55 5.49
CA ASP H 126 24.86 -1.44 4.04
C ASP H 126 23.47 -1.43 3.42
N ASN H 127 23.31 -0.55 2.43
CA ASN H 127 22.02 -0.23 1.83
C ASN H 127 22.24 0.32 0.43
N TYR H 128 21.15 0.57 -0.28
CA TYR H 128 21.21 1.45 -1.45
C TYR H 128 20.06 2.44 -1.40
N PHE H 129 20.35 3.66 -1.83
CA PHE H 129 19.38 4.74 -2.01
C PHE H 129 18.92 4.75 -3.45
N ILE H 130 17.63 4.98 -3.64
CA ILE H 130 17.03 5.15 -4.96
C ILE H 130 16.48 6.57 -4.99
N PHE H 131 16.99 7.38 -5.91
CA PHE H 131 16.55 8.76 -6.09
C PHE H 131 15.76 8.83 -7.39
N PHE H 132 14.50 9.24 -7.28
CA PHE H 132 13.60 9.46 -8.41
C PHE H 132 13.77 10.91 -8.86
N CYS H 133 14.43 11.12 -10.00
CA CYS H 133 14.85 12.43 -10.43
C CYS H 133 14.13 12.84 -11.71
N LEU H 134 13.92 14.15 -11.85
CA LEU H 134 13.36 14.74 -13.04
C LEU H 134 14.03 16.08 -13.27
N LYS H 135 13.87 16.62 -14.49
CA LYS H 135 14.29 17.99 -14.80
C LYS H 135 13.16 18.96 -14.51
N ASP H 136 13.46 20.00 -13.73
CA ASP H 136 12.44 21.00 -13.42
C ASP H 136 12.31 21.99 -14.59
N SER H 137 11.60 23.10 -14.36
CA SER H 137 11.34 24.04 -15.44
C SER H 137 12.56 24.84 -15.85
N ASN H 138 13.59 24.92 -15.01
CA ASN H 138 14.87 25.50 -15.39
C ASN H 138 15.81 24.48 -16.04
N GLY H 139 15.33 23.27 -16.31
CA GLY H 139 16.22 22.24 -16.83
C GLY H 139 17.19 21.66 -15.81
N ASP H 140 16.96 21.87 -14.52
CA ASP H 140 17.81 21.30 -13.48
C ASP H 140 17.27 19.96 -13.02
N TRP H 141 18.18 18.99 -12.84
CA TRP H 141 17.82 17.75 -12.18
C TRP H 141 17.50 17.99 -10.71
N LYS H 142 16.43 17.34 -10.22
CA LYS H 142 15.93 17.40 -8.85
C LYS H 142 15.38 16.04 -8.47
N ALA H 143 15.58 15.66 -7.20
CA ALA H 143 14.98 14.46 -6.64
C ALA H 143 13.57 14.78 -6.17
N ARG H 144 12.59 14.05 -6.70
CA ARG H 144 11.19 14.22 -6.26
C ARG H 144 10.83 13.25 -5.15
N TRP H 145 11.45 12.07 -5.15
CA TRP H 145 11.25 11.03 -4.15
C TRP H 145 12.58 10.35 -3.93
N TYR H 146 12.71 9.70 -2.77
CA TYR H 146 13.79 8.73 -2.60
C TYR H 146 13.31 7.64 -1.67
N LYS H 147 13.92 6.47 -1.81
CA LYS H 147 13.68 5.33 -0.95
C LYS H 147 15.02 4.66 -0.65
N VAL H 148 15.07 3.92 0.47
CA VAL H 148 16.25 3.19 0.88
C VAL H 148 15.90 1.71 1.01
N PHE H 149 16.75 0.83 0.46
CA PHE H 149 16.66 -0.61 0.68
C PHE H 149 17.80 -1.02 1.60
N TYR H 150 17.44 -1.65 2.73
CA TYR H 150 18.39 -2.03 3.77
C TYR H 150 18.83 -3.47 3.54
N VAL H 151 20.13 -3.66 3.38
CA VAL H 151 20.69 -4.93 2.90
C VAL H 151 21.24 -5.76 4.04
N LYS H 152 22.16 -5.19 4.82
CA LYS H 152 22.68 -5.95 5.96
C LYS H 152 23.25 -4.95 6.95
N ASP H 153 23.36 -5.35 8.21
CA ASP H 153 23.98 -4.45 9.17
C ASP H 153 24.74 -5.21 10.23
N LYS H 154 25.49 -4.47 11.04
CA LYS H 154 26.39 -5.09 11.99
C LYS H 154 26.67 -4.14 13.12
N PHE H 155 26.97 -4.73 14.28
CA PHE H 155 27.50 -4.00 15.42
C PHE H 155 28.96 -3.69 15.18
N VAL H 156 29.39 -2.50 15.60
CA VAL H 156 30.78 -2.08 15.35
C VAL H 156 31.34 -1.52 16.65
N PRO H 157 32.27 -2.21 17.31
CA PRO H 157 32.89 -1.64 18.49
C PRO H 157 33.67 -0.40 18.10
N VAL H 158 33.75 0.56 19.03
CA VAL H 158 34.52 1.77 18.81
C VAL H 158 35.84 1.72 19.57
N GLY H 159 35.79 1.42 20.87
CA GLY H 159 37.00 1.20 21.62
C GLY H 159 37.50 -0.22 21.48
N VAL H 160 38.65 -0.50 22.10
CA VAL H 160 39.05 -1.91 22.20
C VAL H 160 37.98 -2.64 22.98
N PRO H 161 37.55 -3.83 22.56
CA PRO H 161 36.53 -4.56 23.32
C PRO H 161 37.03 -4.88 24.72
N THR H 162 36.10 -4.98 25.67
CA THR H 162 36.41 -5.43 27.02
C THR H 162 35.28 -6.36 27.46
N ALA H 163 35.65 -7.43 28.17
CA ALA H 163 34.65 -8.41 28.61
C ALA H 163 33.51 -7.75 29.38
N GLU H 164 33.84 -6.73 30.18
CA GLU H 164 32.80 -5.96 30.85
C GLU H 164 31.87 -5.31 29.84
N ASN H 165 32.44 -4.64 28.84
CA ASN H 165 31.64 -3.98 27.82
C ASN H 165 30.90 -4.99 26.96
N MET H 166 31.52 -6.14 26.69
CA MET H 166 30.85 -7.17 25.89
C MET H 166 29.63 -7.72 26.62
N GLU H 167 29.70 -7.86 27.94
CA GLU H 167 28.54 -8.33 28.69
C GLU H 167 27.44 -7.26 28.72
N LYS H 168 27.80 -6.02 29.07
CA LYS H 168 26.83 -4.93 29.00
C LYS H 168 26.14 -4.90 27.64
N LEU H 169 26.92 -4.96 26.55
CA LEU H 169 26.35 -4.84 25.22
C LEU H 169 25.56 -6.07 24.81
N ALA H 170 25.92 -7.25 25.33
CA ALA H 170 25.12 -8.44 25.08
C ALA H 170 23.75 -8.30 25.71
N LYS H 171 23.64 -7.47 26.75
CA LYS H 171 22.30 -7.20 27.29
C LYS H 171 21.40 -6.54 26.24
N LEU H 172 21.93 -5.55 25.51
CA LEU H 172 21.12 -4.81 24.55
C LEU H 172 20.92 -5.58 23.25
N PHE H 173 22.00 -6.10 22.68
CA PHE H 173 21.92 -6.83 21.40
C PHE H 173 21.73 -8.33 21.60
N SER H 174 20.79 -8.69 22.47
CA SER H 174 20.35 -10.06 22.64
C SER H 174 19.61 -10.56 21.39
N LYS H 175 19.58 -11.89 21.23
CA LYS H 175 18.89 -12.45 20.08
C LYS H 175 17.40 -12.15 20.11
N GLU H 176 16.78 -12.24 21.28
CA GLU H 176 15.33 -11.98 21.32
C GLU H 176 15.02 -10.54 20.95
N ASN H 177 15.84 -9.59 21.41
CA ASN H 177 15.70 -8.20 21.00
C ASN H 177 15.83 -8.06 19.48
N LEU H 178 16.88 -8.66 18.90
CA LEU H 178 17.15 -8.49 17.48
C LEU H 178 16.07 -9.10 16.60
N GLU H 179 15.47 -10.22 17.04
CA GLU H 179 14.53 -10.94 16.20
C GLU H 179 13.17 -10.27 16.06
N GLN H 180 12.89 -9.22 16.84
CA GLN H 180 11.67 -8.45 16.64
C GLN H 180 11.64 -7.76 15.28
N TYR H 181 12.80 -7.50 14.70
CA TYR H 181 12.87 -6.64 13.54
C TYR H 181 13.28 -7.42 12.30
N PRO H 182 12.97 -6.91 11.10
CA PRO H 182 13.49 -7.55 9.89
C PRO H 182 15.01 -7.64 9.95
N TRP H 183 15.52 -8.70 9.35
CA TRP H 183 16.94 -9.02 9.48
C TRP H 183 17.82 -7.88 8.94
N GLY H 184 17.49 -7.34 7.77
CA GLY H 184 18.38 -6.42 7.09
C GLY H 184 18.82 -5.21 7.90
N TYR H 185 18.04 -4.82 8.90
CA TYR H 185 18.42 -3.67 9.72
C TYR H 185 18.21 -3.94 11.21
N GLN H 186 18.23 -5.22 11.60
CA GLN H 186 17.88 -5.55 12.98
C GLN H 186 18.75 -4.78 13.98
N TYR H 187 20.06 -4.70 13.73
CA TYR H 187 20.92 -4.03 14.71
C TYR H 187 20.62 -2.54 14.78
N LEU H 188 20.43 -1.90 13.62
CA LEU H 188 20.07 -0.49 13.63
C LEU H 188 18.79 -0.31 14.43
N ALA H 189 17.82 -1.21 14.21
CA ALA H 189 16.55 -1.07 14.91
C ALA H 189 16.78 -1.08 16.42
N VAL H 190 17.57 -2.04 16.91
CA VAL H 190 17.75 -2.17 18.34
C VAL H 190 18.40 -0.92 18.90
N ALA H 191 19.44 -0.43 18.20
CA ALA H 191 20.15 0.75 18.68
C ALA H 191 19.22 1.95 18.69
N GLN H 192 18.45 2.12 17.61
CA GLN H 192 17.61 3.30 17.59
C GLN H 192 16.50 3.18 18.62
N ALA H 193 16.02 1.95 18.87
CA ALA H 193 15.01 1.77 19.92
C ALA H 193 15.59 2.16 21.27
N ASN H 194 16.84 1.76 21.52
CA ASN H 194 17.45 2.09 22.80
C ASN H 194 17.67 3.59 22.91
N LEU H 195 17.82 4.27 21.79
CA LEU H 195 18.04 5.71 21.85
C LEU H 195 16.77 6.44 22.20
N GLY H 196 15.62 5.81 22.00
CA GLY H 196 14.32 6.40 22.25
C GLY H 196 13.42 6.49 21.03
N TYR H 197 13.91 6.21 19.82
CA TYR H 197 13.12 6.38 18.60
C TYR H 197 12.92 5.04 17.91
N PRO H 198 11.97 4.22 18.40
CA PRO H 198 11.74 2.92 17.77
C PRO H 198 11.29 3.09 16.33
N ILE H 199 11.75 2.18 15.48
CA ILE H 199 11.37 2.23 14.08
C ILE H 199 9.93 1.72 13.98
N ASP H 200 9.04 2.57 13.47
CA ASP H 200 7.62 2.21 13.42
C ASP H 200 7.33 1.25 12.28
N LYS H 201 7.80 1.58 11.09
CA LYS H 201 7.30 1.00 9.84
C LYS H 201 8.18 -0.15 9.34
N LYS H 202 7.59 -0.95 8.46
CA LYS H 202 8.33 -1.89 7.64
C LYS H 202 9.23 -1.12 6.69
N LEU H 203 10.49 -1.36 6.75
CA LEU H 203 11.35 -0.71 5.77
C LEU H 203 11.69 -1.70 4.65
N PRO H 204 11.94 -1.22 3.43
CA PRO H 204 12.23 -2.15 2.35
C PRO H 204 13.49 -2.96 2.64
N THR H 205 13.34 -4.28 2.62
CA THR H 205 14.39 -5.23 2.94
C THR H 205 13.90 -6.61 2.53
N TRP H 206 14.73 -7.62 2.75
CA TRP H 206 14.40 -8.97 2.30
C TRP H 206 13.13 -9.47 2.99
N LYS H 207 12.42 -10.36 2.28
CA LYS H 207 11.23 -11.08 2.72
C LYS H 207 9.97 -10.21 2.72
N ASN H 208 10.07 -8.90 2.48
CA ASN H 208 8.84 -8.13 2.35
C ASN H 208 8.64 -7.65 0.91
N GLU H 209 7.46 -7.07 0.70
CA GLU H 209 6.93 -6.71 -0.61
C GLU H 209 7.56 -5.47 -1.19
N LEU H 210 8.22 -4.66 -0.37
CA LEU H 210 8.56 -3.30 -0.77
C LEU H 210 9.48 -3.28 -1.99
N TYR H 211 10.41 -4.22 -2.08
CA TYR H 211 11.21 -4.41 -3.30
C TYR H 211 10.32 -4.28 -4.54
N HIS H 212 9.31 -5.14 -4.63
CA HIS H 212 8.42 -5.13 -5.79
C HIS H 212 7.76 -3.77 -5.94
N THR H 213 7.22 -3.22 -4.85
CA THR H 213 6.63 -1.89 -4.93
C THR H 213 7.64 -0.92 -5.53
N MET H 214 8.84 -0.87 -4.94
CA MET H 214 9.84 0.08 -5.42
C MET H 214 10.07 -0.14 -6.90
N TYR H 215 10.21 -1.40 -7.32
CA TYR H 215 10.57 -1.64 -8.71
C TYR H 215 9.48 -1.16 -9.66
N ASP H 216 8.21 -1.40 -9.32
CA ASP H 216 7.18 -0.92 -10.23
C ASP H 216 7.15 0.60 -10.23
N ALA H 217 7.40 1.21 -9.06
CA ALA H 217 7.47 2.67 -9.00
C ALA H 217 8.59 3.18 -9.88
N MET H 218 9.70 2.44 -9.97
CA MET H 218 10.79 2.88 -10.84
C MET H 218 10.37 2.81 -12.29
N LYS H 219 9.68 1.74 -12.69
CA LYS H 219 9.32 1.61 -14.09
C LYS H 219 8.36 2.73 -14.48
N GLU H 220 7.30 2.94 -13.71
CA GLU H 220 6.38 4.04 -13.99
C GLU H 220 7.11 5.37 -13.99
N TRP H 221 8.07 5.55 -13.08
CA TRP H 221 8.79 6.81 -13.07
C TRP H 221 9.56 6.98 -14.37
N MET H 222 10.23 5.92 -14.83
CA MET H 222 11.05 6.06 -16.02
C MET H 222 10.19 6.32 -17.25
N GLU H 223 8.95 5.82 -17.25
CA GLU H 223 8.01 6.07 -18.34
C GLU H 223 7.39 7.47 -18.28
N GLY H 224 7.76 8.31 -17.32
CA GLY H 224 7.20 9.64 -17.21
C GLY H 224 5.93 9.73 -16.39
N LYS H 225 5.45 8.62 -15.82
CA LYS H 225 4.20 8.65 -15.06
C LYS H 225 4.43 9.19 -13.67
N GLU H 226 3.40 9.82 -13.11
CA GLU H 226 3.48 10.25 -11.72
C GLU H 226 3.31 9.03 -10.81
N ILE H 227 3.92 9.10 -9.63
CA ILE H 227 3.86 8.01 -8.68
C ILE H 227 3.52 8.59 -7.30
N ASP H 228 3.26 7.67 -6.35
CA ASP H 228 3.03 8.03 -4.96
C ASP H 228 3.63 6.92 -4.11
N LEU H 229 4.53 7.29 -3.19
CA LEU H 229 5.29 6.33 -2.41
C LEU H 229 4.87 6.41 -0.94
N HIS H 230 4.00 5.49 -0.52
CA HIS H 230 3.62 5.26 0.87
C HIS H 230 3.39 6.53 1.68
N TYR I 5 24.49 26.30 12.86
CA TYR I 5 23.77 27.26 12.04
C TYR I 5 23.76 26.84 10.57
N GLU I 6 24.73 27.35 9.82
CA GLU I 6 24.89 27.08 8.40
C GLU I 6 26.31 27.46 8.01
N PRO I 7 27.21 26.49 7.82
CA PRO I 7 28.62 26.81 7.53
C PRO I 7 28.87 27.17 6.08
N TRP I 8 27.90 26.96 5.20
CA TRP I 8 28.04 27.22 3.77
C TRP I 8 26.81 27.97 3.27
N PRO I 9 26.57 29.18 3.78
CA PRO I 9 25.33 29.89 3.40
C PRO I 9 25.35 30.38 1.96
N GLN I 10 26.49 30.84 1.46
CA GLN I 10 26.57 31.27 0.07
C GLN I 10 26.80 30.07 -0.84
N LEU I 11 25.93 29.95 -1.84
CA LEU I 11 26.00 28.86 -2.80
C LEU I 11 26.80 29.26 -4.04
N TYR I 12 27.57 28.31 -4.54
CA TYR I 12 28.29 28.47 -5.79
C TYR I 12 27.75 27.46 -6.80
N SER I 13 28.51 27.17 -7.84
CA SER I 13 28.08 26.14 -8.78
C SER I 13 28.40 24.79 -8.14
N HIS I 14 27.40 24.00 -7.78
CA HIS I 14 27.74 22.70 -7.23
C HIS I 14 26.92 21.55 -7.75
N LEU I 15 25.77 21.81 -8.39
CA LEU I 15 24.94 20.80 -9.03
C LEU I 15 24.42 21.41 -10.31
N ASN I 16 24.07 20.58 -11.29
CA ASN I 16 23.52 21.07 -12.57
C ASN I 16 24.47 22.09 -13.19
N GLY I 17 23.98 23.25 -13.65
CA GLY I 17 24.85 24.23 -14.27
C GLY I 17 25.07 23.97 -15.74
N THR I 18 25.91 24.80 -16.33
CA THR I 18 26.27 24.63 -17.73
C THR I 18 27.15 23.40 -17.91
N ASN I 19 27.20 22.92 -19.15
CA ASN I 19 28.09 21.79 -19.50
C ASN I 19 29.53 22.06 -19.10
N GLU I 20 30.00 23.30 -19.29
CA GLU I 20 31.37 23.63 -18.94
C GLU I 20 31.59 23.57 -17.42
N GLU I 21 30.60 24.02 -16.65
CA GLU I 21 30.65 23.89 -15.18
C GLU I 21 30.67 22.41 -14.77
N VAL I 22 29.78 21.59 -15.37
CA VAL I 22 29.78 20.15 -15.08
C VAL I 22 31.15 19.55 -15.33
N LEU I 23 31.77 19.89 -16.48
CA LEU I 23 33.07 19.29 -16.77
C LEU I 23 34.14 19.78 -15.80
N ASP I 24 34.07 21.04 -15.36
CA ASP I 24 35.07 21.50 -14.40
C ASP I 24 34.91 20.82 -13.06
N ARG I 25 33.66 20.60 -12.63
CA ARG I 25 33.42 19.86 -11.39
C ARG I 25 33.88 18.40 -11.50
N MET I 26 33.66 17.76 -12.66
CA MET I 26 34.19 16.41 -12.88
C MET I 26 35.72 16.38 -12.77
N LYS I 27 36.40 17.37 -13.37
CA LYS I 27 37.86 17.40 -13.33
C LYS I 27 38.37 17.58 -11.91
N VAL I 28 37.74 18.48 -11.14
CA VAL I 28 38.20 18.68 -9.77
C VAL I 28 37.91 17.44 -8.92
N ALA I 29 36.75 16.81 -9.12
CA ALA I 29 36.44 15.61 -8.35
C ALA I 29 37.46 14.50 -8.61
N GLU I 30 37.84 14.30 -9.88
CA GLU I 30 38.87 13.32 -10.18
C GLU I 30 40.17 13.65 -9.48
N LEU I 31 40.55 14.92 -9.54
CA LEU I 31 41.78 15.35 -8.87
C LEU I 31 41.77 14.92 -7.41
N CYS I 32 40.67 15.24 -6.68
CA CYS I 32 40.59 14.84 -5.28
C CYS I 32 40.76 13.34 -5.10
N LYS I 33 40.10 12.54 -5.97
CA LYS I 33 40.18 11.09 -5.84
C LYS I 33 41.58 10.55 -6.05
N GLY I 34 42.40 11.30 -6.77
CA GLY I 34 43.82 10.94 -6.91
C GLY I 34 44.53 10.68 -5.61
N TRP I 35 44.11 11.34 -4.52
CA TRP I 35 44.70 11.03 -3.22
C TRP I 35 44.48 9.56 -2.86
N SER I 36 43.22 9.10 -2.94
CA SER I 36 42.93 7.71 -2.60
C SER I 36 43.57 6.74 -3.58
N VAL I 37 43.48 7.03 -4.88
CA VAL I 37 43.96 6.05 -5.85
C VAL I 37 45.50 6.03 -5.91
N TYR I 38 46.12 7.19 -6.04
CA TYR I 38 47.56 7.27 -6.33
C TYR I 38 48.40 7.15 -5.07
N ARG I 39 48.07 7.90 -4.01
CA ARG I 39 48.89 7.81 -2.80
C ARG I 39 48.89 6.40 -2.24
N ASP I 40 47.72 5.77 -2.13
CA ASP I 40 47.67 4.43 -1.58
C ASP I 40 48.59 3.49 -2.34
N ALA I 41 48.66 3.67 -3.66
CA ALA I 41 49.39 2.77 -4.53
C ALA I 41 50.82 3.24 -4.83
N SER I 42 51.28 4.31 -4.19
CA SER I 42 52.62 4.82 -4.39
C SER I 42 52.86 5.19 -5.86
N GLU I 43 51.79 5.57 -6.56
CA GLU I 43 51.94 6.08 -7.93
C GLU I 43 52.27 7.57 -7.83
N TRP I 44 53.56 7.84 -7.56
CA TRP I 44 53.95 9.17 -7.11
C TRP I 44 53.94 10.22 -8.22
N ALA I 45 54.23 9.86 -9.46
CA ALA I 45 54.13 10.84 -10.55
C ALA I 45 52.68 11.29 -10.77
N ASN I 46 51.75 10.31 -10.79
CA ASN I 46 50.32 10.63 -10.88
C ASN I 46 49.90 11.54 -9.74
N PHE I 47 50.29 11.18 -8.51
CA PHE I 47 49.96 11.96 -7.32
C PHE I 47 50.48 13.39 -7.43
N LYS I 48 51.75 13.54 -7.82
CA LYS I 48 52.34 14.86 -7.94
C LYS I 48 51.57 15.73 -8.92
N GLU I 49 51.02 15.13 -9.98
CA GLU I 49 50.26 15.94 -10.94
C GLU I 49 48.99 16.58 -10.35
N MET I 50 48.49 16.11 -9.20
CA MET I 50 47.30 16.73 -8.60
C MET I 50 47.56 18.14 -8.06
N PHE I 51 48.82 18.49 -7.78
CA PHE I 51 49.15 19.65 -6.99
C PHE I 51 49.92 20.69 -7.80
N THR I 52 49.77 21.95 -7.41
CA THR I 52 50.71 22.99 -7.85
C THR I 52 52.13 22.65 -7.37
N PRO I 53 53.16 23.21 -8.03
CA PRO I 53 54.54 22.93 -7.58
C PRO I 53 54.81 23.37 -6.16
N ASP I 54 54.15 24.44 -5.70
CA ASP I 54 54.39 24.98 -4.37
C ASP I 54 53.32 24.54 -3.36
N ALA I 55 52.71 23.37 -3.56
CA ALA I 55 51.50 23.02 -2.80
C ALA I 55 51.83 22.66 -1.35
N ASN I 56 50.89 22.99 -0.46
CA ASN I 56 51.04 22.76 0.97
C ASN I 56 49.96 21.79 1.48
N ILE I 57 50.40 20.80 2.27
CA ILE I 57 49.60 19.68 2.73
C ILE I 57 49.69 19.62 4.25
N TRP I 58 48.60 19.21 4.91
CA TRP I 58 48.60 18.94 6.34
C TRP I 58 48.12 17.52 6.59
N THR I 59 48.83 16.78 7.45
CA THR I 59 48.29 15.54 8.00
C THR I 59 48.63 15.42 9.47
N THR I 60 48.02 14.44 10.14
CA THR I 60 48.19 14.30 11.59
C THR I 60 49.62 13.94 11.94
N TRP I 61 50.25 13.09 11.13
CA TRP I 61 51.59 12.59 11.39
C TRP I 61 52.67 13.43 10.71
N SER I 62 52.32 14.23 9.71
CA SER I 62 53.29 15.04 9.00
C SER I 62 53.25 16.50 9.39
N GLY I 63 52.16 16.96 10.02
CA GLY I 63 52.02 18.40 10.16
C GLY I 63 51.93 19.02 8.78
N ALA I 64 52.52 20.21 8.64
CA ALA I 64 52.55 20.95 7.40
C ALA I 64 53.76 20.56 6.55
N GLN I 65 53.54 20.43 5.25
CA GLN I 65 54.56 19.98 4.32
C GLN I 65 54.33 20.62 2.95
N THR I 66 55.39 20.70 2.17
CA THR I 66 55.26 20.99 0.76
C THR I 66 54.94 19.68 0.03
N ILE I 67 54.49 19.78 -1.23
CA ILE I 67 54.19 18.57 -1.99
C ILE I 67 55.44 17.72 -2.16
N ASP I 68 56.60 18.35 -2.37
CA ASP I 68 57.84 17.59 -2.43
C ASP I 68 58.20 17.04 -1.05
N SER I 69 58.06 17.87 -0.02
CA SER I 69 58.31 17.42 1.35
C SER I 69 57.42 16.23 1.69
N PHE I 70 56.12 16.34 1.39
CA PHE I 70 55.16 15.27 1.69
C PHE I 70 55.49 14.01 0.90
N ILE I 71 55.86 14.17 -0.38
CA ILE I 71 56.19 13.01 -1.20
C ILE I 71 57.38 12.26 -0.60
N GLN I 72 58.43 12.99 -0.21
CA GLN I 72 59.62 12.31 0.30
C GLN I 72 59.37 11.70 1.67
N ILE I 73 58.66 12.40 2.57
CA ILE I 73 58.41 11.84 3.88
C ILE I 73 57.40 10.68 3.81
N SER I 74 56.58 10.60 2.75
CA SER I 74 55.71 9.45 2.56
C SER I 74 56.44 8.25 1.98
N LYS I 75 57.36 8.48 1.03
CA LYS I 75 58.18 7.38 0.54
C LYS I 75 58.96 6.73 1.68
N ASP I 76 59.44 7.53 2.63
CA ASP I 76 60.21 7.04 3.76
C ASP I 76 59.36 6.35 4.83
N GLY I 77 58.06 6.65 4.89
CA GLY I 77 57.19 5.94 5.82
C GLY I 77 57.10 4.46 5.56
N LYS I 78 57.38 4.02 4.33
CA LYS I 78 57.38 2.60 4.01
C LYS I 78 58.31 1.80 4.92
N ASP I 79 59.50 2.33 5.19
CA ASP I 79 60.47 1.61 6.02
C ASP I 79 60.19 1.79 7.51
N LYS I 80 59.49 2.84 7.89
CA LYS I 80 58.96 2.98 9.24
C LYS I 80 57.65 2.21 9.44
N GLY I 81 57.24 1.42 8.44
CA GLY I 81 56.03 0.63 8.57
C GLY I 81 54.73 1.42 8.54
N ALA I 82 54.73 2.59 7.92
CA ALA I 82 53.50 3.35 7.74
C ALA I 82 52.69 2.74 6.60
N PHE I 83 51.48 2.24 6.90
CA PHE I 83 50.62 1.57 5.91
C PHE I 83 49.23 2.22 5.97
N ILE I 84 49.08 3.33 5.25
CA ILE I 84 47.85 4.13 5.26
C ILE I 84 47.11 3.90 3.96
N MET I 85 45.79 3.71 4.04
CA MET I 85 44.93 3.62 2.89
C MET I 85 43.74 4.54 3.11
N HIS I 86 43.01 4.81 2.03
CA HIS I 86 41.86 5.74 2.09
C HIS I 86 40.72 5.16 1.28
N ARG I 87 39.56 5.01 1.92
CA ARG I 87 38.34 4.65 1.20
C ARG I 87 37.60 5.95 0.90
N GLU I 88 37.54 6.32 -0.37
CA GLU I 88 36.76 7.50 -0.76
C GLU I 88 35.28 7.20 -0.64
N CYS I 89 34.50 8.08 -0.02
CA CYS I 89 33.10 7.73 0.19
C CYS I 89 32.17 8.91 -0.04
N GLY I 90 32.46 9.69 -1.08
CA GLY I 90 31.55 10.74 -1.46
C GLY I 90 32.28 12.04 -1.74
N THR I 91 32.32 12.44 -3.01
CA THR I 91 33.10 13.62 -3.42
C THR I 91 32.21 14.52 -4.24
N LEU I 92 32.16 15.80 -3.84
CA LEU I 92 31.50 16.84 -4.64
C LEU I 92 32.37 18.09 -4.67
N VAL I 93 31.97 19.06 -5.50
CA VAL I 93 32.82 20.22 -5.78
C VAL I 93 31.97 21.49 -5.69
N ASP I 94 32.47 22.50 -4.98
CA ASP I 94 31.94 23.86 -5.09
C ASP I 94 32.81 24.67 -6.06
N LEU I 95 32.18 25.30 -7.03
CA LEU I 95 32.92 25.92 -8.13
C LEU I 95 32.47 27.36 -8.28
N ASN I 96 33.43 28.29 -8.35
CA ASN I 96 33.13 29.68 -8.68
C ASN I 96 33.77 29.97 -10.03
N PRO I 97 32.97 30.02 -11.10
CA PRO I 97 33.53 30.26 -12.43
C PRO I 97 34.08 31.66 -12.60
N LYS I 98 33.57 32.65 -11.84
CA LYS I 98 34.09 34.00 -11.99
C LYS I 98 35.54 34.08 -11.57
N THR I 99 35.88 33.47 -10.43
CA THR I 99 37.24 33.49 -9.92
C THR I 99 38.04 32.26 -10.33
N GLN I 100 37.41 31.30 -11.01
CA GLN I 100 38.08 30.07 -11.41
C GLN I 100 38.68 29.38 -10.19
N ARG I 101 37.91 29.35 -9.10
CA ARG I 101 38.35 28.72 -7.88
C ARG I 101 37.42 27.57 -7.55
N ALA I 102 37.94 26.52 -6.95
CA ALA I 102 37.04 25.44 -6.55
C ALA I 102 37.50 24.84 -5.24
N ILE I 103 36.53 24.26 -4.52
CA ILE I 103 36.79 23.51 -3.29
C ILE I 103 36.29 22.09 -3.56
N GLY I 104 37.19 21.11 -3.54
CA GLY I 104 36.78 19.73 -3.58
C GLY I 104 36.53 19.20 -2.19
N LYS I 105 35.33 18.66 -1.93
CA LYS I 105 34.99 18.05 -0.64
C LYS I 105 34.93 16.54 -0.87
N MET I 106 35.95 15.83 -0.39
CA MET I 106 36.04 14.39 -0.56
C MET I 106 35.90 13.71 0.80
N LYS I 107 34.76 13.08 1.05
CA LYS I 107 34.66 12.26 2.27
C LYS I 107 35.55 11.04 2.13
N THR I 108 36.21 10.65 3.21
CA THR I 108 36.97 9.40 3.19
C THR I 108 36.93 8.73 4.55
N THR I 109 37.35 7.47 4.55
CA THR I 109 37.82 6.80 5.75
C THR I 109 39.32 6.63 5.60
N ILE I 110 40.09 7.23 6.50
CA ILE I 110 41.48 6.82 6.64
C ILE I 110 41.50 5.47 7.34
N THR I 111 42.17 4.48 6.74
CA THR I 111 42.31 3.19 7.40
C THR I 111 43.81 2.88 7.44
N GLN I 112 44.38 2.89 8.64
CA GLN I 112 45.81 2.65 8.81
C GLN I 112 46.02 1.37 9.59
N ARG I 113 46.93 0.54 9.10
CA ARG I 113 47.24 -0.78 9.67
C ARG I 113 48.46 -0.65 10.56
N PHE I 114 48.29 -0.93 11.86
CA PHE I 114 49.30 -0.83 12.90
C PHE I 114 49.58 -2.19 13.53
N GLU I 115 50.66 -2.24 14.30
CA GLU I 115 51.03 -3.42 15.07
C GLU I 115 51.45 -3.00 16.47
N TYR I 116 50.97 -3.74 17.47
CA TYR I 116 51.33 -3.46 18.86
C TYR I 116 51.49 -4.79 19.59
N GLU I 117 52.71 -5.04 20.08
CA GLU I 117 53.03 -6.27 20.81
C GLU I 117 52.62 -7.50 20.02
N GLY I 118 52.85 -7.46 18.70
CA GLY I 118 52.54 -8.55 17.82
C GLY I 118 51.08 -8.67 17.41
N VAL I 119 50.22 -7.79 17.88
CA VAL I 119 48.80 -7.81 17.53
C VAL I 119 48.57 -6.80 16.40
N PRO I 120 48.05 -7.22 15.26
CA PRO I 120 47.70 -6.26 14.21
C PRO I 120 46.32 -5.66 14.42
N PHE I 121 46.18 -4.39 14.04
CA PHE I 121 44.88 -3.74 14.09
C PHE I 121 44.86 -2.57 13.12
N ASP I 122 43.66 -2.09 12.84
CA ASP I 122 43.43 -0.89 12.07
C ASP I 122 42.93 0.22 12.99
N ILE I 123 43.25 1.46 12.63
CA ILE I 123 42.43 2.59 13.06
C ILE I 123 41.72 3.15 11.83
N ASP I 124 40.40 3.30 11.92
CA ASP I 124 39.60 3.90 10.84
C ASP I 124 39.04 5.22 11.34
N CYS I 125 39.34 6.30 10.60
CA CYS I 125 38.88 7.65 10.92
C CYS I 125 38.06 8.18 9.74
N ASP I 126 36.78 8.46 9.98
CA ASP I 126 35.95 9.16 9.02
C ASP I 126 36.24 10.66 9.02
N ASN I 127 36.28 11.25 7.83
CA ASN I 127 36.78 12.60 7.66
C ASN I 127 36.27 13.21 6.35
N TYR I 128 36.57 14.51 6.18
CA TYR I 128 36.40 15.25 4.94
C TYR I 128 37.76 15.82 4.52
N PHE I 129 38.27 15.39 3.37
CA PHE I 129 39.44 16.01 2.76
C PHE I 129 38.96 17.25 2.00
N ILE I 130 39.65 18.37 2.17
CA ILE I 130 39.26 19.62 1.54
C ILE I 130 40.41 20.04 0.63
N PHE I 131 40.13 20.12 -0.69
CA PHE I 131 41.15 20.45 -1.69
C PHE I 131 40.87 21.87 -2.21
N PHE I 132 41.83 22.77 -2.01
CA PHE I 132 41.69 24.15 -2.44
C PHE I 132 42.32 24.27 -3.83
N CYS I 133 41.50 24.40 -4.88
CA CYS I 133 41.96 24.18 -6.24
C CYS I 133 41.83 25.44 -7.08
N LEU I 134 42.73 25.57 -8.04
CA LEU I 134 42.76 26.71 -8.94
C LEU I 134 43.15 26.20 -10.31
N LYS I 135 43.13 27.07 -11.32
CA LYS I 135 43.63 26.72 -12.64
C LYS I 135 45.01 27.35 -12.85
N ASP I 136 46.00 26.53 -13.18
CA ASP I 136 47.37 27.00 -13.29
C ASP I 136 47.56 27.71 -14.63
N SER I 137 48.82 28.00 -14.98
CA SER I 137 49.10 28.73 -16.21
C SER I 137 48.64 27.98 -17.45
N ASN I 138 48.51 26.65 -17.37
CA ASN I 138 48.03 25.85 -18.50
C ASN I 138 46.52 25.69 -18.55
N GLY I 139 45.76 26.34 -17.66
CA GLY I 139 44.34 26.07 -17.64
C GLY I 139 43.97 24.73 -17.00
N ASP I 140 44.89 24.13 -16.26
CA ASP I 140 44.68 22.84 -15.60
C ASP I 140 44.29 23.05 -14.14
N TRP I 141 43.26 22.32 -13.68
CA TRP I 141 42.97 22.34 -12.25
C TRP I 141 44.10 21.71 -11.46
N LYS I 142 44.45 22.35 -10.35
CA LYS I 142 45.52 21.88 -9.48
C LYS I 142 45.16 22.25 -8.06
N ALA I 143 45.62 21.44 -7.10
CA ALA I 143 45.38 21.74 -5.69
C ALA I 143 46.56 22.56 -5.15
N ARG I 144 46.26 23.74 -4.62
CA ARG I 144 47.24 24.61 -3.97
C ARG I 144 47.37 24.28 -2.48
N TRP I 145 46.26 23.95 -1.81
CA TRP I 145 46.20 23.62 -0.39
C TRP I 145 45.36 22.37 -0.17
N TYR I 146 45.69 21.63 0.88
CA TYR I 146 44.95 20.44 1.28
C TYR I 146 44.92 20.40 2.81
N LYS I 147 43.72 20.23 3.39
CA LYS I 147 43.56 20.06 4.83
C LYS I 147 42.31 19.24 5.08
N VAL I 148 42.21 18.67 6.29
CA VAL I 148 41.22 17.64 6.61
C VAL I 148 40.42 18.02 7.84
N PHE I 149 39.10 17.79 7.80
CA PHE I 149 38.25 17.72 9.00
C PHE I 149 38.25 16.28 9.51
N TYR I 150 38.72 16.04 10.73
CA TYR I 150 38.66 14.71 11.33
C TYR I 150 37.38 14.61 12.17
N VAL I 151 36.49 13.70 11.79
CA VAL I 151 35.13 13.70 12.34
C VAL I 151 35.02 12.66 13.44
N LYS I 152 35.34 11.41 13.12
CA LYS I 152 35.22 10.40 14.19
C LYS I 152 36.14 9.25 13.85
N ASP I 153 36.59 8.52 14.86
CA ASP I 153 37.46 7.38 14.59
C ASP I 153 37.17 6.24 15.56
N LYS I 154 37.74 5.08 15.22
CA LYS I 154 37.49 3.85 15.97
C LYS I 154 38.66 2.90 15.84
N PHE I 155 38.76 2.02 16.84
CA PHE I 155 39.64 0.86 16.81
C PHE I 155 39.00 -0.26 16.00
N VAL I 156 39.82 -0.93 15.19
CA VAL I 156 39.34 -1.98 14.30
C VAL I 156 40.18 -3.24 14.45
N PRO I 157 39.63 -4.33 14.98
CA PRO I 157 40.39 -5.59 15.03
C PRO I 157 40.54 -6.19 13.64
N VAL I 158 41.69 -6.80 13.40
CA VAL I 158 41.99 -7.43 12.11
C VAL I 158 41.76 -8.93 12.15
N GLY I 159 42.38 -9.62 13.11
CA GLY I 159 42.02 -11.00 13.39
C GLY I 159 40.87 -11.09 14.39
N VAL I 160 40.39 -12.32 14.58
CA VAL I 160 39.36 -12.59 15.58
C VAL I 160 39.85 -12.03 16.90
N PRO I 161 39.00 -11.39 17.69
CA PRO I 161 39.44 -10.90 19.00
C PRO I 161 39.78 -12.07 19.93
N THR I 162 40.68 -11.79 20.88
CA THR I 162 41.05 -12.73 21.92
C THR I 162 41.15 -11.95 23.23
N ALA I 163 40.93 -12.67 24.35
CA ALA I 163 40.97 -12.01 25.64
C ALA I 163 42.33 -11.40 25.92
N GLU I 164 43.40 -12.14 25.60
CA GLU I 164 44.74 -11.65 25.90
C GLU I 164 45.12 -10.48 25.01
N ASN I 165 44.71 -10.51 23.74
CA ASN I 165 44.94 -9.33 22.89
C ASN I 165 44.05 -8.17 23.31
N MET I 166 42.85 -8.45 23.79
CA MET I 166 42.00 -7.40 24.33
C MET I 166 42.71 -6.63 25.45
N GLU I 167 43.18 -7.35 26.47
CA GLU I 167 43.85 -6.67 27.57
C GLU I 167 45.22 -6.13 27.15
N LYS I 168 45.89 -6.79 26.21
CA LYS I 168 47.10 -6.27 25.59
C LYS I 168 46.89 -4.87 25.04
N LEU I 169 45.85 -4.69 24.21
CA LEU I 169 45.63 -3.44 23.51
C LEU I 169 44.99 -2.37 24.38
N ALA I 170 44.19 -2.77 25.38
CA ALA I 170 43.54 -1.78 26.24
C ALA I 170 44.54 -0.93 27.03
N LYS I 171 45.80 -1.38 27.13
CA LYS I 171 46.81 -0.57 27.79
C LYS I 171 47.37 0.53 26.91
N LEU I 172 47.36 0.33 25.59
CA LEU I 172 47.73 1.42 24.68
C LEU I 172 46.60 2.44 24.58
N PHE I 173 45.40 1.99 24.22
CA PHE I 173 44.27 2.89 24.04
C PHE I 173 43.51 3.10 25.36
N SER I 174 44.25 3.56 26.37
CA SER I 174 43.65 3.97 27.62
C SER I 174 43.00 5.34 27.48
N LYS I 175 42.00 5.59 28.32
CA LYS I 175 41.40 6.93 28.40
C LYS I 175 42.48 8.01 28.49
N GLU I 176 43.54 7.72 29.25
CA GLU I 176 44.61 8.68 29.53
C GLU I 176 45.30 9.11 28.24
N ASN I 177 45.71 8.15 27.43
CA ASN I 177 46.41 8.48 26.19
C ASN I 177 45.47 9.13 25.18
N LEU I 178 44.21 8.69 25.17
CA LEU I 178 43.26 9.17 24.16
C LEU I 178 42.95 10.65 24.34
N GLU I 179 42.72 11.07 25.59
CA GLU I 179 42.24 12.44 25.77
C GLU I 179 43.33 13.50 25.60
N GLN I 180 44.57 13.12 25.29
CA GLN I 180 45.58 14.12 24.95
C GLN I 180 45.26 14.84 23.65
N TYR I 181 44.42 14.25 22.80
CA TYR I 181 44.21 14.70 21.43
C TYR I 181 42.77 15.11 21.20
N PRO I 182 42.50 15.92 20.16
CA PRO I 182 41.12 16.34 19.91
C PRO I 182 40.21 15.16 19.61
N TRP I 183 38.98 15.23 20.13
CA TRP I 183 37.99 14.23 19.78
C TRP I 183 37.70 14.30 18.28
N GLY I 184 37.95 13.21 17.59
CA GLY I 184 37.87 13.17 16.14
C GLY I 184 38.99 12.31 15.59
N TYR I 185 40.17 12.38 16.21
CA TYR I 185 41.27 11.53 15.74
C TYR I 185 42.11 11.00 16.89
N GLN I 186 41.47 10.71 18.03
CA GLN I 186 42.22 10.33 19.22
C GLN I 186 42.86 8.96 19.07
N TYR I 187 42.11 7.97 18.56
CA TYR I 187 42.72 6.66 18.34
C TYR I 187 43.81 6.73 17.29
N LEU I 188 43.56 7.48 16.21
CA LEU I 188 44.57 7.60 15.16
C LEU I 188 45.83 8.28 15.69
N ALA I 189 45.65 9.34 16.50
CA ALA I 189 46.80 10.02 17.07
C ALA I 189 47.59 9.10 18.00
N VAL I 190 46.90 8.34 18.85
CA VAL I 190 47.59 7.42 19.76
C VAL I 190 48.37 6.38 18.97
N ALA I 191 47.72 5.74 18.00
CA ALA I 191 48.39 4.68 17.24
C ALA I 191 49.58 5.23 16.46
N GLN I 192 49.48 6.46 15.95
CA GLN I 192 50.60 7.03 15.20
C GLN I 192 51.70 7.54 16.10
N ALA I 193 51.39 7.88 17.35
CA ALA I 193 52.43 8.21 18.32
C ALA I 193 53.19 6.97 18.74
N ASN I 194 52.47 5.87 19.03
CA ASN I 194 53.13 4.60 19.34
C ASN I 194 54.04 4.12 18.22
N LEU I 195 53.86 4.66 17.00
CA LEU I 195 54.77 4.40 15.90
C LEU I 195 55.97 5.35 15.87
N GLY I 196 55.88 6.48 16.58
CA GLY I 196 57.01 7.39 16.72
C GLY I 196 56.87 8.74 16.03
N TYR I 197 55.72 9.03 15.34
CA TYR I 197 55.59 10.35 14.73
C TYR I 197 55.12 11.38 15.76
N PRO I 198 55.54 12.64 15.61
CA PRO I 198 54.84 13.72 16.30
C PRO I 198 53.47 13.93 15.68
N ILE I 199 52.53 14.40 16.49
CA ILE I 199 51.16 14.63 16.04
C ILE I 199 50.87 16.11 16.08
N ASP I 200 50.28 16.62 15.00
CA ASP I 200 49.78 18.00 14.93
C ASP I 200 48.45 18.05 15.65
N LYS I 201 48.42 18.68 16.83
CA LYS I 201 47.22 18.71 17.66
C LYS I 201 46.29 19.86 17.31
N LYS I 202 46.62 20.67 16.32
CA LYS I 202 45.75 21.77 15.94
C LYS I 202 45.21 21.52 14.54
N LEU I 203 44.57 20.37 14.35
CA LEU I 203 43.90 20.08 13.11
C LEU I 203 42.39 20.15 13.30
N PRO I 204 41.65 20.57 12.28
CA PRO I 204 40.22 20.81 12.47
C PRO I 204 39.44 19.52 12.70
N THR I 205 38.38 19.65 13.49
CA THR I 205 37.41 18.57 13.69
C THR I 205 36.01 19.16 13.55
N TRP I 206 34.98 18.36 13.83
CA TRP I 206 33.62 18.87 13.92
C TRP I 206 33.22 19.22 15.35
N LYS I 207 34.18 19.31 16.27
CA LYS I 207 33.93 19.69 17.65
C LYS I 207 34.78 20.84 18.17
N ASN I 208 35.90 21.18 17.51
CA ASN I 208 36.77 22.24 17.99
C ASN I 208 36.51 23.55 17.23
N GLU I 209 37.28 24.58 17.56
CA GLU I 209 37.06 25.88 16.97
C GLU I 209 37.67 25.98 15.57
N LEU I 210 38.68 25.17 15.28
CA LEU I 210 39.29 25.19 13.95
C LEU I 210 38.28 24.89 12.86
N TYR I 211 37.22 24.14 13.19
CA TYR I 211 36.08 23.99 12.30
C TYR I 211 35.74 25.30 11.62
N HIS I 212 35.46 26.34 12.41
CA HIS I 212 35.09 27.61 11.81
C HIS I 212 36.25 28.24 11.04
N THR I 213 37.47 28.20 11.61
CA THR I 213 38.64 28.68 10.88
C THR I 213 38.70 28.04 9.50
N MET I 214 38.47 26.72 9.46
CA MET I 214 38.62 26.02 8.19
C MET I 214 37.57 26.50 7.21
N TYR I 215 36.32 26.62 7.66
CA TYR I 215 35.29 27.05 6.74
C TYR I 215 35.52 28.49 6.29
N ASP I 216 36.10 29.32 7.15
CA ASP I 216 36.36 30.69 6.71
C ASP I 216 37.37 30.69 5.58
N ALA I 217 38.43 29.89 5.74
CA ALA I 217 39.42 29.80 4.68
C ALA I 217 38.78 29.34 3.38
N MET I 218 37.84 28.39 3.48
CA MET I 218 37.21 27.88 2.26
C MET I 218 36.43 28.99 1.57
N LYS I 219 35.69 29.77 2.34
CA LYS I 219 34.97 30.89 1.75
C LYS I 219 35.95 31.87 1.10
N GLU I 220 37.05 32.21 1.81
CA GLU I 220 37.98 33.17 1.23
C GLU I 220 38.59 32.61 -0.05
N TRP I 221 38.75 31.29 -0.11
CA TRP I 221 39.31 30.71 -1.32
C TRP I 221 38.35 30.86 -2.49
N MET I 222 37.05 30.65 -2.24
CA MET I 222 36.07 30.71 -3.32
C MET I 222 35.96 32.11 -3.91
N GLU I 223 36.21 33.13 -3.09
CA GLU I 223 36.12 34.52 -3.54
C GLU I 223 37.41 35.02 -4.20
N GLY I 224 38.38 34.15 -4.44
CA GLY I 224 39.59 34.53 -5.14
C GLY I 224 40.69 35.12 -4.30
N LYS I 225 40.54 35.15 -2.98
CA LYS I 225 41.56 35.72 -2.12
C LYS I 225 42.70 34.76 -1.92
N GLU I 226 43.85 35.30 -1.52
CA GLU I 226 44.93 34.48 -0.99
C GLU I 226 44.63 34.10 0.46
N ILE I 227 45.12 32.93 0.85
CA ILE I 227 44.92 32.40 2.20
C ILE I 227 46.25 31.82 2.66
N ASP I 228 46.30 31.47 3.94
CA ASP I 228 47.46 30.81 4.52
C ASP I 228 46.95 29.89 5.62
N LEU I 229 47.26 28.61 5.51
CA LEU I 229 46.68 27.62 6.42
C LEU I 229 47.65 27.19 7.53
N HIS I 230 48.85 27.75 7.57
CA HIS I 230 49.87 27.36 8.55
C HIS I 230 49.50 27.77 9.98
K K J . -21.27 24.10 8.35
K K K . -11.55 -29.23 -7.78
K K L . 32.87 5.98 -3.25
#